data_5LL3
#
_entry.id   5LL3
#
_cell.length_a   57.460
_cell.length_b   165.400
_cell.length_c   188.320
_cell.angle_alpha   90.00
_cell.angle_beta   90.00
_cell.angle_gamma   90.00
#
_symmetry.space_group_name_H-M   'P 21 21 21'
#
loop_
_entity.id
_entity.type
_entity.pdbx_description
1 polymer 'Isoleucine 2-epimerase'
2 non-polymer "PYRIDOXAL-5'-PHOSPHATE"
3 water water
#
_entity_poly.entity_id   1
_entity_poly.type   'polypeptide(L)'
_entity_poly.pdbx_seq_one_letter_code
;MGSSHHHHHHSSGENLYFQGHMASGSEFELMGKLDKASKLIDEENKYYARSARINYYNLVIDHAHGATLVDVDGNKYIDL
LASASAINVGHTHEKVVKAIADQAQKLIHYTPAYFHHVPGMELSEKLAKIAPGNSPKMVSFGNSGSDANDAIIKFARAYT
GRQYIVSYMGSYHGSTYGSQTLSGSSLNMTRKIGPMLPSVVHVPYPDSYRTYPGETEHDVSLRYFNEFKKPFESFLPADE
TACVLIEPIQGDGGIIKAPEEYMQLVYKFCHEHGILFAIDEVNQGLGRTGKMWAIQQFKDIEPDLMSVGKSLASGMPLSA
VIGKKEVMQSLDAPAHLFTTAGNPVCSAASLATLDVIEYEGLVEKSATDGAYAKQRFLEMQQRHPMIGDVRMWGLNGGIE
LVKDPKTKEPDSDAATKVIYYAFAHGVVIITLAGNILRFQPPLVIPREQLDQALQVLDDAFTAVENGEVTIPKDTGKIGW
;
_entity_poly.pdbx_strand_id   A,B,C,D
#
loop_
_chem_comp.id
_chem_comp.type
_chem_comp.name
_chem_comp.formula
PLP non-polymer PYRIDOXAL-5'-PHOSPHATE 'C8 H10 N O6 P'
#
# COMPACT_ATOMS: atom_id res chain seq x y z
N ASN A 55 -8.59 -31.57 -5.47
CA ASN A 55 -8.25 -32.36 -6.70
C ASN A 55 -9.35 -32.32 -7.77
N TYR A 56 -8.95 -32.08 -9.02
CA TYR A 56 -9.88 -31.87 -10.15
C TYR A 56 -10.53 -33.18 -10.64
N TYR A 57 -9.73 -34.23 -10.80
CA TYR A 57 -10.21 -35.50 -11.36
C TYR A 57 -10.43 -36.63 -10.35
N ASN A 58 -9.75 -36.52 -9.20
CA ASN A 58 -9.75 -37.53 -8.13
C ASN A 58 -9.26 -38.90 -8.62
N LEU A 59 -8.00 -38.92 -9.03
CA LEU A 59 -7.43 -39.97 -9.86
C LEU A 59 -5.90 -39.94 -9.68
N VAL A 60 -5.30 -41.11 -9.48
CA VAL A 60 -3.85 -41.21 -9.30
C VAL A 60 -3.12 -41.60 -10.60
N ILE A 61 -2.28 -40.70 -11.12
CA ILE A 61 -1.43 -41.02 -12.29
C ILE A 61 -0.29 -41.90 -11.81
N ASP A 62 -0.05 -42.98 -12.54
CA ASP A 62 1.12 -43.83 -12.27
C ASP A 62 2.30 -43.37 -13.08
N HIS A 63 2.09 -43.23 -14.39
CA HIS A 63 3.13 -42.87 -15.34
C HIS A 63 2.51 -42.27 -16.59
N ALA A 64 3.36 -41.67 -17.43
CA ALA A 64 2.90 -41.05 -18.67
C ALA A 64 4.03 -40.97 -19.67
N HIS A 65 3.67 -41.00 -20.95
CA HIS A 65 4.64 -40.79 -22.03
C HIS A 65 3.96 -40.15 -23.22
N GLY A 66 4.65 -39.21 -23.86
CA GLY A 66 4.11 -38.46 -25.00
C GLY A 66 2.85 -37.72 -24.57
N ALA A 67 1.73 -38.02 -25.24
CA ALA A 67 0.44 -37.44 -24.93
C ALA A 67 -0.47 -38.44 -24.21
N THR A 68 0.09 -39.54 -23.73
CA THR A 68 -0.73 -40.54 -23.02
C THR A 68 -0.46 -40.67 -21.51
N LEU A 69 -1.54 -40.59 -20.73
CA LEU A 69 -1.47 -40.68 -19.27
C LEU A 69 -2.00 -42.05 -18.84
N VAL A 70 -1.32 -42.65 -17.86
CA VAL A 70 -1.76 -43.96 -17.33
C VAL A 70 -1.96 -43.88 -15.82
N ASP A 71 -3.19 -44.17 -15.38
CA ASP A 71 -3.51 -44.24 -13.95
C ASP A 71 -2.99 -45.53 -13.25
N VAL A 72 -3.20 -45.64 -11.94
CA VAL A 72 -2.70 -46.78 -11.16
C VAL A 72 -3.43 -48.09 -11.44
N ASP A 73 -4.57 -47.99 -12.10
CA ASP A 73 -5.38 -49.14 -12.55
C ASP A 73 -4.98 -49.64 -13.95
N GLY A 74 -4.23 -48.82 -14.68
CA GLY A 74 -3.77 -49.18 -16.03
C GLY A 74 -4.55 -48.47 -17.13
N ASN A 75 -5.56 -47.70 -16.75
CA ASN A 75 -6.40 -46.94 -17.70
C ASN A 75 -5.66 -45.80 -18.40
N LYS A 76 -5.83 -45.73 -19.72
CA LYS A 76 -5.11 -44.79 -20.59
C LYS A 76 -5.94 -43.56 -20.92
N TYR A 77 -5.27 -42.41 -20.97
CA TYR A 77 -5.91 -41.13 -21.30
C TYR A 77 -5.12 -40.34 -22.33
N ILE A 78 -5.83 -39.64 -23.21
CA ILE A 78 -5.18 -38.68 -24.12
C ILE A 78 -5.20 -37.31 -23.43
N ASP A 79 -4.00 -36.76 -23.27
CA ASP A 79 -3.75 -35.51 -22.57
C ASP A 79 -3.99 -34.31 -23.50
N LEU A 80 -5.09 -33.61 -23.32
CA LEU A 80 -5.30 -32.34 -24.05
C LEU A 80 -5.08 -31.11 -23.14
N LEU A 81 -4.55 -31.36 -21.94
CA LEU A 81 -4.20 -30.31 -20.97
C LEU A 81 -2.69 -30.04 -20.93
N ALA A 82 -1.88 -31.10 -21.08
CA ALA A 82 -0.42 -31.04 -20.96
C ALA A 82 0.00 -30.28 -19.69
N SER A 83 -0.74 -30.55 -18.62
CA SER A 83 -0.50 -29.99 -17.28
C SER A 83 -0.39 -28.45 -17.34
N ALA A 84 -1.47 -27.84 -17.86
CA ALA A 84 -1.56 -26.40 -18.17
C ALA A 84 -0.46 -25.87 -19.13
N SER A 85 -0.12 -26.67 -20.15
CA SER A 85 0.92 -26.37 -21.16
C SER A 85 2.37 -26.38 -20.62
N ALA A 86 2.61 -27.19 -19.57
CA ALA A 86 3.95 -27.41 -19.03
C ALA A 86 4.66 -28.59 -19.71
N ILE A 87 3.91 -29.30 -20.56
CA ILE A 87 4.38 -30.55 -21.17
C ILE A 87 4.37 -30.45 -22.70
N ASN A 88 4.89 -29.34 -23.25
CA ASN A 88 4.96 -29.11 -24.70
C ASN A 88 5.67 -30.26 -25.46
N VAL A 89 6.67 -30.83 -24.82
CA VAL A 89 7.60 -31.75 -25.43
C VAL A 89 7.14 -33.21 -25.16
N GLY A 90 5.99 -33.33 -24.49
CA GLY A 90 5.38 -34.61 -24.17
C GLY A 90 5.94 -35.21 -22.89
N HIS A 91 5.17 -36.10 -22.28
CA HIS A 91 5.58 -36.71 -21.03
C HIS A 91 6.82 -37.58 -21.16
N THR A 92 7.66 -37.53 -20.12
CA THR A 92 8.85 -38.37 -19.97
C THR A 92 9.60 -38.58 -21.28
N HIS A 93 10.01 -37.48 -21.89
CA HIS A 93 10.76 -37.56 -23.13
C HIS A 93 12.13 -38.17 -22.83
N GLU A 94 12.46 -39.22 -23.60
CA GLU A 94 13.70 -39.97 -23.45
C GLU A 94 14.94 -39.08 -23.30
N LYS A 95 15.04 -38.04 -24.12
CA LYS A 95 16.19 -37.12 -24.07
C LYS A 95 16.23 -36.28 -22.78
N VAL A 96 15.06 -35.89 -22.29
CA VAL A 96 14.91 -35.13 -21.04
C VAL A 96 15.19 -36.01 -19.81
N VAL A 97 14.61 -37.22 -19.79
CA VAL A 97 14.86 -38.24 -18.75
C VAL A 97 16.37 -38.50 -18.58
N LYS A 98 17.05 -38.75 -19.70
CA LYS A 98 18.50 -38.94 -19.73
C LYS A 98 19.28 -37.74 -19.17
N ALA A 99 18.88 -36.53 -19.57
CA ALA A 99 19.51 -35.31 -19.09
C ALA A 99 19.38 -35.23 -17.58
N ILE A 100 18.18 -35.52 -17.07
CA ILE A 100 17.91 -35.49 -15.62
C ILE A 100 18.81 -36.48 -14.86
N ALA A 101 18.85 -37.74 -15.31
CA ALA A 101 19.63 -38.80 -14.64
C ALA A 101 21.14 -38.56 -14.66
N ASP A 102 21.67 -38.23 -15.84
CA ASP A 102 23.10 -37.93 -15.99
C ASP A 102 23.57 -36.74 -15.13
N GLN A 103 22.75 -35.71 -15.00
CA GLN A 103 23.11 -34.54 -14.19
C GLN A 103 22.99 -34.82 -12.69
N ALA A 104 21.98 -35.57 -12.29
CA ALA A 104 21.78 -35.95 -10.88
C ALA A 104 22.95 -36.74 -10.27
N GLN A 105 23.69 -37.46 -11.10
CA GLN A 105 24.89 -38.22 -10.69
C GLN A 105 26.11 -37.32 -10.47
N LYS A 106 26.14 -36.18 -11.16
CA LYS A 106 27.23 -35.23 -11.10
C LYS A 106 27.03 -34.20 -9.97
N LEU A 107 25.88 -33.54 -9.98
CA LEU A 107 25.57 -32.47 -9.03
C LEU A 107 24.07 -32.26 -9.04
N ILE A 108 23.42 -32.53 -7.91
CA ILE A 108 21.97 -32.30 -7.77
C ILE A 108 21.69 -30.80 -7.67
N HIS A 109 22.43 -30.10 -6.80
CA HIS A 109 22.25 -28.66 -6.65
C HIS A 109 23.47 -27.96 -6.09
N TYR A 110 23.77 -26.80 -6.65
CA TYR A 110 24.45 -25.72 -5.95
C TYR A 110 23.85 -24.41 -6.47
N THR A 111 23.60 -23.48 -5.55
CA THR A 111 23.04 -22.16 -5.88
C THR A 111 24.03 -21.43 -6.82
N PRO A 112 23.59 -21.16 -8.08
CA PRO A 112 24.51 -20.57 -9.07
C PRO A 112 25.09 -19.20 -8.69
N ALA A 113 24.45 -18.52 -7.74
CA ALA A 113 24.97 -17.26 -7.17
C ALA A 113 26.27 -17.41 -6.36
N TYR A 114 26.53 -18.61 -5.84
CA TYR A 114 27.82 -18.91 -5.18
C TYR A 114 28.83 -19.51 -6.17
N PHE A 115 28.41 -20.54 -6.89
CA PHE A 115 29.24 -21.18 -7.91
C PHE A 115 28.43 -21.37 -9.18
N HIS A 116 29.05 -21.10 -10.32
CA HIS A 116 28.45 -21.45 -11.60
C HIS A 116 28.50 -22.96 -11.82
N HIS A 117 27.51 -23.48 -12.53
CA HIS A 117 27.58 -24.84 -13.08
C HIS A 117 27.34 -24.75 -14.58
N VAL A 118 27.87 -25.72 -15.33
CA VAL A 118 27.85 -25.68 -16.81
C VAL A 118 26.43 -25.64 -17.44
N PRO A 119 25.47 -26.49 -16.96
CA PRO A 119 24.09 -26.40 -17.51
C PRO A 119 23.45 -25.02 -17.38
N GLY A 120 23.69 -24.35 -16.26
CA GLY A 120 23.13 -23.04 -16.01
C GLY A 120 23.69 -21.99 -16.94
N MET A 121 25.02 -22.05 -17.13
CA MET A 121 25.73 -21.11 -18.00
C MET A 121 25.33 -21.28 -19.47
N GLU A 122 25.18 -22.53 -19.91
CA GLU A 122 24.79 -22.86 -21.28
C GLU A 122 23.35 -22.44 -21.61
N LEU A 123 22.44 -22.73 -20.67
CA LEU A 123 21.04 -22.36 -20.80
C LEU A 123 20.86 -20.85 -20.82
N SER A 124 21.60 -20.17 -19.96
CA SER A 124 21.60 -18.72 -19.87
C SER A 124 21.98 -18.09 -21.23
N GLU A 125 23.02 -18.62 -21.87
CA GLU A 125 23.41 -18.17 -23.22
C GLU A 125 22.38 -18.56 -24.29
N LYS A 126 21.84 -19.78 -24.20
CA LYS A 126 20.82 -20.22 -25.15
C LYS A 126 19.53 -19.38 -25.07
N LEU A 127 19.07 -19.08 -23.85
CA LEU A 127 17.84 -18.30 -23.65
C LEU A 127 18.00 -16.85 -24.14
N ALA A 128 19.17 -16.26 -23.90
CA ALA A 128 19.51 -14.93 -24.45
C ALA A 128 19.41 -14.90 -25.99
N LYS A 129 19.87 -15.98 -26.63
CA LYS A 129 19.87 -16.11 -28.10
C LYS A 129 18.49 -16.34 -28.76
N ILE A 130 17.63 -17.12 -28.13
CA ILE A 130 16.31 -17.45 -28.73
C ILE A 130 15.17 -16.46 -28.34
N ALA A 131 15.49 -15.52 -27.46
CA ALA A 131 14.57 -14.45 -27.07
C ALA A 131 14.23 -13.63 -28.32
N PRO A 132 12.96 -13.15 -28.44
CA PRO A 132 12.62 -12.29 -29.59
C PRO A 132 13.45 -11.01 -29.63
N GLY A 133 13.87 -10.62 -30.84
CA GLY A 133 14.64 -9.39 -31.07
C GLY A 133 16.15 -9.56 -31.09
N ASN A 134 16.82 -8.44 -31.38
CA ASN A 134 18.26 -8.36 -31.62
C ASN A 134 19.09 -7.72 -30.51
N SER A 135 18.45 -6.95 -29.63
CA SER A 135 19.14 -6.29 -28.51
C SER A 135 19.86 -7.29 -27.61
N PRO A 136 21.06 -6.93 -27.08
CA PRO A 136 21.70 -7.77 -26.06
C PRO A 136 20.75 -8.02 -24.88
N LYS A 137 20.75 -9.26 -24.40
CA LYS A 137 19.87 -9.70 -23.34
C LYS A 137 20.69 -10.27 -22.18
N MET A 138 20.07 -10.31 -21.01
CA MET A 138 20.54 -11.10 -19.89
C MET A 138 19.37 -11.91 -19.37
N VAL A 139 19.66 -12.97 -18.65
CA VAL A 139 18.62 -13.81 -18.07
C VAL A 139 18.80 -14.00 -16.57
N SER A 140 17.67 -14.05 -15.87
CA SER A 140 17.65 -14.29 -14.45
C SER A 140 16.67 -15.43 -14.20
N PHE A 141 17.13 -16.47 -13.51
CA PHE A 141 16.31 -17.67 -13.23
C PHE A 141 15.47 -17.57 -11.97
N GLY A 142 14.30 -18.19 -12.03
CA GLY A 142 13.44 -18.45 -10.87
C GLY A 142 12.96 -19.90 -10.82
N ASN A 143 12.01 -20.17 -9.94
CA ASN A 143 11.43 -21.49 -9.81
C ASN A 143 10.07 -21.65 -10.48
N SER A 144 9.29 -20.56 -10.53
CA SER A 144 7.93 -20.57 -11.10
C SER A 144 7.66 -19.36 -12.00
N GLY A 145 6.66 -19.50 -12.86
CA GLY A 145 6.08 -18.37 -13.59
C GLY A 145 5.75 -17.20 -12.66
N SER A 146 5.21 -17.51 -11.49
CA SER A 146 4.80 -16.50 -10.49
C SER A 146 5.97 -15.63 -10.07
N ASP A 147 7.08 -16.24 -9.68
CA ASP A 147 8.23 -15.45 -9.22
C ASP A 147 8.96 -14.74 -10.36
N ALA A 148 8.87 -15.27 -11.58
CA ALA A 148 9.36 -14.56 -12.75
C ALA A 148 8.56 -13.27 -12.96
N ASN A 149 7.24 -13.32 -12.74
CA ASN A 149 6.41 -12.11 -12.87
C ASN A 149 6.63 -11.14 -11.71
N ASP A 150 6.88 -11.68 -10.52
CA ASP A 150 7.34 -10.86 -9.39
C ASP A 150 8.65 -10.15 -9.74
N ALA A 151 9.57 -10.87 -10.40
CA ALA A 151 10.85 -10.30 -10.84
C ALA A 151 10.67 -9.22 -11.90
N ILE A 152 9.71 -9.40 -12.81
CA ILE A 152 9.39 -8.36 -13.82
C ILE A 152 9.03 -7.01 -13.15
N ILE A 153 8.16 -7.06 -12.14
CA ILE A 153 7.79 -5.85 -11.36
C ILE A 153 9.06 -5.20 -10.79
N LYS A 154 9.89 -6.01 -10.14
CA LYS A 154 11.16 -5.54 -9.56
C LYS A 154 12.09 -4.87 -10.58
N PHE A 155 12.37 -5.59 -11.67
CA PHE A 155 13.28 -5.11 -12.74
C PHE A 155 12.78 -3.81 -13.33
N ALA A 156 11.49 -3.76 -13.64
CA ALA A 156 10.88 -2.55 -14.22
C ALA A 156 10.92 -1.35 -13.26
N ARG A 157 10.52 -1.56 -12.00
CA ARG A 157 10.60 -0.50 -11.00
C ARG A 157 12.04 -0.04 -10.80
N ALA A 158 12.98 -1.00 -10.67
CA ALA A 158 14.39 -0.67 -10.45
C ALA A 158 15.00 0.09 -11.63
N TYR A 159 14.76 -0.40 -12.84
CA TYR A 159 15.29 0.26 -14.04
C TYR A 159 14.74 1.66 -14.29
N THR A 160 13.44 1.83 -14.11
CA THR A 160 12.79 3.10 -14.48
C THR A 160 12.77 4.12 -13.36
N GLY A 161 12.96 3.67 -12.13
CA GLY A 161 12.70 4.51 -10.94
C GLY A 161 11.23 4.91 -10.75
N ARG A 162 10.30 4.21 -11.41
CA ARG A 162 8.84 4.48 -11.33
C ARG A 162 8.11 3.37 -10.57
N GLN A 163 6.92 3.67 -10.06
CA GLN A 163 6.17 2.74 -9.18
C GLN A 163 5.10 1.88 -9.83
N TYR A 164 4.37 2.44 -10.78
CA TYR A 164 3.10 1.83 -11.20
C TYR A 164 3.28 0.71 -12.21
N ILE A 165 2.50 -0.34 -12.04
CA ILE A 165 2.41 -1.45 -13.01
C ILE A 165 1.00 -1.50 -13.56
N VAL A 166 0.90 -1.67 -14.88
CA VAL A 166 -0.37 -1.83 -15.56
C VAL A 166 -0.42 -3.28 -16.05
N SER A 167 -1.49 -3.97 -15.67
CA SER A 167 -1.78 -5.32 -16.18
C SER A 167 -3.24 -5.39 -16.61
N TYR A 168 -3.67 -6.58 -17.05
CA TYR A 168 -4.96 -6.72 -17.71
C TYR A 168 -6.01 -7.48 -16.90
N MET A 169 -7.24 -7.00 -16.99
CA MET A 169 -8.39 -7.81 -16.56
C MET A 169 -8.38 -9.08 -17.38
N GLY A 170 -8.74 -10.20 -16.76
CA GLY A 170 -8.70 -11.49 -17.44
C GLY A 170 -7.33 -12.16 -17.41
N SER A 171 -6.28 -11.45 -16.98
CA SER A 171 -4.93 -12.01 -17.02
C SER A 171 -4.66 -13.01 -15.90
N TYR A 172 -3.69 -13.88 -16.11
CA TYR A 172 -3.14 -14.71 -15.03
C TYR A 172 -1.62 -14.65 -15.02
N HIS A 173 -1.05 -14.22 -13.91
CA HIS A 173 0.41 -14.07 -13.84
C HIS A 173 1.05 -14.87 -12.72
N GLY A 174 0.24 -15.44 -11.84
CA GLY A 174 0.77 -16.26 -10.78
C GLY A 174 0.17 -16.06 -9.41
N SER A 175 0.82 -16.67 -8.42
CA SER A 175 0.20 -16.91 -7.12
C SER A 175 0.97 -16.35 -5.91
N THR A 176 2.06 -15.64 -6.17
CA THR A 176 2.77 -14.89 -5.13
C THR A 176 2.15 -13.50 -5.07
N TYR A 177 2.45 -12.76 -4.01
CA TYR A 177 1.78 -11.47 -3.80
C TYR A 177 1.92 -10.45 -4.92
N GLY A 178 3.09 -10.40 -5.56
CA GLY A 178 3.30 -9.53 -6.73
C GLY A 178 2.45 -9.95 -7.93
N SER A 179 2.70 -11.18 -8.41
CA SER A 179 2.06 -11.71 -9.61
C SER A 179 0.55 -11.86 -9.47
N GLN A 180 0.10 -12.14 -8.23
CA GLN A 180 -1.33 -12.33 -7.97
C GLN A 180 -2.08 -11.01 -7.95
N THR A 181 -1.42 -9.93 -7.54
CA THR A 181 -1.99 -8.59 -7.68
C THR A 181 -2.21 -8.22 -9.15
N LEU A 182 -1.24 -8.57 -10.01
CA LEU A 182 -1.31 -8.25 -11.42
C LEU A 182 -2.40 -9.03 -12.13
N SER A 183 -2.67 -10.25 -11.64
CA SER A 183 -3.68 -11.14 -12.23
C SER A 183 -5.09 -10.54 -12.17
N GLY A 184 -5.97 -11.02 -13.01
CA GLY A 184 -7.37 -10.59 -12.97
C GLY A 184 -8.31 -11.61 -13.54
N SER A 185 -8.10 -12.89 -13.25
CA SER A 185 -9.07 -13.93 -13.70
C SER A 185 -10.07 -14.41 -12.63
N SER A 186 -9.57 -15.04 -11.56
CA SER A 186 -10.43 -15.56 -10.50
CA SER A 186 -10.45 -15.54 -10.50
C SER A 186 -10.54 -14.55 -9.35
N LEU A 187 -11.77 -14.26 -8.92
CA LEU A 187 -12.03 -13.34 -7.80
C LEU A 187 -11.50 -13.89 -6.48
N ASN A 188 -11.60 -15.21 -6.32
CA ASN A 188 -11.03 -15.97 -5.19
C ASN A 188 -9.55 -15.68 -4.94
N MET A 189 -8.85 -15.23 -5.99
CA MET A 189 -7.44 -14.92 -5.94
C MET A 189 -7.15 -13.63 -5.20
N THR A 190 -8.15 -12.76 -5.08
CA THR A 190 -8.01 -11.55 -4.28
C THR A 190 -8.69 -11.72 -2.91
N ARG A 191 -9.73 -12.56 -2.85
CA ARG A 191 -10.59 -12.68 -1.65
C ARG A 191 -9.85 -13.09 -0.38
N LYS A 192 -10.05 -12.29 0.68
CA LYS A 192 -9.61 -12.57 2.08
C LYS A 192 -8.11 -12.36 2.35
N ILE A 193 -7.32 -12.12 1.30
CA ILE A 193 -5.87 -12.08 1.42
C ILE A 193 -5.23 -10.67 1.29
N GLY A 194 -6.06 -9.65 1.09
CA GLY A 194 -5.60 -8.26 0.93
C GLY A 194 -5.12 -7.60 2.23
N PRO A 195 -4.49 -6.42 2.15
CA PRO A 195 -4.23 -5.68 0.91
C PRO A 195 -3.12 -6.28 0.05
N MET A 196 -3.26 -6.06 -1.25
CA MET A 196 -2.37 -6.61 -2.28
C MET A 196 -1.24 -5.60 -2.53
N LEU A 197 -0.37 -5.89 -3.50
CA LEU A 197 0.71 -4.95 -3.81
C LEU A 197 0.17 -3.58 -4.28
N PRO A 198 0.63 -2.47 -3.67
CA PRO A 198 0.15 -1.16 -4.12
C PRO A 198 0.67 -0.74 -5.50
N SER A 199 -0.01 0.23 -6.10
CA SER A 199 0.33 0.88 -7.35
C SER A 199 0.22 -0.05 -8.57
N VAL A 200 -0.86 -0.84 -8.57
CA VAL A 200 -1.18 -1.68 -9.71
C VAL A 200 -2.54 -1.25 -10.28
N VAL A 201 -2.59 -1.01 -11.60
CA VAL A 201 -3.83 -0.64 -12.31
C VAL A 201 -4.20 -1.71 -13.33
N HIS A 202 -5.48 -2.12 -13.36
CA HIS A 202 -5.95 -3.11 -14.33
C HIS A 202 -6.71 -2.45 -15.46
N VAL A 203 -6.39 -2.81 -16.70
CA VAL A 203 -7.13 -2.34 -17.90
C VAL A 203 -7.83 -3.50 -18.59
N PRO A 204 -8.88 -3.23 -19.40
CA PRO A 204 -9.52 -4.36 -20.08
C PRO A 204 -8.75 -4.91 -21.30
N TYR A 205 -8.76 -6.24 -21.43
CA TYR A 205 -8.14 -6.93 -22.58
C TYR A 205 -9.16 -7.00 -23.72
N PRO A 206 -8.72 -6.72 -24.97
CA PRO A 206 -9.62 -6.69 -26.13
C PRO A 206 -10.36 -8.00 -26.35
N ASP A 207 -11.68 -7.91 -26.41
CA ASP A 207 -12.55 -9.08 -26.58
C ASP A 207 -13.12 -8.98 -28.00
N SER A 208 -12.65 -9.87 -28.87
CA SER A 208 -13.10 -9.90 -30.28
C SER A 208 -14.37 -10.71 -30.53
N TYR A 209 -14.93 -11.31 -29.50
CA TYR A 209 -16.12 -12.16 -29.66
C TYR A 209 -17.42 -11.39 -29.33
N ARG A 210 -17.59 -10.97 -28.07
CA ARG A 210 -18.76 -10.19 -27.66
C ARG A 210 -18.49 -8.72 -27.96
N THR A 211 -18.77 -8.33 -29.19
CA THR A 211 -18.51 -6.97 -29.68
C THR A 211 -19.82 -6.20 -29.83
N TYR A 212 -19.75 -4.88 -30.05
CA TYR A 212 -20.96 -4.10 -30.36
C TYR A 212 -21.36 -4.35 -31.82
N PRO A 213 -22.68 -4.19 -32.14
CA PRO A 213 -23.13 -4.56 -33.50
C PRO A 213 -22.41 -3.75 -34.57
N GLY A 214 -21.84 -4.45 -35.54
CA GLY A 214 -21.12 -3.83 -36.64
C GLY A 214 -19.67 -3.40 -36.40
N GLU A 215 -19.11 -3.71 -35.22
CA GLU A 215 -17.70 -3.41 -34.95
C GLU A 215 -16.76 -4.27 -35.81
N THR A 216 -15.82 -3.61 -36.48
CA THR A 216 -14.77 -4.33 -37.21
C THR A 216 -13.62 -4.58 -36.25
N GLU A 217 -12.64 -5.38 -36.67
CA GLU A 217 -11.41 -5.55 -35.89
C GLU A 217 -10.71 -4.19 -35.62
N HIS A 218 -10.78 -3.29 -36.60
CA HIS A 218 -10.27 -1.91 -36.41
C HIS A 218 -10.99 -1.17 -35.26
N ASP A 219 -12.33 -1.28 -35.23
CA ASP A 219 -13.14 -0.63 -34.21
C ASP A 219 -12.83 -1.23 -32.81
N VAL A 220 -12.70 -2.56 -32.73
CA VAL A 220 -12.33 -3.25 -31.47
C VAL A 220 -11.01 -2.71 -30.92
N SER A 221 -10.00 -2.65 -31.79
CA SER A 221 -8.66 -2.19 -31.38
C SER A 221 -8.72 -0.76 -30.84
N LEU A 222 -9.43 0.11 -31.56
CA LEU A 222 -9.57 1.54 -31.18
C LEU A 222 -10.34 1.73 -29.88
N ARG A 223 -11.43 0.98 -29.71
CA ARG A 223 -12.22 1.07 -28.48
C ARG A 223 -11.36 0.66 -27.28
N TYR A 224 -10.74 -0.51 -27.38
CA TYR A 224 -9.93 -1.02 -26.28
C TYR A 224 -8.68 -0.19 -26.02
N PHE A 225 -8.10 0.39 -27.06
CA PHE A 225 -6.99 1.31 -26.84
C PHE A 225 -7.45 2.60 -26.17
N ASN A 226 -8.66 3.06 -26.50
CA ASN A 226 -9.24 4.20 -25.80
C ASN A 226 -9.43 3.94 -24.30
N GLU A 227 -9.86 2.72 -23.94
CA GLU A 227 -10.02 2.33 -22.53
C GLU A 227 -8.67 2.23 -21.84
N PHE A 228 -7.69 1.66 -22.54
CA PHE A 228 -6.30 1.63 -22.07
C PHE A 228 -5.81 3.02 -21.66
N LYS A 229 -6.09 4.03 -22.50
CA LYS A 229 -5.61 5.41 -22.24
C LYS A 229 -6.33 6.14 -21.09
N LYS A 230 -7.59 5.76 -20.79
CA LYS A 230 -8.40 6.49 -19.80
C LYS A 230 -7.73 6.71 -18.44
N PRO A 231 -7.11 5.65 -17.85
CA PRO A 231 -6.36 5.89 -16.60
C PRO A 231 -5.24 6.93 -16.74
N PHE A 232 -4.51 6.87 -17.87
CA PHE A 232 -3.39 7.77 -18.15
C PHE A 232 -3.83 9.20 -18.39
N GLU A 233 -5.11 9.39 -18.71
CA GLU A 233 -5.66 10.74 -18.93
C GLU A 233 -6.44 11.25 -17.71
N SER A 234 -6.40 10.48 -16.63
CA SER A 234 -7.17 10.81 -15.43
C SER A 234 -6.30 10.80 -14.17
N PHE A 235 -5.96 9.62 -13.65
CA PHE A 235 -5.24 9.52 -12.38
C PHE A 235 -3.85 8.90 -12.49
N LEU A 236 -3.60 8.15 -13.55
CA LEU A 236 -2.34 7.41 -13.66
C LEU A 236 -1.29 8.18 -14.48
N PRO A 237 -0.23 8.68 -13.83
CA PRO A 237 0.79 9.36 -14.64
C PRO A 237 1.62 8.38 -15.47
N ALA A 238 1.61 8.56 -16.78
CA ALA A 238 2.41 7.74 -17.68
C ALA A 238 3.92 7.74 -17.32
N ASP A 239 4.45 8.90 -16.95
CA ASP A 239 5.86 8.99 -16.54
C ASP A 239 6.14 8.43 -15.12
N GLU A 240 5.09 7.98 -14.45
CA GLU A 240 5.26 7.22 -13.21
C GLU A 240 4.91 5.74 -13.32
N THR A 241 4.67 5.26 -14.53
CA THR A 241 4.43 3.82 -14.69
C THR A 241 5.60 3.10 -15.26
N ALA A 242 6.05 2.12 -14.48
CA ALA A 242 7.24 1.34 -14.76
C ALA A 242 7.08 0.39 -15.96
N CYS A 243 5.94 -0.30 -16.02
CA CYS A 243 5.68 -1.18 -17.16
C CYS A 243 4.21 -1.58 -17.39
N VAL A 244 3.96 -2.12 -18.58
CA VAL A 244 2.73 -2.82 -18.94
C VAL A 244 3.15 -4.29 -19.10
N LEU A 245 2.49 -5.17 -18.34
CA LEU A 245 2.65 -6.60 -18.53
C LEU A 245 1.42 -7.14 -19.27
N ILE A 246 1.66 -7.81 -20.40
CA ILE A 246 0.58 -8.33 -21.26
C ILE A 246 0.85 -9.78 -21.69
N GLU A 247 -0.20 -10.61 -21.68
CA GLU A 247 -0.14 -11.92 -22.30
C GLU A 247 -0.45 -11.68 -23.79
N PRO A 248 0.47 -12.06 -24.71
CA PRO A 248 0.16 -11.80 -26.13
C PRO A 248 -1.12 -12.54 -26.58
N ILE A 249 -1.34 -13.72 -26.01
CA ILE A 249 -2.64 -14.39 -26.00
C ILE A 249 -2.92 -14.76 -24.55
N GLN A 250 -4.09 -14.38 -24.03
CA GLN A 250 -4.48 -14.70 -22.65
C GLN A 250 -4.84 -16.17 -22.53
N GLY A 251 -4.12 -16.88 -21.67
CA GLY A 251 -4.32 -18.32 -21.42
C GLY A 251 -5.57 -18.61 -20.62
N ASP A 252 -5.51 -18.41 -19.31
CA ASP A 252 -6.65 -18.60 -18.40
C ASP A 252 -7.84 -17.67 -18.69
N GLY A 253 -7.56 -16.56 -19.37
CA GLY A 253 -8.61 -15.66 -19.87
C GLY A 253 -9.55 -16.30 -20.89
N GLY A 254 -9.11 -17.40 -21.53
CA GLY A 254 -9.93 -18.13 -22.50
C GLY A 254 -9.36 -18.29 -23.91
N ILE A 255 -8.03 -18.22 -24.05
CA ILE A 255 -7.33 -18.22 -25.36
C ILE A 255 -7.85 -17.00 -26.17
N ILE A 256 -7.55 -15.80 -25.67
CA ILE A 256 -8.00 -14.51 -26.27
C ILE A 256 -6.77 -13.79 -26.80
N LYS A 257 -6.75 -13.50 -28.11
CA LYS A 257 -5.59 -12.84 -28.72
C LYS A 257 -5.90 -11.37 -28.95
N ALA A 258 -5.03 -10.49 -28.45
CA ALA A 258 -5.11 -9.07 -28.80
C ALA A 258 -4.97 -8.90 -30.33
N PRO A 259 -5.85 -8.10 -30.95
CA PRO A 259 -5.62 -7.83 -32.38
C PRO A 259 -4.29 -7.13 -32.59
N GLU A 260 -3.66 -7.43 -33.73
CA GLU A 260 -2.44 -6.77 -34.18
C GLU A 260 -2.40 -5.26 -33.92
N GLU A 261 -3.42 -4.54 -34.40
CA GLU A 261 -3.46 -3.08 -34.30
C GLU A 261 -3.47 -2.59 -32.85
N TYR A 262 -4.25 -3.26 -31.99
CA TYR A 262 -4.25 -2.97 -30.56
C TYR A 262 -2.83 -3.09 -29.97
N MET A 263 -2.20 -4.23 -30.22
CA MET A 263 -0.88 -4.50 -29.68
C MET A 263 0.14 -3.46 -30.12
N GLN A 264 0.10 -3.07 -31.39
CA GLN A 264 0.98 -2.03 -31.92
C GLN A 264 0.81 -0.69 -31.19
N LEU A 265 -0.44 -0.31 -30.94
CA LEU A 265 -0.77 0.95 -30.24
C LEU A 265 -0.23 0.99 -28.80
N VAL A 266 -0.37 -0.13 -28.09
CA VAL A 266 0.17 -0.23 -26.71
C VAL A 266 1.70 -0.18 -26.73
N TYR A 267 2.30 -1.00 -27.60
CA TYR A 267 3.75 -1.05 -27.78
C TYR A 267 4.38 0.31 -28.04
N LYS A 268 3.76 1.05 -28.97
CA LYS A 268 4.16 2.41 -29.31
C LYS A 268 3.91 3.36 -28.12
N PHE A 269 2.78 3.21 -27.43
CA PHE A 269 2.51 4.04 -26.23
C PHE A 269 3.61 3.88 -25.19
N CYS A 270 4.01 2.63 -24.95
CA CYS A 270 5.09 2.32 -24.02
C CYS A 270 6.44 2.93 -24.43
N HIS A 271 6.85 2.71 -25.68
CA HIS A 271 8.08 3.31 -26.24
C HIS A 271 8.10 4.82 -26.05
N GLU A 272 6.98 5.46 -26.38
CA GLU A 272 6.90 6.92 -26.34
C GLU A 272 6.94 7.54 -24.95
N HIS A 273 6.52 6.79 -23.92
CA HIS A 273 6.50 7.33 -22.56
C HIS A 273 7.58 6.72 -21.64
N GLY A 274 8.43 5.87 -22.18
CA GLY A 274 9.48 5.20 -21.39
C GLY A 274 8.94 4.18 -20.39
N ILE A 275 7.73 3.68 -20.66
CA ILE A 275 7.13 2.59 -19.90
C ILE A 275 7.72 1.31 -20.50
N LEU A 276 8.25 0.41 -19.69
CA LEU A 276 8.69 -0.89 -20.24
C LEU A 276 7.54 -1.72 -20.79
N PHE A 277 7.77 -2.34 -21.93
CA PHE A 277 6.77 -3.23 -22.50
C PHE A 277 7.19 -4.64 -22.12
N ALA A 278 6.39 -5.28 -21.27
CA ALA A 278 6.70 -6.60 -20.75
C ALA A 278 5.66 -7.63 -21.14
N ILE A 279 6.11 -8.85 -21.43
CA ILE A 279 5.22 -9.93 -21.85
C ILE A 279 5.33 -11.16 -20.98
N ASP A 280 4.20 -11.80 -20.79
CA ASP A 280 4.14 -13.07 -20.09
C ASP A 280 3.97 -14.18 -21.12
N GLU A 281 5.01 -15.00 -21.27
CA GLU A 281 5.04 -16.11 -22.25
C GLU A 281 5.04 -17.46 -21.55
N VAL A 282 4.66 -17.47 -20.27
CA VAL A 282 4.71 -18.67 -19.42
C VAL A 282 3.79 -19.77 -19.95
N ASN A 283 2.59 -19.41 -20.39
CA ASN A 283 1.65 -20.38 -20.96
C ASN A 283 1.77 -20.53 -22.49
N GLN A 284 2.03 -19.43 -23.19
CA GLN A 284 1.90 -19.37 -24.63
C GLN A 284 3.22 -19.47 -25.38
N GLY A 285 4.34 -19.55 -24.65
CA GLY A 285 5.66 -19.60 -25.25
C GLY A 285 6.09 -21.00 -25.65
N LEU A 286 7.35 -21.11 -26.06
CA LEU A 286 8.00 -22.39 -26.39
C LEU A 286 7.21 -23.23 -27.40
N GLY A 287 6.79 -22.57 -28.47
CA GLY A 287 6.16 -23.24 -29.60
C GLY A 287 4.68 -23.49 -29.52
N ARG A 288 4.04 -23.10 -28.42
CA ARG A 288 2.63 -23.36 -28.21
C ARG A 288 1.72 -22.73 -29.29
N THR A 289 2.06 -21.54 -29.75
CA THR A 289 1.24 -20.85 -30.77
C THR A 289 1.63 -21.17 -32.23
N GLY A 290 2.64 -22.00 -32.44
CA GLY A 290 3.15 -22.27 -33.79
C GLY A 290 4.23 -21.30 -34.23
N LYS A 291 4.59 -20.39 -33.32
CA LYS A 291 5.85 -19.64 -33.37
C LYS A 291 6.56 -19.98 -32.07
N MET A 292 7.86 -19.71 -31.99
CA MET A 292 8.61 -19.93 -30.75
C MET A 292 7.93 -19.16 -29.60
N TRP A 293 7.70 -17.87 -29.83
CA TRP A 293 7.04 -17.00 -28.85
C TRP A 293 5.70 -16.48 -29.38
N ALA A 294 4.69 -16.41 -28.51
CA ALA A 294 3.40 -15.80 -28.83
C ALA A 294 3.52 -14.37 -29.38
N ILE A 295 4.47 -13.58 -28.85
CA ILE A 295 4.69 -12.21 -29.31
C ILE A 295 5.15 -12.15 -30.79
N GLN A 296 5.64 -13.27 -31.31
CA GLN A 296 6.07 -13.34 -32.72
C GLN A 296 4.90 -13.44 -33.69
N GLN A 297 3.69 -13.66 -33.16
CA GLN A 297 2.42 -13.60 -33.93
C GLN A 297 2.09 -12.15 -34.32
N PHE A 298 2.83 -11.21 -33.74
CA PHE A 298 2.71 -9.78 -34.00
C PHE A 298 3.95 -9.34 -34.76
N LYS A 299 3.85 -8.20 -35.45
CA LYS A 299 4.93 -7.70 -36.30
C LYS A 299 5.95 -6.83 -35.55
N ASP A 300 7.22 -7.27 -35.56
CA ASP A 300 8.38 -6.49 -35.05
C ASP A 300 8.21 -5.91 -33.63
N ILE A 301 7.80 -6.77 -32.70
CA ILE A 301 7.72 -6.37 -31.32
C ILE A 301 8.79 -7.10 -30.53
N GLU A 302 9.72 -6.30 -30.00
CA GLU A 302 10.72 -6.79 -29.03
C GLU A 302 10.42 -6.28 -27.62
N PRO A 303 10.06 -7.21 -26.69
CA PRO A 303 9.75 -6.78 -25.32
C PRO A 303 11.01 -6.41 -24.54
N ASP A 304 10.87 -5.46 -23.61
CA ASP A 304 11.92 -5.15 -22.64
C ASP A 304 12.18 -6.28 -21.63
N LEU A 305 11.11 -7.03 -21.29
CA LEU A 305 11.13 -8.10 -20.28
C LEU A 305 10.15 -9.17 -20.73
N MET A 306 10.50 -10.44 -20.50
CA MET A 306 9.68 -11.59 -20.87
C MET A 306 9.77 -12.68 -19.79
N SER A 307 8.64 -13.18 -19.30
CA SER A 307 8.68 -14.29 -18.35
C SER A 307 8.41 -15.59 -19.10
N VAL A 308 9.11 -16.63 -18.69
CA VAL A 308 9.12 -17.93 -19.36
C VAL A 308 9.03 -18.94 -18.22
N GLY A 309 8.24 -20.00 -18.40
CA GLY A 309 8.10 -21.03 -17.37
C GLY A 309 7.44 -22.27 -17.90
N LYS A 310 6.77 -23.00 -16.99
CA LYS A 310 5.95 -24.19 -17.32
C LYS A 310 6.66 -25.23 -18.20
N SER A 311 6.68 -25.05 -19.52
CA SER A 311 7.32 -26.04 -20.39
C SER A 311 8.85 -25.95 -20.44
N LEU A 312 9.41 -24.87 -19.89
CA LEU A 312 10.84 -24.59 -19.98
C LEU A 312 11.73 -25.78 -19.64
N ALA A 313 11.37 -26.52 -18.58
CA ALA A 313 12.15 -27.67 -18.15
C ALA A 313 11.29 -28.94 -18.05
N SER A 314 10.32 -29.08 -18.96
CA SER A 314 9.39 -30.23 -18.99
C SER A 314 8.56 -30.38 -17.72
N GLY A 315 8.27 -29.26 -17.04
CA GLY A 315 7.49 -29.30 -15.81
C GLY A 315 8.32 -29.36 -14.53
N MET A 316 9.65 -29.49 -14.66
CA MET A 316 10.56 -29.29 -13.52
C MET A 316 10.50 -27.80 -13.11
N PRO A 317 10.63 -27.49 -11.80
CA PRO A 317 10.52 -26.07 -11.44
C PRO A 317 11.71 -25.24 -11.92
N LEU A 318 11.52 -24.54 -13.03
CA LEU A 318 12.47 -23.55 -13.50
C LEU A 318 11.75 -22.46 -14.27
N SER A 319 12.11 -21.21 -14.00
CA SER A 319 11.54 -20.11 -14.76
C SER A 319 12.66 -19.15 -15.11
N ALA A 320 12.36 -18.18 -15.97
CA ALA A 320 13.33 -17.16 -16.33
C ALA A 320 12.64 -15.84 -16.64
N VAL A 321 13.35 -14.75 -16.34
CA VAL A 321 13.07 -13.47 -16.96
C VAL A 321 14.18 -13.25 -17.98
N ILE A 322 13.79 -13.01 -19.22
CA ILE A 322 14.75 -12.61 -20.24
C ILE A 322 14.44 -11.17 -20.60
N GLY A 323 15.44 -10.32 -20.41
CA GLY A 323 15.28 -8.89 -20.61
C GLY A 323 16.48 -8.23 -21.25
N LYS A 324 16.26 -7.04 -21.80
CA LYS A 324 17.33 -6.24 -22.34
C LYS A 324 18.37 -6.00 -21.23
N LYS A 325 19.63 -6.03 -21.64
CA LYS A 325 20.78 -6.00 -20.74
C LYS A 325 20.70 -4.87 -19.71
N GLU A 326 20.50 -3.64 -20.19
CA GLU A 326 20.47 -2.45 -19.33
C GLU A 326 19.37 -2.50 -18.26
N VAL A 327 18.22 -3.09 -18.63
CA VAL A 327 17.13 -3.36 -17.66
C VAL A 327 17.55 -4.39 -16.60
N MET A 328 18.14 -5.50 -17.05
CA MET A 328 18.49 -6.60 -16.15
C MET A 328 19.63 -6.30 -15.19
N GLN A 329 20.45 -5.29 -15.51
CA GLN A 329 21.56 -4.88 -14.64
C GLN A 329 21.17 -3.92 -13.52
N SER A 330 19.91 -3.47 -13.51
CA SER A 330 19.40 -2.58 -12.46
C SER A 330 19.17 -3.29 -11.10
N LEU A 331 19.17 -4.63 -11.13
CA LEU A 331 19.08 -5.50 -9.95
C LEU A 331 19.90 -6.79 -10.11
N ASP A 332 20.41 -7.32 -8.99
CA ASP A 332 21.09 -8.64 -9.00
C ASP A 332 21.00 -9.36 -7.64
N ALA A 333 21.46 -10.61 -7.61
CA ALA A 333 21.83 -11.32 -6.38
C ALA A 333 22.97 -10.56 -5.64
N PRO A 334 23.03 -10.60 -4.31
CA PRO A 334 22.13 -11.40 -3.45
C PRO A 334 20.80 -10.73 -3.08
N ALA A 335 20.57 -9.51 -3.60
CA ALA A 335 19.30 -8.80 -3.37
C ALA A 335 18.09 -9.59 -3.90
N HIS A 336 18.09 -9.93 -5.20
CA HIS A 336 17.07 -10.81 -5.80
C HIS A 336 17.71 -12.17 -6.07
N LEU A 337 17.18 -13.19 -5.39
CA LEU A 337 17.76 -14.55 -5.43
C LEU A 337 16.81 -15.62 -4.87
N PHE A 338 16.69 -16.74 -5.57
CA PHE A 338 16.04 -17.93 -5.03
C PHE A 338 17.05 -19.07 -4.98
N THR A 339 17.21 -19.66 -3.78
CA THR A 339 18.23 -20.69 -3.51
C THR A 339 18.24 -21.81 -4.57
N THR A 340 17.07 -22.36 -4.88
CA THR A 340 16.95 -23.49 -5.79
C THR A 340 16.62 -23.12 -7.24
N ALA A 341 16.58 -21.81 -7.55
CA ALA A 341 16.44 -21.34 -8.94
C ALA A 341 17.71 -21.62 -9.72
N GLY A 342 17.56 -21.99 -11.00
CA GLY A 342 18.70 -22.37 -11.83
C GLY A 342 19.40 -23.63 -11.34
N ASN A 343 18.59 -24.54 -10.80
CA ASN A 343 19.03 -25.85 -10.34
C ASN A 343 19.63 -26.62 -11.54
N PRO A 344 20.83 -27.22 -11.37
CA PRO A 344 21.52 -27.83 -12.52
C PRO A 344 20.79 -29.01 -13.17
N VAL A 345 20.03 -29.77 -12.37
CA VAL A 345 19.18 -30.85 -12.88
C VAL A 345 18.04 -30.26 -13.73
N CYS A 346 17.41 -29.20 -13.21
CA CYS A 346 16.35 -28.52 -13.91
C CYS A 346 16.89 -27.85 -15.18
N SER A 347 18.08 -27.26 -15.09
CA SER A 347 18.73 -26.62 -16.23
C SER A 347 19.11 -27.61 -17.34
N ALA A 348 19.62 -28.78 -16.96
CA ALA A 348 19.90 -29.86 -17.92
C ALA A 348 18.62 -30.36 -18.60
N ALA A 349 17.57 -30.57 -17.81
CA ALA A 349 16.21 -30.88 -18.33
C ALA A 349 15.73 -29.82 -19.34
N SER A 350 15.92 -28.55 -19.01
CA SER A 350 15.57 -27.44 -19.90
C SER A 350 16.36 -27.42 -21.22
N LEU A 351 17.68 -27.57 -21.13
CA LEU A 351 18.56 -27.72 -22.31
C LEU A 351 18.08 -28.85 -23.25
N ALA A 352 17.70 -29.97 -22.65
CA ALA A 352 17.15 -31.12 -23.35
C ALA A 352 15.77 -30.84 -23.99
N THR A 353 14.88 -30.14 -23.29
CA THR A 353 13.54 -29.88 -23.87
C THR A 353 13.62 -28.87 -25.03
N LEU A 354 14.48 -27.86 -24.89
CA LEU A 354 14.74 -26.89 -25.96
C LEU A 354 15.32 -27.57 -27.21
N ASP A 355 16.21 -28.52 -26.97
CA ASP A 355 16.81 -29.31 -28.04
C ASP A 355 15.76 -30.13 -28.79
N VAL A 356 14.84 -30.75 -28.05
CA VAL A 356 13.72 -31.51 -28.61
C VAL A 356 12.82 -30.62 -29.48
N ILE A 357 12.51 -29.43 -28.99
CA ILE A 357 11.66 -28.48 -29.75
C ILE A 357 12.28 -28.22 -31.12
N GLU A 358 13.59 -27.97 -31.14
CA GLU A 358 14.34 -27.76 -32.39
C GLU A 358 14.42 -29.03 -33.26
N TYR A 359 14.92 -30.11 -32.67
CA TYR A 359 15.18 -31.37 -33.38
C TYR A 359 13.91 -32.04 -33.95
N GLU A 360 12.82 -32.06 -33.17
CA GLU A 360 11.54 -32.61 -33.65
C GLU A 360 10.65 -31.59 -34.39
N GLY A 361 11.19 -30.38 -34.62
CA GLY A 361 10.49 -29.29 -35.32
C GLY A 361 9.12 -29.01 -34.73
N LEU A 362 9.05 -28.84 -33.41
CA LEU A 362 7.76 -28.77 -32.72
C LEU A 362 7.00 -27.46 -32.94
N VAL A 363 7.73 -26.38 -33.23
CA VAL A 363 7.13 -25.08 -33.56
C VAL A 363 6.27 -25.20 -34.83
N GLU A 364 6.88 -25.68 -35.90
CA GLU A 364 6.17 -25.92 -37.17
C GLU A 364 5.03 -26.96 -37.02
N LYS A 365 5.28 -28.04 -36.25
CA LYS A 365 4.24 -29.06 -35.99
C LYS A 365 3.04 -28.49 -35.24
N SER A 366 3.29 -27.63 -34.25
CA SER A 366 2.21 -26.89 -33.59
C SER A 366 1.44 -26.04 -34.61
N ALA A 367 2.15 -25.33 -35.49
CA ALA A 367 1.53 -24.49 -36.54
C ALA A 367 0.64 -25.29 -37.50
N THR A 368 1.14 -26.43 -37.99
CA THR A 368 0.41 -27.22 -38.99
C THR A 368 -0.70 -28.10 -38.38
N ASP A 369 -0.42 -28.80 -37.27
CA ASP A 369 -1.48 -29.50 -36.51
C ASP A 369 -2.55 -28.57 -35.93
N GLY A 370 -2.14 -27.36 -35.52
CA GLY A 370 -3.06 -26.34 -35.01
C GLY A 370 -4.02 -25.81 -36.05
N ALA A 371 -3.50 -25.53 -37.24
CA ALA A 371 -4.33 -25.14 -38.39
C ALA A 371 -5.31 -26.26 -38.76
N TYR A 372 -4.83 -27.51 -38.73
CA TYR A 372 -5.67 -28.67 -38.98
C TYR A 372 -6.79 -28.81 -37.93
N ALA A 373 -6.41 -28.69 -36.65
CA ALA A 373 -7.36 -28.81 -35.55
C ALA A 373 -8.39 -27.70 -35.59
N LYS A 374 -7.98 -26.50 -36.02
CA LYS A 374 -8.88 -25.35 -36.13
C LYS A 374 -10.00 -25.65 -37.14
N GLN A 375 -9.60 -26.19 -38.29
CA GLN A 375 -10.55 -26.54 -39.35
C GLN A 375 -11.50 -27.65 -38.94
N ARG A 376 -10.98 -28.60 -38.14
CA ARG A 376 -11.81 -29.66 -37.57
C ARG A 376 -12.86 -29.09 -36.62
N PHE A 377 -12.48 -28.14 -35.77
CA PHE A 377 -13.44 -27.51 -34.84
C PHE A 377 -14.42 -26.59 -35.56
N LEU A 378 -13.95 -25.92 -36.61
CA LEU A 378 -14.83 -25.14 -37.49
C LEU A 378 -15.91 -26.01 -38.18
N GLU A 379 -15.55 -27.23 -38.58
CA GLU A 379 -16.49 -28.16 -39.19
C GLU A 379 -17.50 -28.69 -38.15
N MET A 380 -17.00 -29.03 -36.95
CA MET A 380 -17.87 -29.37 -35.81
C MET A 380 -18.84 -28.26 -35.49
N GLN A 381 -18.37 -27.02 -35.57
CA GLN A 381 -19.21 -25.84 -35.28
C GLN A 381 -20.43 -25.74 -36.19
N GLN A 382 -20.26 -26.07 -37.48
CA GLN A 382 -21.37 -26.10 -38.44
C GLN A 382 -22.50 -27.03 -37.97
N ARG A 383 -22.14 -28.24 -37.52
CA ARG A 383 -23.10 -29.23 -37.04
C ARG A 383 -23.55 -29.00 -35.61
N HIS A 384 -22.74 -28.30 -34.81
CA HIS A 384 -23.02 -28.13 -33.39
C HIS A 384 -23.10 -26.65 -33.02
N PRO A 385 -24.31 -26.05 -33.10
CA PRO A 385 -24.48 -24.61 -32.83
C PRO A 385 -24.09 -24.14 -31.42
N MET A 386 -24.03 -25.05 -30.45
CA MET A 386 -23.54 -24.72 -29.10
C MET A 386 -22.13 -24.09 -29.10
N ILE A 387 -21.34 -24.38 -30.15
CA ILE A 387 -20.01 -23.80 -30.33
C ILE A 387 -20.17 -22.41 -30.90
N GLY A 388 -19.91 -21.39 -30.07
CA GLY A 388 -20.08 -20.00 -30.51
C GLY A 388 -18.83 -19.42 -31.16
N ASP A 389 -17.67 -19.78 -30.63
CA ASP A 389 -16.39 -19.24 -31.12
C ASP A 389 -15.29 -20.29 -31.06
N VAL A 390 -14.58 -20.45 -32.18
CA VAL A 390 -13.38 -21.27 -32.23
C VAL A 390 -12.19 -20.31 -32.29
N ARG A 391 -11.40 -20.26 -31.22
CA ARG A 391 -10.16 -19.50 -31.21
C ARG A 391 -9.02 -20.50 -31.14
N MET A 392 -8.08 -20.40 -32.09
CA MET A 392 -7.00 -21.37 -32.23
C MET A 392 -5.81 -20.72 -32.96
N TRP A 393 -4.63 -20.75 -32.31
CA TRP A 393 -3.37 -20.28 -32.89
C TRP A 393 -2.32 -21.32 -32.51
N GLY A 394 -2.02 -22.25 -33.42
CA GLY A 394 -1.18 -23.39 -33.08
C GLY A 394 -2.04 -24.43 -32.38
N LEU A 395 -1.43 -25.48 -31.80
CA LEU A 395 -2.19 -26.48 -31.01
C LEU A 395 -2.59 -25.86 -29.69
N ASN A 396 -3.47 -24.87 -29.75
CA ASN A 396 -3.63 -23.92 -28.68
C ASN A 396 -4.97 -23.25 -28.92
N GLY A 397 -6.01 -23.85 -28.35
CA GLY A 397 -7.37 -23.45 -28.66
C GLY A 397 -8.32 -23.24 -27.51
N GLY A 398 -9.22 -22.28 -27.72
CA GLY A 398 -10.34 -22.02 -26.84
C GLY A 398 -11.62 -22.28 -27.61
N ILE A 399 -12.38 -23.26 -27.15
CA ILE A 399 -13.67 -23.60 -27.78
C ILE A 399 -14.82 -23.12 -26.91
N GLU A 400 -15.41 -21.99 -27.32
CA GLU A 400 -16.35 -21.28 -26.47
C GLU A 400 -17.81 -21.72 -26.70
N LEU A 401 -18.42 -22.23 -25.63
CA LEU A 401 -19.76 -22.79 -25.69
C LEU A 401 -20.81 -21.80 -25.21
N VAL A 402 -21.85 -21.63 -26.03
CA VAL A 402 -22.93 -20.65 -25.79
C VAL A 402 -24.34 -21.25 -25.92
N LYS A 403 -25.31 -20.65 -25.23
CA LYS A 403 -26.71 -21.11 -25.22
C LYS A 403 -27.41 -20.81 -26.55
N ASP A 404 -27.02 -19.71 -27.19
CA ASP A 404 -27.61 -19.27 -28.45
C ASP A 404 -26.55 -18.46 -29.23
N PRO A 405 -26.42 -18.67 -30.56
CA PRO A 405 -25.36 -18.00 -31.32
C PRO A 405 -25.47 -16.47 -31.38
N LYS A 406 -26.69 -15.94 -31.27
CA LYS A 406 -26.88 -14.49 -31.34
C LYS A 406 -26.76 -13.78 -29.99
N THR A 407 -27.31 -14.39 -28.92
CA THR A 407 -27.18 -13.83 -27.57
C THR A 407 -25.77 -14.03 -27.00
N LYS A 408 -25.11 -15.11 -27.43
CA LYS A 408 -23.74 -15.50 -27.00
C LYS A 408 -23.62 -15.73 -25.50
N GLU A 409 -24.77 -15.99 -24.87
CA GLU A 409 -24.87 -16.24 -23.43
C GLU A 409 -24.07 -17.50 -23.09
N PRO A 410 -23.14 -17.41 -22.12
CA PRO A 410 -22.29 -18.56 -21.73
C PRO A 410 -23.11 -19.80 -21.35
N ASP A 411 -22.64 -20.98 -21.74
CA ASP A 411 -23.27 -22.26 -21.36
C ASP A 411 -22.24 -23.12 -20.62
N SER A 412 -22.04 -22.78 -19.35
CA SER A 412 -21.15 -23.51 -18.44
C SER A 412 -21.60 -24.95 -18.22
N ASP A 413 -22.91 -25.14 -18.19
CA ASP A 413 -23.53 -26.45 -17.99
C ASP A 413 -23.14 -27.43 -19.10
N ALA A 414 -23.29 -27.01 -20.37
CA ALA A 414 -22.88 -27.81 -21.53
C ALA A 414 -21.38 -28.11 -21.52
N ALA A 415 -20.58 -27.09 -21.15
CA ALA A 415 -19.14 -27.23 -21.09
C ALA A 415 -18.67 -28.31 -20.09
N THR A 416 -19.18 -28.27 -18.86
CA THR A 416 -18.79 -29.28 -17.87
C THR A 416 -19.30 -30.69 -18.25
N LYS A 417 -20.45 -30.76 -18.90
CA LYS A 417 -20.94 -32.03 -19.49
C LYS A 417 -20.04 -32.61 -20.60
N VAL A 418 -19.46 -31.73 -21.43
CA VAL A 418 -18.50 -32.13 -22.46
C VAL A 418 -17.25 -32.74 -21.82
N ILE A 419 -16.70 -32.06 -20.81
CA ILE A 419 -15.50 -32.56 -20.15
C ILE A 419 -15.75 -33.86 -19.34
N TYR A 420 -16.95 -34.02 -18.78
CA TYR A 420 -17.35 -35.29 -18.14
C TYR A 420 -17.38 -36.44 -19.14
N TYR A 421 -18.07 -36.23 -20.27
CA TYR A 421 -18.12 -37.23 -21.34
C TYR A 421 -16.72 -37.61 -21.84
N ALA A 422 -15.91 -36.61 -22.20
CA ALA A 422 -14.52 -36.83 -22.65
C ALA A 422 -13.70 -37.68 -21.68
N PHE A 423 -13.85 -37.39 -20.39
CA PHE A 423 -13.12 -38.10 -19.34
C PHE A 423 -13.54 -39.58 -19.27
N ALA A 424 -14.86 -39.82 -19.22
CA ALA A 424 -15.42 -41.18 -19.29
C ALA A 424 -15.07 -41.94 -20.58
N HIS A 425 -14.64 -41.21 -21.61
CA HIS A 425 -14.22 -41.79 -22.89
C HIS A 425 -12.72 -41.67 -23.21
N GLY A 426 -11.90 -41.46 -22.18
CA GLY A 426 -10.44 -41.55 -22.31
C GLY A 426 -9.69 -40.30 -22.78
N VAL A 427 -10.32 -39.13 -22.70
CA VAL A 427 -9.60 -37.86 -22.92
C VAL A 427 -9.68 -36.86 -21.77
N VAL A 428 -8.53 -36.24 -21.48
CA VAL A 428 -8.40 -35.22 -20.45
C VAL A 428 -8.42 -33.84 -21.11
N ILE A 429 -9.39 -33.04 -20.67
CA ILE A 429 -9.61 -31.70 -21.17
C ILE A 429 -10.36 -30.93 -20.06
N ILE A 430 -10.09 -29.63 -19.92
CA ILE A 430 -10.75 -28.80 -18.89
C ILE A 430 -11.41 -27.57 -19.50
N THR A 431 -12.14 -26.85 -18.66
CA THR A 431 -12.76 -25.60 -19.04
C THR A 431 -12.06 -24.36 -18.46
N LEU A 432 -12.20 -23.23 -19.15
CA LEU A 432 -11.81 -21.92 -18.65
C LEU A 432 -13.06 -21.05 -18.62
N ALA A 433 -13.12 -20.18 -17.60
CA ALA A 433 -14.25 -19.25 -17.37
C ALA A 433 -15.66 -19.89 -17.44
N GLY A 434 -15.76 -21.13 -16.97
CA GLY A 434 -17.03 -21.87 -17.01
C GLY A 434 -17.39 -22.54 -18.34
N ASN A 435 -17.26 -21.81 -19.46
CA ASN A 435 -17.86 -22.27 -20.73
C ASN A 435 -16.92 -22.46 -21.92
N ILE A 436 -15.62 -22.35 -21.69
CA ILE A 436 -14.67 -22.44 -22.79
C ILE A 436 -13.82 -23.69 -22.59
N LEU A 437 -13.85 -24.58 -23.57
CA LEU A 437 -12.98 -25.74 -23.57
C LEU A 437 -11.57 -25.32 -23.93
N ARG A 438 -10.61 -25.72 -23.09
CA ARG A 438 -9.21 -25.40 -23.31
C ARG A 438 -8.56 -26.57 -24.03
N PHE A 439 -7.89 -26.27 -25.14
CA PHE A 439 -7.29 -27.29 -25.97
C PHE A 439 -5.79 -27.01 -26.12
N GLN A 440 -4.98 -27.69 -25.30
CA GLN A 440 -3.52 -27.54 -25.28
C GLN A 440 -2.78 -28.88 -25.12
N PRO A 441 -2.89 -29.81 -26.11
CA PRO A 441 -2.17 -31.09 -25.97
C PRO A 441 -0.65 -30.91 -26.05
N PRO A 442 0.14 -31.91 -25.60
CA PRO A 442 1.58 -31.85 -25.89
C PRO A 442 1.82 -31.66 -27.40
N LEU A 443 2.82 -30.87 -27.77
CA LEU A 443 3.09 -30.59 -29.19
C LEU A 443 3.48 -31.85 -30.01
N VAL A 444 4.01 -32.85 -29.33
CA VAL A 444 4.42 -34.14 -29.93
C VAL A 444 3.27 -35.10 -30.22
N ILE A 445 2.03 -34.73 -29.85
CA ILE A 445 0.84 -35.61 -30.01
C ILE A 445 0.78 -36.20 -31.43
N PRO A 446 0.84 -37.54 -31.56
CA PRO A 446 0.77 -38.12 -32.90
C PRO A 446 -0.61 -37.87 -33.52
N ARG A 447 -0.66 -37.73 -34.84
CA ARG A 447 -1.90 -37.45 -35.56
C ARG A 447 -3.04 -38.41 -35.25
N GLU A 448 -2.74 -39.71 -35.14
CA GLU A 448 -3.74 -40.75 -34.85
C GLU A 448 -4.41 -40.51 -33.49
N GLN A 449 -3.62 -40.11 -32.50
CA GLN A 449 -4.13 -39.74 -31.18
C GLN A 449 -4.91 -38.42 -31.15
N LEU A 450 -4.46 -37.43 -31.92
CA LEU A 450 -5.17 -36.14 -32.03
C LEU A 450 -6.56 -36.37 -32.62
N ASP A 451 -6.61 -37.13 -33.72
CA ASP A 451 -7.87 -37.53 -34.39
C ASP A 451 -8.79 -38.31 -33.47
N GLN A 452 -8.23 -39.22 -32.69
CA GLN A 452 -8.96 -39.97 -31.67
C GLN A 452 -9.64 -39.04 -30.66
N ALA A 453 -8.89 -38.07 -30.12
CA ALA A 453 -9.42 -37.12 -29.14
C ALA A 453 -10.47 -36.21 -29.78
N LEU A 454 -10.20 -35.74 -31.00
CA LEU A 454 -11.15 -34.88 -31.73
C LEU A 454 -12.47 -35.59 -32.03
N GLN A 455 -12.42 -36.90 -32.29
CA GLN A 455 -13.65 -37.69 -32.48
C GLN A 455 -14.49 -37.79 -31.20
N VAL A 456 -13.83 -38.05 -30.07
CA VAL A 456 -14.49 -38.09 -28.76
C VAL A 456 -15.22 -36.77 -28.44
N LEU A 457 -14.58 -35.65 -28.77
CA LEU A 457 -15.17 -34.32 -28.58
C LEU A 457 -16.42 -34.08 -29.45
N ASP A 458 -16.35 -34.50 -30.71
CA ASP A 458 -17.49 -34.47 -31.64
C ASP A 458 -18.66 -35.31 -31.07
N ASP A 459 -18.35 -36.53 -30.64
CA ASP A 459 -19.31 -37.40 -29.91
C ASP A 459 -19.86 -36.72 -28.67
N ALA A 460 -18.97 -36.05 -27.92
CA ALA A 460 -19.37 -35.32 -26.71
C ALA A 460 -20.42 -34.26 -27.03
N PHE A 461 -20.18 -33.47 -28.08
CA PHE A 461 -21.12 -32.42 -28.50
C PHE A 461 -22.47 -33.01 -28.90
N THR A 462 -22.44 -34.13 -29.63
CA THR A 462 -23.68 -34.83 -30.03
C THR A 462 -24.45 -35.34 -28.80
N ALA A 463 -23.74 -35.96 -27.85
CA ALA A 463 -24.36 -36.50 -26.65
C ALA A 463 -24.94 -35.41 -25.75
N VAL A 464 -24.25 -34.26 -25.65
CA VAL A 464 -24.76 -33.15 -24.85
C VAL A 464 -26.05 -32.55 -25.44
N GLU A 465 -26.07 -32.40 -26.78
CA GLU A 465 -27.27 -32.00 -27.54
C GLU A 465 -28.48 -32.89 -27.28
N ASN A 466 -28.24 -34.21 -27.25
CA ASN A 466 -29.29 -35.21 -27.05
C ASN A 466 -29.69 -35.42 -25.59
N GLY A 467 -29.06 -34.66 -24.68
CA GLY A 467 -29.30 -34.75 -23.23
C GLY A 467 -28.84 -36.06 -22.58
N GLU A 468 -27.89 -36.74 -23.22
CA GLU A 468 -27.43 -38.08 -22.81
C GLU A 468 -26.32 -38.10 -21.74
N VAL A 469 -25.97 -36.92 -21.21
CA VAL A 469 -24.91 -36.79 -20.19
C VAL A 469 -25.50 -36.29 -18.87
N THR A 470 -25.30 -37.07 -17.80
CA THR A 470 -25.74 -36.70 -16.44
C THR A 470 -24.53 -36.57 -15.50
N ILE A 471 -24.45 -35.44 -14.80
CA ILE A 471 -23.33 -35.10 -13.91
C ILE A 471 -23.23 -36.05 -12.70
N ASN B 55 28.36 -13.38 -9.34
CA ASN B 55 28.94 -14.69 -8.90
C ASN B 55 30.01 -14.55 -7.80
N TYR B 56 29.80 -15.26 -6.69
CA TYR B 56 30.58 -15.10 -5.44
C TYR B 56 32.04 -15.56 -5.52
N TYR B 57 32.28 -16.72 -6.12
CA TYR B 57 33.61 -17.35 -6.16
C TYR B 57 34.36 -17.27 -7.50
N ASN B 58 33.63 -16.90 -8.56
CA ASN B 58 34.12 -16.87 -9.96
C ASN B 58 34.58 -18.23 -10.54
N LEU B 59 34.22 -19.31 -9.84
CA LEU B 59 34.60 -20.67 -10.22
C LEU B 59 33.38 -21.53 -10.60
N VAL B 60 33.64 -22.51 -11.47
CA VAL B 60 32.60 -23.40 -11.99
C VAL B 60 32.71 -24.78 -11.32
N ILE B 61 31.68 -25.18 -10.57
CA ILE B 61 31.60 -26.55 -10.02
C ILE B 61 31.27 -27.53 -11.13
N ASP B 62 32.02 -28.63 -11.18
CA ASP B 62 31.76 -29.71 -12.13
C ASP B 62 30.96 -30.85 -11.49
N HIS B 63 31.42 -31.34 -10.33
CA HIS B 63 30.70 -32.36 -9.57
C HIS B 63 30.94 -32.25 -8.06
N ALA B 64 30.13 -32.97 -7.28
CA ALA B 64 30.25 -32.97 -5.82
C ALA B 64 29.62 -34.21 -5.23
N HIS B 65 30.17 -34.62 -4.09
CA HIS B 65 29.65 -35.75 -3.32
C HIS B 65 29.97 -35.52 -1.84
N GLY B 66 29.00 -35.80 -0.97
CA GLY B 66 29.14 -35.57 0.48
C GLY B 66 29.38 -34.09 0.77
N ALA B 67 30.51 -33.80 1.43
CA ALA B 67 30.93 -32.42 1.74
C ALA B 67 32.09 -31.93 0.87
N THR B 68 32.34 -32.61 -0.25
CA THR B 68 33.44 -32.23 -1.13
C THR B 68 32.95 -31.79 -2.52
N LEU B 69 33.47 -30.65 -2.99
CA LEU B 69 33.12 -30.07 -4.27
C LEU B 69 34.33 -30.11 -5.18
N VAL B 70 34.11 -30.41 -6.45
CA VAL B 70 35.20 -30.45 -7.45
C VAL B 70 34.91 -29.47 -8.58
N ASP B 71 35.80 -28.51 -8.81
CA ASP B 71 35.67 -27.58 -9.94
C ASP B 71 36.08 -28.19 -11.29
N VAL B 72 35.91 -27.42 -12.37
CA VAL B 72 36.18 -27.87 -13.76
C VAL B 72 37.65 -28.21 -14.05
N ASP B 73 38.55 -27.66 -13.22
CA ASP B 73 39.99 -27.94 -13.31
C ASP B 73 40.43 -29.14 -12.46
N GLY B 74 39.53 -29.66 -11.64
CA GLY B 74 39.82 -30.81 -10.76
C GLY B 74 40.14 -30.54 -9.29
N ASN B 75 40.25 -29.26 -8.91
CA ASN B 75 40.50 -28.83 -7.52
C ASN B 75 39.36 -29.17 -6.55
N LYS B 76 39.72 -29.77 -5.42
CA LYS B 76 38.76 -30.21 -4.38
C LYS B 76 38.53 -29.11 -3.35
N TYR B 77 37.29 -29.00 -2.87
CA TYR B 77 36.97 -28.05 -1.80
C TYR B 77 36.08 -28.71 -0.76
N ILE B 78 36.33 -28.42 0.52
CA ILE B 78 35.45 -28.85 1.62
C ILE B 78 34.33 -27.80 1.76
N ASP B 79 33.08 -28.29 1.82
CA ASP B 79 31.88 -27.45 1.79
C ASP B 79 31.35 -27.13 3.20
N LEU B 80 31.54 -25.88 3.64
CA LEU B 80 30.99 -25.44 4.93
C LEU B 80 29.80 -24.48 4.73
N LEU B 81 29.28 -24.47 3.49
CA LEU B 81 28.14 -23.64 3.12
C LEU B 81 26.91 -24.51 2.85
N ALA B 82 27.10 -25.67 2.23
CA ALA B 82 26.01 -26.60 1.86
C ALA B 82 24.87 -25.90 1.09
N SER B 83 25.25 -25.03 0.16
CA SER B 83 24.34 -24.17 -0.62
C SER B 83 23.27 -23.51 0.28
N ALA B 84 23.76 -22.73 1.25
CA ALA B 84 22.96 -22.08 2.30
C ALA B 84 22.00 -23.06 3.02
N SER B 85 22.53 -24.24 3.36
CA SER B 85 21.79 -25.30 4.09
C SER B 85 20.71 -26.04 3.28
N ALA B 86 20.86 -26.02 1.96
CA ALA B 86 20.02 -26.82 1.06
C ALA B 86 20.50 -28.29 0.97
N ILE B 87 21.74 -28.54 1.40
CA ILE B 87 22.43 -29.83 1.17
C ILE B 87 22.76 -30.52 2.52
N ASN B 88 21.77 -30.65 3.39
CA ASN B 88 21.97 -31.29 4.72
C ASN B 88 22.46 -32.73 4.61
N VAL B 89 22.00 -33.40 3.57
CA VAL B 89 22.17 -34.83 3.43
C VAL B 89 23.44 -35.15 2.60
N GLY B 90 24.18 -34.09 2.26
CA GLY B 90 25.38 -34.19 1.44
C GLY B 90 25.06 -34.21 -0.04
N HIS B 91 26.05 -33.84 -0.84
CA HIS B 91 25.92 -33.76 -2.28
C HIS B 91 25.73 -35.12 -2.92
N THR B 92 24.94 -35.13 -3.99
CA THR B 92 24.66 -36.32 -4.81
C THR B 92 24.58 -37.61 -4.00
N HIS B 93 23.73 -37.60 -2.98
CA HIS B 93 23.56 -38.78 -2.14
C HIS B 93 22.93 -39.91 -2.95
N GLU B 94 23.58 -41.08 -2.91
CA GLU B 94 23.15 -42.29 -3.63
C GLU B 94 21.66 -42.63 -3.57
N LYS B 95 21.05 -42.56 -2.39
CA LYS B 95 19.61 -42.77 -2.24
C LYS B 95 18.76 -41.71 -2.96
N VAL B 96 19.26 -40.47 -3.04
CA VAL B 96 18.54 -39.33 -3.64
C VAL B 96 18.71 -39.30 -5.17
N VAL B 97 19.94 -39.50 -5.65
CA VAL B 97 20.26 -39.64 -7.08
C VAL B 97 19.38 -40.73 -7.70
N LYS B 98 19.26 -41.87 -7.02
CA LYS B 98 18.47 -43.01 -7.52
C LYS B 98 16.98 -42.69 -7.54
N ALA B 99 16.47 -42.07 -6.47
CA ALA B 99 15.08 -41.62 -6.43
C ALA B 99 14.73 -40.65 -7.56
N ILE B 100 15.66 -39.73 -7.88
CA ILE B 100 15.46 -38.75 -8.96
C ILE B 100 15.33 -39.48 -10.31
N ALA B 101 16.32 -40.32 -10.63
CA ALA B 101 16.39 -41.05 -11.90
C ALA B 101 15.19 -41.98 -12.09
N ASP B 102 14.82 -42.74 -11.06
CA ASP B 102 13.70 -43.71 -11.13
C ASP B 102 12.35 -43.03 -11.33
N GLN B 103 12.16 -41.87 -10.69
CA GLN B 103 10.92 -41.12 -10.90
C GLN B 103 10.83 -40.51 -12.30
N ALA B 104 11.92 -39.88 -12.75
CA ALA B 104 12.02 -39.27 -14.09
C ALA B 104 11.56 -40.20 -15.23
N GLN B 105 11.80 -41.51 -15.08
CA GLN B 105 11.36 -42.51 -16.06
C GLN B 105 9.85 -42.73 -16.07
N LYS B 106 9.21 -42.69 -14.89
CA LYS B 106 7.76 -42.84 -14.76
C LYS B 106 7.00 -41.57 -15.16
N LEU B 107 7.36 -40.44 -14.54
CA LEU B 107 6.62 -39.18 -14.71
C LEU B 107 7.50 -38.04 -14.25
N ILE B 108 7.81 -37.13 -15.18
CA ILE B 108 8.62 -35.95 -14.86
C ILE B 108 7.74 -34.96 -14.11
N HIS B 109 6.55 -34.71 -14.65
CA HIS B 109 5.61 -33.82 -14.01
C HIS B 109 4.16 -34.03 -14.41
N TYR B 110 3.28 -33.89 -13.41
CA TYR B 110 1.92 -33.46 -13.61
C TYR B 110 1.50 -32.66 -12.40
N THR B 111 0.83 -31.52 -12.66
CA THR B 111 0.34 -30.63 -11.61
C THR B 111 -0.61 -31.40 -10.70
N PRO B 112 -0.23 -31.57 -9.42
CA PRO B 112 -0.97 -32.44 -8.48
C PRO B 112 -2.35 -31.92 -8.10
N ALA B 113 -2.63 -30.65 -8.42
CA ALA B 113 -3.98 -30.09 -8.34
C ALA B 113 -4.99 -30.71 -9.35
N TYR B 114 -4.49 -31.30 -10.44
CA TYR B 114 -5.35 -31.99 -11.43
C TYR B 114 -5.45 -33.51 -11.20
N PHE B 115 -4.30 -34.13 -10.96
CA PHE B 115 -4.19 -35.56 -10.67
C PHE B 115 -3.23 -35.76 -9.52
N HIS B 116 -3.59 -36.62 -8.57
CA HIS B 116 -2.65 -37.09 -7.55
C HIS B 116 -1.53 -37.90 -8.19
N HIS B 117 -0.30 -37.74 -7.70
CA HIS B 117 0.75 -38.72 -7.94
C HIS B 117 1.22 -39.32 -6.62
N VAL B 118 1.73 -40.55 -6.66
CA VAL B 118 2.09 -41.30 -5.43
C VAL B 118 3.17 -40.61 -4.55
N PRO B 119 4.33 -40.20 -5.13
CA PRO B 119 5.34 -39.54 -4.26
C PRO B 119 4.83 -38.29 -3.54
N GLY B 120 4.03 -37.46 -4.24
CA GLY B 120 3.35 -36.31 -3.64
C GLY B 120 2.42 -36.67 -2.50
N MET B 121 1.73 -37.80 -2.65
CA MET B 121 0.78 -38.26 -1.62
C MET B 121 1.48 -38.77 -0.36
N GLU B 122 2.55 -39.55 -0.56
CA GLU B 122 3.35 -40.08 0.54
C GLU B 122 4.02 -38.95 1.29
N LEU B 123 4.62 -38.02 0.55
CA LEU B 123 5.35 -36.88 1.14
C LEU B 123 4.45 -35.97 1.97
N SER B 124 3.25 -35.72 1.46
CA SER B 124 2.22 -34.97 2.17
C SER B 124 1.87 -35.60 3.53
N GLU B 125 1.69 -36.92 3.54
CA GLU B 125 1.45 -37.68 4.78
C GLU B 125 2.63 -37.66 5.73
N LYS B 126 3.84 -37.84 5.21
CA LYS B 126 5.06 -37.85 6.00
C LYS B 126 5.40 -36.47 6.61
N LEU B 127 5.15 -35.40 5.86
CA LEU B 127 5.40 -34.04 6.38
C LEU B 127 4.40 -33.68 7.49
N ALA B 128 3.13 -34.03 7.30
CA ALA B 128 2.08 -33.83 8.31
C ALA B 128 2.37 -34.59 9.62
N LYS B 129 3.06 -35.74 9.49
CA LYS B 129 3.44 -36.62 10.60
C LYS B 129 4.63 -36.09 11.43
N ILE B 130 5.71 -35.71 10.76
CA ILE B 130 6.97 -35.30 11.43
C ILE B 130 7.03 -33.82 11.87
N ALA B 131 6.01 -33.04 11.48
CA ALA B 131 5.88 -31.65 11.92
C ALA B 131 5.68 -31.56 13.44
N PRO B 132 6.19 -30.48 14.10
CA PRO B 132 6.10 -30.39 15.57
C PRO B 132 4.66 -30.30 16.07
N GLY B 133 4.42 -30.91 17.25
CA GLY B 133 3.12 -30.84 17.91
C GLY B 133 2.16 -31.94 17.48
N ASN B 134 1.02 -32.03 18.15
CA ASN B 134 0.11 -33.16 17.99
C ASN B 134 -1.25 -32.85 17.39
N SER B 135 -1.48 -31.57 17.06
CA SER B 135 -2.67 -31.18 16.31
C SER B 135 -2.63 -31.71 14.88
N PRO B 136 -3.80 -32.13 14.34
CA PRO B 136 -3.88 -32.52 12.91
C PRO B 136 -3.33 -31.43 11.99
N LYS B 137 -2.50 -31.80 11.03
CA LYS B 137 -1.92 -30.85 10.09
C LYS B 137 -2.39 -31.07 8.65
N MET B 138 -2.23 -30.05 7.82
CA MET B 138 -2.31 -30.18 6.36
C MET B 138 -1.09 -29.53 5.71
N VAL B 139 -0.66 -30.06 4.58
CA VAL B 139 0.47 -29.47 3.87
C VAL B 139 0.08 -28.92 2.49
N SER B 140 0.69 -27.79 2.15
CA SER B 140 0.51 -27.16 0.85
C SER B 140 1.91 -26.98 0.29
N PHE B 141 2.15 -27.53 -0.89
CA PHE B 141 3.46 -27.50 -1.54
C PHE B 141 3.70 -26.22 -2.35
N GLY B 142 4.96 -25.79 -2.37
CA GLY B 142 5.43 -24.72 -3.25
C GLY B 142 6.74 -25.13 -3.91
N ASN B 143 7.42 -24.15 -4.51
CA ASN B 143 8.73 -24.38 -5.16
C ASN B 143 9.94 -23.92 -4.34
N SER B 144 9.73 -22.87 -3.53
CA SER B 144 10.78 -22.17 -2.80
C SER B 144 10.26 -21.73 -1.43
N GLY B 145 11.18 -21.49 -0.50
CA GLY B 145 10.87 -20.90 0.79
C GLY B 145 10.14 -19.57 0.65
N SER B 146 10.54 -18.76 -0.34
CA SER B 146 9.86 -17.49 -0.67
C SER B 146 8.35 -17.66 -0.85
N ASP B 147 7.94 -18.64 -1.65
CA ASP B 147 6.52 -18.78 -1.94
C ASP B 147 5.76 -19.43 -0.77
N ALA B 148 6.45 -20.24 0.03
CA ALA B 148 5.86 -20.80 1.24
C ALA B 148 5.57 -19.67 2.25
N ASN B 149 6.49 -18.72 2.36
CA ASN B 149 6.28 -17.58 3.25
C ASN B 149 5.22 -16.61 2.73
N ASP B 150 5.15 -16.42 1.41
CA ASP B 150 4.04 -15.69 0.79
C ASP B 150 2.72 -16.38 1.14
N ALA B 151 2.71 -17.73 1.10
CA ALA B 151 1.52 -18.54 1.41
C ALA B 151 1.10 -18.41 2.88
N ILE B 152 2.09 -18.38 3.79
CA ILE B 152 1.83 -18.13 5.21
C ILE B 152 1.02 -16.84 5.41
N ILE B 153 1.46 -15.73 4.81
CA ILE B 153 0.70 -14.48 4.86
C ILE B 153 -0.75 -14.71 4.40
N LYS B 154 -0.91 -15.41 3.28
CA LYS B 154 -2.24 -15.65 2.71
C LYS B 154 -3.13 -16.45 3.66
N PHE B 155 -2.62 -17.59 4.15
CA PHE B 155 -3.37 -18.45 5.08
C PHE B 155 -3.76 -17.71 6.36
N ALA B 156 -2.83 -16.91 6.91
CA ALA B 156 -3.08 -16.19 8.16
C ALA B 156 -4.14 -15.11 7.99
N ARG B 157 -4.07 -14.35 6.89
CA ARG B 157 -5.05 -13.30 6.64
C ARG B 157 -6.43 -13.91 6.36
N ALA B 158 -6.45 -15.02 5.64
CA ALA B 158 -7.72 -15.69 5.27
C ALA B 158 -8.39 -16.37 6.46
N TYR B 159 -7.61 -17.05 7.30
CA TYR B 159 -8.15 -17.70 8.49
C TYR B 159 -8.61 -16.70 9.56
N THR B 160 -7.86 -15.62 9.76
CA THR B 160 -8.19 -14.69 10.83
C THR B 160 -9.13 -13.56 10.41
N GLY B 161 -9.18 -13.26 9.11
CA GLY B 161 -9.91 -12.07 8.62
C GLY B 161 -9.22 -10.77 9.02
N ARG B 162 -7.96 -10.83 9.42
CA ARG B 162 -7.17 -9.64 9.81
C ARG B 162 -6.05 -9.41 8.80
N GLN B 163 -5.46 -8.20 8.80
CA GLN B 163 -4.55 -7.74 7.76
C GLN B 163 -3.06 -7.72 8.11
N TYR B 164 -2.73 -7.34 9.35
CA TYR B 164 -1.35 -7.05 9.71
C TYR B 164 -0.50 -8.28 9.94
N ILE B 165 0.75 -8.19 9.48
CA ILE B 165 1.76 -9.24 9.67
C ILE B 165 2.95 -8.62 10.42
N VAL B 166 3.41 -9.32 11.45
CA VAL B 166 4.59 -8.91 12.22
C VAL B 166 5.71 -9.89 11.92
N SER B 167 6.86 -9.34 11.55
CA SER B 167 8.07 -10.11 11.32
C SER B 167 9.22 -9.34 11.94
N TYR B 168 10.44 -9.85 11.76
CA TYR B 168 11.57 -9.40 12.54
C TYR B 168 12.65 -8.73 11.74
N MET B 169 13.20 -7.68 12.32
CA MET B 169 14.47 -7.14 11.83
C MET B 169 15.54 -8.24 11.91
N GLY B 170 16.40 -8.27 10.90
CA GLY B 170 17.42 -9.31 10.74
C GLY B 170 16.93 -10.61 10.10
N SER B 171 15.63 -10.71 9.86
CA SER B 171 15.06 -11.96 9.30
C SER B 171 15.29 -12.06 7.80
N TYR B 172 15.24 -13.28 7.29
CA TYR B 172 15.17 -13.48 5.87
C TYR B 172 14.10 -14.51 5.57
N HIS B 173 13.15 -14.13 4.71
CA HIS B 173 12.02 -15.02 4.40
C HIS B 173 11.84 -15.28 2.91
N GLY B 174 12.58 -14.53 2.09
CA GLY B 174 12.61 -14.78 0.64
C GLY B 174 12.53 -13.57 -0.27
N SER B 175 12.38 -13.84 -1.56
CA SER B 175 12.53 -12.81 -2.61
C SER B 175 11.31 -12.54 -3.51
N THR B 176 10.17 -13.09 -3.13
CA THR B 176 8.89 -12.73 -3.75
C THR B 176 8.35 -11.50 -2.99
N TYR B 177 7.41 -10.74 -3.57
CA TYR B 177 6.98 -9.48 -2.93
C TYR B 177 6.45 -9.58 -1.50
N GLY B 178 5.78 -10.69 -1.17
CA GLY B 178 5.31 -10.93 0.19
C GLY B 178 6.43 -11.19 1.17
N SER B 179 7.12 -12.31 0.97
CA SER B 179 8.23 -12.75 1.82
C SER B 179 9.38 -11.72 1.89
N GLN B 180 9.63 -11.03 0.78
CA GLN B 180 10.62 -9.96 0.80
C GLN B 180 10.25 -8.74 1.65
N THR B 181 8.96 -8.40 1.73
CA THR B 181 8.50 -7.34 2.65
C THR B 181 8.76 -7.72 4.11
N LEU B 182 8.50 -8.99 4.44
CA LEU B 182 8.68 -9.49 5.80
C LEU B 182 10.13 -9.51 6.24
N SER B 183 11.02 -9.79 5.29
CA SER B 183 12.47 -9.84 5.52
C SER B 183 13.02 -8.56 6.14
N GLY B 184 14.11 -8.71 6.88
CA GLY B 184 14.81 -7.59 7.50
C GLY B 184 16.34 -7.73 7.49
N SER B 185 16.88 -8.46 6.52
CA SER B 185 18.34 -8.59 6.34
C SER B 185 18.84 -7.47 5.45
N SER B 186 19.82 -6.71 5.93
CA SER B 186 20.47 -5.65 5.13
C SER B 186 20.92 -6.19 3.76
N LEU B 187 21.48 -7.41 3.78
CA LEU B 187 21.92 -8.16 2.60
C LEU B 187 20.82 -8.31 1.52
N ASN B 188 19.55 -8.31 1.96
CA ASN B 188 18.40 -8.46 1.06
C ASN B 188 17.46 -7.23 0.96
N MET B 189 18.01 -6.04 1.28
CA MET B 189 17.27 -4.77 1.18
C MET B 189 16.46 -4.63 -0.11
N THR B 190 15.28 -4.03 0.06
CA THR B 190 14.32 -3.74 -0.99
C THR B 190 14.53 -2.34 -1.62
N ARG B 191 15.77 -2.03 -1.94
CA ARG B 191 16.07 -0.80 -2.68
C ARG B 191 15.43 -0.83 -4.07
N LYS B 192 14.89 0.31 -4.50
CA LYS B 192 14.36 0.55 -5.86
C LYS B 192 13.09 -0.22 -6.26
N ILE B 193 12.64 -1.17 -5.42
CA ILE B 193 11.57 -2.12 -5.81
C ILE B 193 10.20 -1.86 -5.16
N GLY B 194 10.14 -0.87 -4.27
CA GLY B 194 8.91 -0.48 -3.59
C GLY B 194 7.87 0.24 -4.47
N PRO B 195 6.65 0.44 -3.96
CA PRO B 195 6.22 0.10 -2.59
C PRO B 195 6.02 -1.41 -2.36
N MET B 196 6.22 -1.83 -1.12
CA MET B 196 6.16 -3.25 -0.76
C MET B 196 4.75 -3.64 -0.31
N LEU B 197 4.58 -4.85 0.21
CA LEU B 197 3.27 -5.31 0.68
C LEU B 197 2.86 -4.48 1.90
N PRO B 198 1.64 -3.90 1.88
CA PRO B 198 1.16 -3.06 2.98
C PRO B 198 0.82 -3.86 4.22
N SER B 199 0.84 -3.17 5.37
CA SER B 199 0.41 -3.69 6.69
C SER B 199 1.36 -4.78 7.23
N VAL B 200 2.65 -4.47 7.17
CA VAL B 200 3.73 -5.30 7.69
C VAL B 200 4.53 -4.44 8.69
N VAL B 201 4.65 -4.92 9.92
CA VAL B 201 5.43 -4.23 10.96
C VAL B 201 6.63 -5.09 11.34
N HIS B 202 7.80 -4.46 11.45
CA HIS B 202 9.01 -5.18 11.88
C HIS B 202 9.32 -4.87 13.34
N VAL B 203 9.68 -5.92 14.09
CA VAL B 203 10.13 -5.75 15.49
C VAL B 203 11.56 -6.27 15.65
N PRO B 204 12.33 -5.75 16.64
CA PRO B 204 13.71 -6.23 16.78
C PRO B 204 13.81 -7.67 17.32
N TYR B 205 14.80 -8.41 16.83
CA TYR B 205 15.03 -9.78 17.30
C TYR B 205 16.05 -9.76 18.45
N PRO B 206 15.82 -10.58 19.50
CA PRO B 206 16.72 -10.55 20.67
C PRO B 206 18.19 -10.78 20.31
N ASP B 207 19.03 -9.83 20.72
CA ASP B 207 20.47 -9.87 20.50
C ASP B 207 21.10 -10.21 21.86
N SER B 208 21.72 -11.39 21.95
CA SER B 208 22.36 -11.84 23.19
C SER B 208 23.87 -11.56 23.27
N TYR B 209 24.43 -10.89 22.24
CA TYR B 209 25.85 -10.58 22.25
C TYR B 209 26.13 -9.11 22.62
N ARG B 210 25.52 -8.19 21.88
CA ARG B 210 25.71 -6.76 22.19
C ARG B 210 24.63 -6.27 23.16
N THR B 211 24.85 -6.56 24.43
CA THR B 211 23.87 -6.31 25.50
C THR B 211 24.32 -5.14 26.36
N TYR B 212 23.41 -4.61 27.18
CA TYR B 212 23.76 -3.58 28.16
C TYR B 212 24.52 -4.19 29.37
N PRO B 213 25.46 -3.42 29.99
CA PRO B 213 26.28 -3.94 31.11
C PRO B 213 25.44 -4.61 32.22
N GLY B 214 25.83 -5.82 32.60
CA GLY B 214 25.13 -6.59 33.64
C GLY B 214 23.79 -7.21 33.26
N GLU B 215 23.40 -7.15 31.98
CA GLU B 215 22.15 -7.79 31.50
C GLU B 215 22.29 -9.30 31.47
N THR B 216 21.30 -9.99 32.05
CA THR B 216 21.22 -11.44 32.02
C THR B 216 20.32 -11.87 30.85
N GLU B 217 20.25 -13.18 30.59
CA GLU B 217 19.32 -13.74 29.62
C GLU B 217 17.86 -13.33 29.89
N HIS B 218 17.51 -13.34 31.17
CA HIS B 218 16.23 -12.84 31.65
C HIS B 218 16.01 -11.37 31.29
N ASP B 219 16.96 -10.50 31.63
CA ASP B 219 16.86 -9.06 31.29
C ASP B 219 16.72 -8.85 29.77
N VAL B 220 17.46 -9.63 28.98
CA VAL B 220 17.42 -9.55 27.52
C VAL B 220 16.01 -9.92 27.03
N SER B 221 15.50 -11.05 27.51
CA SER B 221 14.14 -11.53 27.17
C SER B 221 13.08 -10.49 27.48
N LEU B 222 13.16 -9.88 28.66
CA LEU B 222 12.18 -8.85 29.07
C LEU B 222 12.29 -7.55 28.25
N ARG B 223 13.52 -7.08 27.99
CA ARG B 223 13.70 -5.85 27.19
C ARG B 223 13.18 -6.05 25.77
N TYR B 224 13.57 -7.13 25.12
CA TYR B 224 13.08 -7.41 23.76
C TYR B 224 11.58 -7.67 23.67
N PHE B 225 11.00 -8.26 24.73
CA PHE B 225 9.56 -8.42 24.76
C PHE B 225 8.86 -7.07 24.93
N ASN B 226 9.44 -6.19 25.75
CA ASN B 226 8.97 -4.81 25.85
C ASN B 226 8.97 -4.08 24.48
N GLU B 227 10.03 -4.27 23.68
CA GLU B 227 10.09 -3.71 22.32
C GLU B 227 9.00 -4.31 21.44
N PHE B 228 8.80 -5.62 21.52
CA PHE B 228 7.73 -6.34 20.78
C PHE B 228 6.35 -5.70 20.98
N LYS B 229 6.07 -5.29 22.23
CA LYS B 229 4.76 -4.77 22.62
C LYS B 229 4.54 -3.32 22.25
N LYS B 230 5.62 -2.55 22.14
CA LYS B 230 5.53 -1.11 21.86
C LYS B 230 4.62 -0.77 20.65
N PRO B 231 4.76 -1.48 19.50
CA PRO B 231 3.83 -1.11 18.42
C PRO B 231 2.36 -1.43 18.72
N PHE B 232 2.12 -2.55 19.39
CA PHE B 232 0.79 -2.93 19.88
C PHE B 232 0.16 -1.98 20.90
N GLU B 233 1.00 -1.19 21.58
CA GLU B 233 0.52 -0.20 22.55
C GLU B 233 0.53 1.21 21.95
N SER B 234 0.75 1.31 20.63
CA SER B 234 0.76 2.62 19.99
C SER B 234 -0.12 2.72 18.75
N PHE B 235 0.19 1.95 17.70
CA PHE B 235 -0.50 2.12 16.42
C PHE B 235 -1.02 0.81 15.83
N LEU B 236 -0.50 -0.31 16.32
CA LEU B 236 -0.84 -1.62 15.77
C LEU B 236 -1.87 -2.35 16.65
N PRO B 237 -3.12 -2.49 16.18
CA PRO B 237 -4.09 -3.23 16.99
C PRO B 237 -3.80 -4.73 16.95
N ALA B 238 -3.58 -5.32 18.12
CA ALA B 238 -3.42 -6.78 18.24
C ALA B 238 -4.55 -7.55 17.56
N ASP B 239 -5.78 -7.05 17.74
CA ASP B 239 -7.00 -7.67 17.19
C ASP B 239 -7.13 -7.53 15.66
N GLU B 240 -6.21 -6.78 15.05
CA GLU B 240 -6.14 -6.70 13.59
C GLU B 240 -4.84 -7.25 13.01
N THR B 241 -4.09 -7.98 13.82
CA THR B 241 -2.89 -8.64 13.30
C THR B 241 -3.10 -10.13 13.15
N ALA B 242 -2.84 -10.61 11.93
CA ALA B 242 -3.11 -11.96 11.51
C ALA B 242 -2.07 -12.94 12.03
N CYS B 243 -0.83 -12.47 12.08
CA CYS B 243 0.31 -13.37 12.21
C CYS B 243 1.57 -12.71 12.74
N VAL B 244 2.34 -13.48 13.52
CA VAL B 244 3.75 -13.19 13.84
C VAL B 244 4.54 -14.33 13.21
N LEU B 245 5.51 -13.97 12.37
CA LEU B 245 6.39 -14.94 11.71
C LEU B 245 7.79 -14.78 12.24
N ILE B 246 8.34 -15.87 12.76
CA ILE B 246 9.64 -15.86 13.43
C ILE B 246 10.53 -17.02 13.01
N GLU B 247 11.81 -16.73 12.82
CA GLU B 247 12.83 -17.77 12.75
C GLU B 247 13.20 -18.15 14.19
N PRO B 248 12.99 -19.43 14.59
CA PRO B 248 13.41 -19.84 15.95
C PRO B 248 14.89 -19.54 16.20
N ILE B 249 15.70 -19.70 15.15
CA ILE B 249 17.07 -19.20 15.11
C ILE B 249 17.19 -18.47 13.78
N GLN B 250 17.62 -17.20 13.79
CA GLN B 250 17.79 -16.45 12.55
C GLN B 250 19.03 -16.93 11.83
N GLY B 251 18.87 -17.34 10.57
CA GLY B 251 19.97 -17.83 9.76
C GLY B 251 20.83 -16.70 9.20
N ASP B 252 20.27 -16.01 8.20
CA ASP B 252 20.91 -14.86 7.58
C ASP B 252 21.21 -13.70 8.54
N GLY B 253 20.48 -13.63 9.66
CA GLY B 253 20.74 -12.66 10.73
C GLY B 253 22.05 -12.88 11.50
N GLY B 254 22.61 -14.08 11.40
CA GLY B 254 23.95 -14.37 11.92
C GLY B 254 24.00 -15.53 12.90
N ILE B 255 23.03 -16.44 12.79
CA ILE B 255 22.83 -17.59 13.69
C ILE B 255 22.58 -17.03 15.10
N ILE B 256 21.43 -16.37 15.24
CA ILE B 256 21.02 -15.72 16.48
C ILE B 256 19.80 -16.48 16.98
N LYS B 257 19.87 -16.98 18.22
CA LYS B 257 18.76 -17.71 18.81
C LYS B 257 18.03 -16.85 19.85
N ALA B 258 16.71 -16.75 19.70
CA ALA B 258 15.87 -16.15 20.72
C ALA B 258 15.98 -16.96 22.03
N PRO B 259 16.12 -16.26 23.18
CA PRO B 259 16.09 -16.98 24.46
C PRO B 259 14.72 -17.61 24.71
N GLU B 260 14.73 -18.74 25.41
CA GLU B 260 13.51 -19.49 25.76
C GLU B 260 12.40 -18.59 26.29
N GLU B 261 12.73 -17.73 27.25
CA GLU B 261 11.75 -16.90 27.92
C GLU B 261 11.10 -15.88 26.97
N TYR B 262 11.91 -15.26 26.10
CA TYR B 262 11.35 -14.37 25.07
C TYR B 262 10.36 -15.13 24.19
N MET B 263 10.74 -16.31 23.73
CA MET B 263 9.89 -17.10 22.84
C MET B 263 8.55 -17.48 23.48
N GLN B 264 8.58 -17.84 24.77
CA GLN B 264 7.36 -18.18 25.50
C GLN B 264 6.46 -16.97 25.65
N LEU B 265 7.05 -15.80 25.91
CA LEU B 265 6.28 -14.55 25.97
C LEU B 265 5.53 -14.24 24.66
N VAL B 266 6.24 -14.31 23.52
CA VAL B 266 5.64 -14.05 22.19
C VAL B 266 4.54 -15.07 21.86
N TYR B 267 4.84 -16.34 22.11
CA TYR B 267 3.88 -17.46 21.94
C TYR B 267 2.59 -17.24 22.73
N LYS B 268 2.73 -16.87 24.00
CA LYS B 268 1.59 -16.60 24.88
C LYS B 268 0.79 -15.39 24.43
N PHE B 269 1.50 -14.32 24.05
CA PHE B 269 0.89 -13.10 23.53
C PHE B 269 0.04 -13.41 22.30
N CYS B 270 0.58 -14.22 21.39
CA CYS B 270 -0.14 -14.62 20.17
C CYS B 270 -1.43 -15.36 20.49
N HIS B 271 -1.35 -16.37 21.36
CA HIS B 271 -2.53 -17.14 21.78
C HIS B 271 -3.59 -16.27 22.48
N GLU B 272 -3.17 -15.36 23.36
CA GLU B 272 -4.10 -14.48 24.10
C GLU B 272 -4.84 -13.43 23.25
N HIS B 273 -4.31 -13.13 22.07
CA HIS B 273 -4.89 -12.12 21.19
C HIS B 273 -5.48 -12.69 19.90
N GLY B 274 -5.42 -14.01 19.74
CA GLY B 274 -5.91 -14.70 18.54
C GLY B 274 -5.05 -14.48 17.29
N ILE B 275 -3.79 -14.09 17.51
CA ILE B 275 -2.78 -13.93 16.45
C ILE B 275 -2.18 -15.28 16.18
N LEU B 276 -2.07 -15.67 14.92
CA LEU B 276 -1.39 -16.92 14.57
C LEU B 276 0.12 -16.81 14.81
N PHE B 277 0.67 -17.88 15.38
CA PHE B 277 2.10 -17.97 15.61
C PHE B 277 2.70 -18.85 14.50
N ALA B 278 3.44 -18.20 13.60
CA ALA B 278 4.11 -18.88 12.49
C ALA B 278 5.63 -18.93 12.61
N ILE B 279 6.19 -20.04 12.14
CA ILE B 279 7.65 -20.20 12.15
C ILE B 279 8.20 -20.48 10.76
N ASP B 280 9.42 -19.99 10.54
CA ASP B 280 10.14 -20.23 9.32
C ASP B 280 11.30 -21.21 9.63
N GLU B 281 11.20 -22.42 9.08
CA GLU B 281 12.20 -23.48 9.31
C GLU B 281 12.98 -23.81 8.05
N VAL B 282 12.96 -22.90 7.08
CA VAL B 282 13.55 -23.15 5.75
C VAL B 282 15.08 -23.32 5.85
N ASN B 283 15.74 -22.53 6.71
CA ASN B 283 17.18 -22.66 6.90
C ASN B 283 17.51 -23.58 8.07
N GLN B 284 16.68 -23.56 9.11
CA GLN B 284 17.06 -24.16 10.39
C GLN B 284 16.38 -25.49 10.67
N GLY B 285 15.54 -25.95 9.75
CA GLY B 285 14.82 -27.21 9.94
C GLY B 285 15.65 -28.40 9.50
N LEU B 286 15.00 -29.56 9.49
CA LEU B 286 15.58 -30.82 8.97
C LEU B 286 16.94 -31.20 9.58
N GLY B 287 17.01 -31.14 10.90
CA GLY B 287 18.21 -31.60 11.63
C GLY B 287 19.35 -30.61 11.73
N ARG B 288 19.25 -29.45 11.10
CA ARG B 288 20.33 -28.47 11.10
C ARG B 288 20.77 -28.09 12.52
N THR B 289 19.81 -27.96 13.44
CA THR B 289 20.11 -27.53 14.81
C THR B 289 20.43 -28.65 15.80
N GLY B 290 20.28 -29.90 15.38
CA GLY B 290 20.43 -31.05 16.28
C GLY B 290 19.11 -31.51 16.91
N LYS B 291 18.03 -30.81 16.57
CA LYS B 291 16.66 -31.33 16.70
C LYS B 291 16.12 -31.38 15.26
N MET B 292 14.98 -32.02 15.05
CA MET B 292 14.40 -32.09 13.71
C MET B 292 14.04 -30.67 13.24
N TRP B 293 13.38 -29.92 14.13
CA TRP B 293 12.99 -28.54 13.87
C TRP B 293 13.58 -27.64 14.93
N ALA B 294 14.01 -26.45 14.51
CA ALA B 294 14.60 -25.46 15.41
C ALA B 294 13.64 -25.08 16.54
N ILE B 295 12.33 -25.05 16.25
CA ILE B 295 11.32 -24.73 17.27
C ILE B 295 11.31 -25.76 18.42
N GLN B 296 11.83 -26.96 18.15
CA GLN B 296 11.93 -28.02 19.16
C GLN B 296 13.06 -27.76 20.16
N GLN B 297 13.91 -26.76 19.88
CA GLN B 297 14.86 -26.21 20.86
C GLN B 297 14.14 -25.48 22.02
N PHE B 298 12.84 -25.24 21.85
CA PHE B 298 12.03 -24.56 22.85
C PHE B 298 11.01 -25.52 23.44
N LYS B 299 10.49 -25.17 24.62
CA LYS B 299 9.56 -26.04 25.33
C LYS B 299 8.11 -25.92 24.85
N ASP B 300 7.57 -27.05 24.36
CA ASP B 300 6.13 -27.20 24.04
C ASP B 300 5.53 -26.07 23.18
N ILE B 301 6.18 -25.75 22.06
CA ILE B 301 5.61 -24.78 21.11
C ILE B 301 5.15 -25.49 19.84
N GLU B 302 3.84 -25.44 19.59
CA GLU B 302 3.29 -25.89 18.32
C GLU B 302 2.84 -24.69 17.48
N PRO B 303 3.50 -24.43 16.34
CA PRO B 303 3.14 -23.28 15.50
C PRO B 303 1.84 -23.53 14.75
N ASP B 304 1.11 -22.47 14.46
CA ASP B 304 -0.09 -22.58 13.61
C ASP B 304 0.30 -22.86 12.15
N LEU B 305 1.46 -22.34 11.76
CA LEU B 305 1.96 -22.38 10.39
C LEU B 305 3.48 -22.50 10.44
N MET B 306 4.03 -23.31 9.55
CA MET B 306 5.47 -23.50 9.43
C MET B 306 5.90 -23.61 7.96
N SER B 307 6.87 -22.78 7.57
CA SER B 307 7.48 -22.95 6.24
C SER B 307 8.71 -23.83 6.29
N VAL B 308 8.84 -24.64 5.24
CA VAL B 308 9.88 -25.66 5.11
C VAL B 308 10.37 -25.55 3.67
N GLY B 309 11.69 -25.72 3.47
CA GLY B 309 12.28 -25.70 2.12
C GLY B 309 13.75 -26.06 2.13
N LYS B 310 14.51 -25.45 1.21
CA LYS B 310 15.97 -25.65 1.02
C LYS B 310 16.45 -27.12 1.03
N SER B 311 16.64 -27.71 2.21
CA SER B 311 17.07 -29.10 2.30
C SER B 311 16.00 -30.14 2.04
N LEU B 312 14.75 -29.70 1.94
CA LEU B 312 13.58 -30.58 1.82
C LEU B 312 13.75 -31.63 0.73
N ALA B 313 14.27 -31.22 -0.43
CA ALA B 313 14.48 -32.15 -1.54
C ALA B 313 15.93 -32.10 -2.05
N SER B 314 16.88 -32.05 -1.12
CA SER B 314 18.33 -31.97 -1.44
C SER B 314 18.73 -30.85 -2.41
N GLY B 315 17.94 -29.76 -2.43
CA GLY B 315 18.20 -28.64 -3.31
C GLY B 315 17.41 -28.62 -4.61
N MET B 316 16.61 -29.67 -4.86
CA MET B 316 15.58 -29.65 -5.91
C MET B 316 14.52 -28.64 -5.49
N PRO B 317 13.90 -27.92 -6.45
CA PRO B 317 12.97 -26.89 -5.97
C PRO B 317 11.68 -27.47 -5.41
N LEU B 318 11.58 -27.48 -4.09
CA LEU B 318 10.38 -27.93 -3.40
C LEU B 318 10.28 -27.24 -2.05
N SER B 319 9.06 -26.84 -1.70
CA SER B 319 8.79 -26.23 -0.41
C SER B 319 7.45 -26.67 0.10
N ALA B 320 7.17 -26.37 1.38
CA ALA B 320 5.87 -26.62 1.99
C ALA B 320 5.53 -25.62 3.09
N VAL B 321 4.24 -25.31 3.20
CA VAL B 321 3.64 -24.78 4.43
C VAL B 321 2.96 -25.97 5.11
N ILE B 322 3.34 -26.22 6.36
CA ILE B 322 2.66 -27.22 7.19
C ILE B 322 1.94 -26.44 8.27
N GLY B 323 0.61 -26.59 8.30
CA GLY B 323 -0.20 -25.84 9.25
C GLY B 323 -1.28 -26.67 9.92
N LYS B 324 -1.80 -26.16 11.03
CA LYS B 324 -2.97 -26.74 11.69
C LYS B 324 -4.13 -26.82 10.68
N LYS B 325 -4.80 -27.96 10.69
CA LYS B 325 -5.85 -28.31 9.72
C LYS B 325 -6.87 -27.19 9.42
N GLU B 326 -7.49 -26.62 10.45
CA GLU B 326 -8.51 -25.56 10.30
C GLU B 326 -7.97 -24.26 9.68
N VAL B 327 -6.69 -23.98 9.91
CA VAL B 327 -6.02 -22.83 9.32
C VAL B 327 -5.82 -23.06 7.81
N MET B 328 -5.34 -24.26 7.45
CA MET B 328 -5.02 -24.60 6.06
C MET B 328 -6.26 -24.68 5.15
N GLN B 329 -7.42 -24.97 5.72
CA GLN B 329 -8.68 -25.09 4.98
C GLN B 329 -9.24 -23.75 4.49
N SER B 330 -8.81 -22.64 5.12
CA SER B 330 -9.21 -21.29 4.73
C SER B 330 -8.88 -20.93 3.26
N LEU B 331 -7.78 -21.48 2.73
CA LEU B 331 -7.39 -21.34 1.32
C LEU B 331 -7.26 -22.68 0.59
N ASP B 332 -7.44 -22.64 -0.74
CA ASP B 332 -7.90 -23.81 -1.49
C ASP B 332 -7.01 -24.33 -2.64
N ALA B 333 -6.85 -23.53 -3.70
CA ALA B 333 -6.63 -23.98 -5.10
C ALA B 333 -8.02 -24.22 -5.78
N PRO B 334 -8.26 -23.70 -6.99
CA PRO B 334 -7.24 -23.07 -7.87
C PRO B 334 -6.85 -21.64 -7.52
N ALA B 335 -7.44 -21.07 -6.47
CA ALA B 335 -7.09 -19.73 -5.96
C ALA B 335 -5.61 -19.59 -5.62
N HIS B 336 -5.08 -20.53 -4.84
CA HIS B 336 -3.64 -20.59 -4.51
C HIS B 336 -3.03 -21.89 -5.04
N LEU B 337 -2.11 -21.75 -5.99
CA LEU B 337 -1.52 -22.88 -6.71
C LEU B 337 -0.29 -22.46 -7.50
N PHE B 338 0.75 -23.29 -7.46
CA PHE B 338 1.85 -23.19 -8.40
C PHE B 338 1.86 -24.43 -9.29
N THR B 339 2.04 -24.22 -10.59
CA THR B 339 2.04 -25.29 -11.59
C THR B 339 3.06 -26.41 -11.31
N THR B 340 4.30 -26.04 -11.00
CA THR B 340 5.40 -27.03 -10.83
C THR B 340 5.71 -27.40 -9.36
N ALA B 341 4.89 -26.89 -8.43
CA ALA B 341 5.02 -27.21 -7.00
C ALA B 341 4.58 -28.65 -6.73
N GLY B 342 5.29 -29.33 -5.83
CA GLY B 342 5.02 -30.75 -5.56
C GLY B 342 5.26 -31.59 -6.81
N ASN B 343 6.26 -31.21 -7.59
CA ASN B 343 6.73 -31.98 -8.75
C ASN B 343 7.11 -33.39 -8.25
N PRO B 344 6.72 -34.44 -9.01
CA PRO B 344 6.97 -35.82 -8.55
C PRO B 344 8.44 -36.23 -8.43
N VAL B 345 9.30 -35.73 -9.33
CA VAL B 345 10.75 -35.97 -9.26
C VAL B 345 11.30 -35.31 -7.99
N CYS B 346 10.91 -34.04 -7.77
CA CYS B 346 11.22 -33.31 -6.54
C CYS B 346 10.68 -34.00 -5.28
N SER B 347 9.44 -34.48 -5.33
CA SER B 347 8.79 -35.20 -4.21
C SER B 347 9.51 -36.50 -3.87
N ALA B 348 9.93 -37.22 -4.90
CA ALA B 348 10.71 -38.46 -4.73
C ALA B 348 12.05 -38.15 -4.08
N ALA B 349 12.71 -37.10 -4.55
CA ALA B 349 13.99 -36.66 -3.97
C ALA B 349 13.83 -36.34 -2.49
N SER B 350 12.73 -35.68 -2.14
CA SER B 350 12.44 -35.32 -0.75
C SER B 350 12.16 -36.52 0.15
N LEU B 351 11.37 -37.48 -0.34
CA LEU B 351 11.15 -38.75 0.37
C LEU B 351 12.47 -39.46 0.70
N ALA B 352 13.38 -39.49 -0.28
CA ALA B 352 14.71 -40.07 -0.11
C ALA B 352 15.61 -39.28 0.83
N THR B 353 15.55 -37.94 0.82
CA THR B 353 16.40 -37.17 1.75
C THR B 353 15.94 -37.29 3.21
N LEU B 354 14.61 -37.27 3.40
CA LEU B 354 13.96 -37.52 4.69
C LEU B 354 14.33 -38.90 5.24
N ASP B 355 14.38 -39.88 4.35
CA ASP B 355 14.80 -41.22 4.68
C ASP B 355 16.24 -41.26 5.16
N VAL B 356 17.13 -40.57 4.44
CA VAL B 356 18.54 -40.49 4.83
C VAL B 356 18.73 -39.82 6.21
N ILE B 357 18.00 -38.74 6.47
CA ILE B 357 18.02 -38.07 7.79
C ILE B 357 17.72 -39.06 8.94
N GLU B 358 16.65 -39.83 8.80
CA GLU B 358 16.30 -40.87 9.76
C GLU B 358 17.34 -42.00 9.82
N TYR B 359 17.61 -42.63 8.67
CA TYR B 359 18.47 -43.83 8.56
C TYR B 359 19.93 -43.60 8.98
N GLU B 360 20.51 -42.48 8.58
CA GLU B 360 21.88 -42.13 8.98
C GLU B 360 21.96 -41.40 10.34
N GLY B 361 20.80 -41.21 10.99
CA GLY B 361 20.70 -40.52 12.29
C GLY B 361 21.36 -39.15 12.27
N LEU B 362 20.99 -38.33 11.28
CA LEU B 362 21.64 -37.05 11.07
C LEU B 362 21.26 -35.95 12.07
N VAL B 363 20.11 -36.10 12.73
CA VAL B 363 19.66 -35.18 13.79
C VAL B 363 20.62 -35.27 14.98
N GLU B 364 20.87 -36.51 15.41
CA GLU B 364 21.81 -36.81 16.50
C GLU B 364 23.22 -36.44 16.09
N LYS B 365 23.62 -36.77 14.85
CA LYS B 365 24.96 -36.43 14.36
C LYS B 365 25.21 -34.91 14.37
N SER B 366 24.20 -34.12 14.00
CA SER B 366 24.35 -32.67 14.00
C SER B 366 24.51 -32.14 15.43
N ALA B 367 23.73 -32.71 16.37
CA ALA B 367 23.79 -32.33 17.78
C ALA B 367 25.16 -32.62 18.38
N THR B 368 25.74 -33.78 18.08
CA THR B 368 27.02 -34.16 18.70
C THR B 368 28.25 -33.58 17.96
N ASP B 369 28.21 -33.49 16.63
CA ASP B 369 29.27 -32.76 15.90
C ASP B 369 29.24 -31.25 16.20
N GLY B 370 28.04 -30.70 16.39
CA GLY B 370 27.87 -29.28 16.72
C GLY B 370 28.40 -28.91 18.09
N ALA B 371 28.12 -29.76 19.08
CA ALA B 371 28.68 -29.62 20.43
C ALA B 371 30.21 -29.71 20.38
N TYR B 372 30.72 -30.60 19.52
CA TYR B 372 32.15 -30.72 19.27
C TYR B 372 32.73 -29.48 18.59
N ALA B 373 32.06 -29.01 17.53
CA ALA B 373 32.51 -27.82 16.80
C ALA B 373 32.52 -26.58 17.71
N LYS B 374 31.52 -26.47 18.59
CA LYS B 374 31.48 -25.36 19.55
C LYS B 374 32.73 -25.34 20.44
N GLN B 375 33.12 -26.51 20.94
CA GLN B 375 34.36 -26.67 21.74
C GLN B 375 35.61 -26.26 20.99
N ARG B 376 35.74 -26.73 19.75
CA ARG B 376 36.85 -26.35 18.89
C ARG B 376 36.94 -24.84 18.65
N PHE B 377 35.81 -24.21 18.33
CA PHE B 377 35.77 -22.75 18.15
C PHE B 377 36.00 -21.95 19.42
N LEU B 378 35.43 -22.43 20.54
CA LEU B 378 35.72 -21.89 21.87
C LEU B 378 37.20 -21.99 22.23
N GLU B 379 37.83 -23.09 21.83
CA GLU B 379 39.26 -23.26 22.03
C GLU B 379 40.03 -22.32 21.13
N MET B 380 39.62 -22.19 19.86
CA MET B 380 40.19 -21.18 18.96
C MET B 380 40.05 -19.74 19.51
N GLN B 381 38.89 -19.44 20.10
CA GLN B 381 38.63 -18.11 20.68
C GLN B 381 39.66 -17.74 21.75
N GLN B 382 40.09 -18.75 22.53
CA GLN B 382 41.08 -18.57 23.60
C GLN B 382 42.41 -18.06 23.04
N ARG B 383 42.85 -18.64 21.92
CA ARG B 383 44.08 -18.23 21.27
C ARG B 383 43.89 -17.05 20.31
N HIS B 384 42.67 -16.87 19.80
CA HIS B 384 42.38 -15.83 18.80
C HIS B 384 41.31 -14.84 19.31
N PRO B 385 41.74 -13.75 19.97
CA PRO B 385 40.78 -12.77 20.52
C PRO B 385 39.88 -12.01 19.50
N MET B 386 40.22 -12.06 18.21
CA MET B 386 39.36 -11.53 17.14
C MET B 386 37.99 -12.23 17.08
N ILE B 387 37.90 -13.47 17.57
CA ILE B 387 36.62 -14.15 17.73
C ILE B 387 35.90 -13.56 18.95
N GLY B 388 34.85 -12.77 18.69
CA GLY B 388 34.07 -12.15 19.74
C GLY B 388 33.02 -13.08 20.34
N ASP B 389 32.39 -13.88 19.51
CA ASP B 389 31.26 -14.70 19.94
C ASP B 389 31.25 -15.99 19.16
N VAL B 390 30.93 -17.09 19.85
CA VAL B 390 30.74 -18.39 19.21
C VAL B 390 29.31 -18.83 19.51
N ARG B 391 28.49 -18.86 18.46
CA ARG B 391 27.11 -19.31 18.58
C ARG B 391 27.00 -20.60 17.79
N MET B 392 26.41 -21.63 18.40
CA MET B 392 26.40 -22.96 17.80
C MET B 392 25.27 -23.79 18.41
N TRP B 393 24.36 -24.23 17.55
CA TRP B 393 23.27 -25.11 17.94
C TRP B 393 23.17 -26.11 16.80
N GLY B 394 23.72 -27.30 17.01
CA GLY B 394 23.95 -28.28 15.95
C GLY B 394 25.14 -27.91 15.08
N LEU B 395 25.28 -28.60 13.95
CA LEU B 395 26.33 -28.22 12.99
C LEU B 395 25.92 -26.94 12.27
N ASN B 396 25.92 -25.85 13.03
CA ASN B 396 25.13 -24.69 12.68
C ASN B 396 25.62 -23.51 13.52
N GLY B 397 26.58 -22.77 12.97
CA GLY B 397 27.28 -21.79 13.78
C GLY B 397 27.50 -20.41 13.19
N GLY B 398 27.59 -19.44 14.08
CA GLY B 398 27.97 -18.08 13.71
C GLY B 398 29.17 -17.75 14.56
N ILE B 399 30.30 -17.49 13.89
CA ILE B 399 31.55 -17.16 14.57
C ILE B 399 31.78 -15.69 14.26
N GLU B 400 31.53 -14.85 15.25
CA GLU B 400 31.50 -13.42 15.05
C GLU B 400 32.84 -12.78 15.35
N LEU B 401 33.34 -12.03 14.37
CA LEU B 401 34.65 -11.42 14.42
C LEU B 401 34.56 -9.95 14.77
N VAL B 402 35.35 -9.53 15.77
CA VAL B 402 35.35 -8.15 16.28
C VAL B 402 36.76 -7.54 16.38
N LYS B 403 36.84 -6.21 16.35
CA LYS B 403 38.09 -5.45 16.46
C LYS B 403 38.66 -5.50 17.87
N ASP B 404 37.77 -5.56 18.86
CA ASP B 404 38.12 -5.58 20.29
C ASP B 404 37.04 -6.32 21.10
N PRO B 405 37.45 -7.17 22.07
CA PRO B 405 36.51 -7.94 22.91
C PRO B 405 35.51 -7.11 23.75
N LYS B 406 35.89 -5.89 24.13
CA LYS B 406 35.04 -5.04 24.97
C LYS B 406 34.14 -4.08 24.17
N THR B 407 34.68 -3.50 23.10
CA THR B 407 33.89 -2.64 22.22
C THR B 407 32.93 -3.47 21.35
N LYS B 408 33.34 -4.70 21.00
CA LYS B 408 32.60 -5.60 20.10
C LYS B 408 32.32 -4.98 18.71
N GLU B 409 33.16 -4.02 18.30
CA GLU B 409 33.04 -3.38 16.99
C GLU B 409 33.23 -4.44 15.90
N PRO B 410 32.26 -4.58 14.96
CA PRO B 410 32.38 -5.61 13.90
C PRO B 410 33.65 -5.45 13.06
N ASP B 411 34.28 -6.57 12.73
CA ASP B 411 35.50 -6.55 11.90
C ASP B 411 35.27 -7.33 10.60
N SER B 412 34.63 -6.64 9.65
CA SER B 412 34.34 -7.20 8.32
C SER B 412 35.59 -7.51 7.49
N ASP B 413 36.58 -6.63 7.59
CA ASP B 413 37.87 -6.81 6.91
C ASP B 413 38.57 -8.11 7.32
N ALA B 414 38.67 -8.37 8.63
CA ALA B 414 39.18 -9.65 9.15
C ALA B 414 38.37 -10.86 8.63
N ALA B 415 37.05 -10.74 8.65
CA ALA B 415 36.16 -11.79 8.15
C ALA B 415 36.35 -12.13 6.68
N THR B 416 36.42 -11.12 5.79
CA THR B 416 36.63 -11.36 4.36
C THR B 416 38.02 -11.95 4.08
N LYS B 417 39.02 -11.50 4.83
CA LYS B 417 40.36 -12.07 4.78
C LYS B 417 40.42 -13.55 5.19
N VAL B 418 39.64 -13.94 6.20
CA VAL B 418 39.54 -15.35 6.63
C VAL B 418 38.93 -16.21 5.53
N ILE B 419 37.86 -15.71 4.93
CA ILE B 419 37.15 -16.34 3.80
C ILE B 419 38.11 -16.57 2.63
N TYR B 420 38.84 -15.51 2.26
CA TYR B 420 39.79 -15.56 1.17
C TYR B 420 40.91 -16.58 1.43
N TYR B 421 41.47 -16.58 2.64
CA TYR B 421 42.51 -17.55 3.01
C TYR B 421 41.95 -18.98 2.91
N ALA B 422 40.79 -19.20 3.53
CA ALA B 422 40.14 -20.53 3.54
C ALA B 422 39.91 -21.05 2.12
N PHE B 423 39.36 -20.20 1.26
CA PHE B 423 39.16 -20.53 -0.15
C PHE B 423 40.47 -20.95 -0.86
N ALA B 424 41.54 -20.18 -0.64
CA ALA B 424 42.90 -20.45 -1.15
C ALA B 424 43.50 -21.77 -0.64
N HIS B 425 43.00 -22.26 0.49
CA HIS B 425 43.42 -23.56 1.05
C HIS B 425 42.31 -24.63 1.03
N GLY B 426 41.40 -24.53 0.06
CA GLY B 426 40.42 -25.59 -0.20
C GLY B 426 39.24 -25.74 0.74
N VAL B 427 38.84 -24.66 1.42
CA VAL B 427 37.54 -24.68 2.11
C VAL B 427 36.61 -23.54 1.71
N VAL B 428 35.34 -23.91 1.50
CA VAL B 428 34.28 -23.02 1.10
C VAL B 428 33.50 -22.57 2.34
N ILE B 429 33.53 -21.26 2.60
CA ILE B 429 32.84 -20.66 3.73
C ILE B 429 32.56 -19.20 3.33
N ILE B 430 31.42 -18.68 3.76
CA ILE B 430 31.04 -17.29 3.48
C ILE B 430 30.79 -16.54 4.79
N THR B 431 30.57 -15.23 4.67
CA THR B 431 30.17 -14.42 5.82
C THR B 431 28.68 -14.01 5.78
N LEU B 432 28.20 -13.60 6.94
CA LEU B 432 26.89 -12.98 7.13
C LEU B 432 27.06 -11.66 7.85
N ALA B 433 26.23 -10.67 7.51
CA ALA B 433 26.26 -9.33 8.13
C ALA B 433 27.65 -8.66 8.15
N GLY B 434 28.49 -9.01 7.18
CA GLY B 434 29.85 -8.48 7.09
C GLY B 434 30.92 -9.21 7.90
N ASN B 435 30.65 -9.49 9.17
CA ASN B 435 31.70 -9.95 10.11
C ASN B 435 31.50 -11.32 10.77
N ILE B 436 30.50 -12.08 10.32
CA ILE B 436 30.14 -13.34 10.98
C ILE B 436 30.42 -14.48 10.03
N LEU B 437 31.29 -15.38 10.44
CA LEU B 437 31.59 -16.57 9.64
C LEU B 437 30.44 -17.53 9.81
N ARG B 438 29.89 -18.00 8.71
CA ARG B 438 28.78 -18.94 8.81
C ARG B 438 29.20 -20.37 8.56
N PHE B 439 28.78 -21.23 9.47
CA PHE B 439 29.28 -22.58 9.56
C PHE B 439 28.09 -23.51 9.44
N GLN B 440 27.86 -24.00 8.23
CA GLN B 440 26.74 -24.90 7.97
C GLN B 440 27.13 -26.01 6.98
N PRO B 441 28.09 -26.90 7.35
CA PRO B 441 28.45 -27.96 6.42
C PRO B 441 27.31 -28.98 6.27
N PRO B 442 27.31 -29.83 5.22
CA PRO B 442 26.35 -30.95 5.21
C PRO B 442 26.40 -31.75 6.52
N LEU B 443 25.26 -32.25 6.99
CA LEU B 443 25.24 -33.00 8.24
C LEU B 443 26.05 -34.31 8.18
N VAL B 444 26.31 -34.80 6.96
CA VAL B 444 27.08 -36.03 6.71
C VAL B 444 28.60 -35.84 6.75
N ILE B 445 29.08 -34.59 6.84
CA ILE B 445 30.52 -34.31 6.83
C ILE B 445 31.30 -35.32 7.72
N PRO B 446 32.27 -36.07 7.13
CA PRO B 446 33.04 -37.03 7.95
C PRO B 446 33.97 -36.28 8.89
N ARG B 447 34.10 -36.81 10.11
CA ARG B 447 34.94 -36.19 11.15
C ARG B 447 36.32 -35.75 10.65
N GLU B 448 36.97 -36.60 9.86
CA GLU B 448 38.28 -36.28 9.29
C GLU B 448 38.29 -34.99 8.46
N GLN B 449 37.25 -34.79 7.66
CA GLN B 449 37.10 -33.60 6.81
C GLN B 449 36.80 -32.34 7.61
N LEU B 450 35.88 -32.46 8.57
CA LEU B 450 35.57 -31.40 9.53
C LEU B 450 36.86 -30.88 10.19
N ASP B 451 37.64 -31.82 10.75
CA ASP B 451 38.93 -31.48 11.39
C ASP B 451 39.88 -30.80 10.44
N GLN B 452 39.93 -31.30 9.21
CA GLN B 452 40.72 -30.68 8.15
C GLN B 452 40.28 -29.22 7.91
N ALA B 453 38.97 -28.99 7.82
CA ALA B 453 38.43 -27.64 7.57
C ALA B 453 38.64 -26.71 8.77
N LEU B 454 38.45 -27.26 9.98
CA LEU B 454 38.65 -26.51 11.24
C LEU B 454 40.07 -26.08 11.45
N GLN B 455 41.03 -26.94 11.08
CA GLN B 455 42.46 -26.58 11.06
C GLN B 455 42.79 -25.46 10.06
N VAL B 456 42.19 -25.51 8.86
CA VAL B 456 42.38 -24.41 7.88
C VAL B 456 41.89 -23.08 8.46
N LEU B 457 40.74 -23.12 9.12
CA LEU B 457 40.16 -21.93 9.78
C LEU B 457 41.07 -21.40 10.88
N ASP B 458 41.56 -22.32 11.71
CA ASP B 458 42.56 -22.01 12.73
C ASP B 458 43.80 -21.29 12.14
N ASP B 459 44.37 -21.86 11.08
CA ASP B 459 45.49 -21.25 10.33
C ASP B 459 45.11 -19.89 9.72
N ALA B 460 43.87 -19.76 9.25
CA ALA B 460 43.35 -18.50 8.72
C ALA B 460 43.36 -17.39 9.77
N PHE B 461 42.89 -17.70 10.98
CA PHE B 461 42.93 -16.73 12.08
C PHE B 461 44.37 -16.29 12.35
N THR B 462 45.28 -17.27 12.43
CA THR B 462 46.71 -17.03 12.61
C THR B 462 47.31 -16.09 11.53
N ALA B 463 47.00 -16.38 10.26
CA ALA B 463 47.52 -15.61 9.13
C ALA B 463 46.99 -14.18 9.08
N VAL B 464 45.69 -14.00 9.32
CA VAL B 464 45.08 -12.67 9.38
C VAL B 464 45.68 -11.83 10.52
N GLU B 465 45.85 -12.44 11.70
CA GLU B 465 46.53 -11.81 12.86
C GLU B 465 47.90 -11.23 12.51
N ASN B 466 48.69 -12.00 11.77
CA ASN B 466 50.06 -11.61 11.40
C ASN B 466 50.14 -10.64 10.20
N GLY B 467 48.98 -10.34 9.60
CA GLY B 467 48.90 -9.47 8.41
C GLY B 467 49.37 -10.10 7.10
N GLU B 468 49.26 -11.43 7.03
CA GLU B 468 49.76 -12.20 5.88
C GLU B 468 48.77 -12.31 4.73
N VAL B 469 47.52 -11.93 4.97
CA VAL B 469 46.47 -11.99 3.96
C VAL B 469 46.20 -10.59 3.41
N THR B 470 46.34 -10.46 2.09
CA THR B 470 45.88 -9.28 1.34
C THR B 470 45.00 -9.77 0.18
N ILE B 471 43.90 -9.04 -0.04
CA ILE B 471 42.80 -9.45 -0.95
C ILE B 471 43.24 -9.61 -2.42
N ASN C 55 -16.77 14.71 24.84
CA ASN C 55 -17.29 15.21 26.13
C ASN C 55 -16.82 14.40 27.33
N TYR C 56 -16.56 15.10 28.43
CA TYR C 56 -16.22 14.47 29.71
C TYR C 56 -17.33 14.67 30.74
N TYR C 57 -18.07 15.77 30.61
CA TYR C 57 -19.09 16.21 31.58
C TYR C 57 -20.22 17.07 30.97
N ASN C 58 -20.51 16.84 29.68
CA ASN C 58 -21.67 17.41 28.96
C ASN C 58 -21.84 18.94 28.97
N LEU C 59 -20.72 19.66 29.11
CA LEU C 59 -20.72 21.12 29.24
C LEU C 59 -20.99 21.83 27.91
N VAL C 60 -21.95 22.76 27.94
CA VAL C 60 -22.25 23.62 26.80
C VAL C 60 -21.75 25.04 27.07
N ILE C 61 -20.72 25.44 26.34
CA ILE C 61 -20.12 26.78 26.49
C ILE C 61 -20.99 27.80 25.77
N ASP C 62 -21.34 28.88 26.48
CA ASP C 62 -22.07 30.01 25.90
C ASP C 62 -21.11 31.11 25.45
N HIS C 63 -20.24 31.56 26.35
CA HIS C 63 -19.20 32.54 26.01
C HIS C 63 -17.91 32.32 26.82
N ALA C 64 -16.83 32.97 26.40
CA ALA C 64 -15.55 32.89 27.11
C ALA C 64 -14.69 34.11 26.83
N HIS C 65 -13.88 34.47 27.83
CA HIS C 65 -12.87 35.51 27.67
C HIS C 65 -11.64 35.19 28.49
N GLY C 66 -10.46 35.45 27.92
CA GLY C 66 -9.18 35.10 28.55
C GLY C 66 -9.10 33.61 28.85
N ALA C 67 -8.85 33.28 30.11
CA ALA C 67 -8.82 31.90 30.56
C ALA C 67 -10.11 31.47 31.27
N THR C 68 -11.19 32.24 31.10
CA THR C 68 -12.47 31.94 31.77
C THR C 68 -13.60 31.56 30.80
N LEU C 69 -14.16 30.37 31.02
CA LEU C 69 -15.30 29.83 30.25
C LEU C 69 -16.59 30.01 31.03
N VAL C 70 -17.64 30.44 30.33
CA VAL C 70 -18.97 30.58 30.93
C VAL C 70 -19.96 29.69 30.19
N ASP C 71 -20.57 28.74 30.91
CA ASP C 71 -21.58 27.85 30.32
C ASP C 71 -22.92 28.57 30.03
N VAL C 72 -23.83 27.87 29.34
CA VAL C 72 -25.16 28.40 28.98
C VAL C 72 -25.98 28.91 30.18
N ASP C 73 -25.78 28.26 31.34
CA ASP C 73 -26.43 28.56 32.63
C ASP C 73 -25.83 29.76 33.40
N GLY C 74 -24.56 30.07 33.14
CA GLY C 74 -23.87 31.19 33.81
C GLY C 74 -22.75 30.81 34.77
N ASN C 75 -22.42 29.52 34.85
CA ASN C 75 -21.33 29.01 35.69
C ASN C 75 -19.95 29.24 35.07
N LYS C 76 -18.97 29.54 35.93
CA LYS C 76 -17.63 29.97 35.47
C LYS C 76 -16.55 28.91 35.66
N TYR C 77 -15.69 28.76 34.65
CA TYR C 77 -14.59 27.78 34.70
C TYR C 77 -13.25 28.36 34.30
N ILE C 78 -12.19 27.96 35.01
CA ILE C 78 -10.82 28.30 34.63
C ILE C 78 -10.33 27.26 33.61
N ASP C 79 -9.91 27.74 32.45
CA ASP C 79 -9.53 26.88 31.33
C ASP C 79 -8.05 26.47 31.42
N LEU C 80 -7.78 25.22 31.76
CA LEU C 80 -6.40 24.70 31.75
C LEU C 80 -6.12 23.80 30.55
N LEU C 81 -7.02 23.85 29.57
CA LEU C 81 -6.92 23.06 28.35
C LEU C 81 -6.62 23.94 27.12
N ALA C 82 -7.15 25.17 27.11
CA ALA C 82 -7.08 26.09 25.97
C ALA C 82 -7.44 25.42 24.63
N SER C 83 -8.44 24.54 24.67
CA SER C 83 -8.93 23.80 23.52
C SER C 83 -7.77 23.05 22.82
N ALA C 84 -7.06 22.27 23.64
CA ALA C 84 -5.86 21.48 23.24
C ALA C 84 -4.74 22.37 22.67
N SER C 85 -4.55 23.52 23.32
CA SER C 85 -3.53 24.54 22.98
C SER C 85 -3.80 25.34 21.69
N ALA C 86 -5.08 25.46 21.34
CA ALA C 86 -5.53 26.33 20.26
C ALA C 86 -5.81 27.77 20.71
N ILE C 87 -5.86 27.99 22.02
CA ILE C 87 -6.26 29.28 22.56
C ILE C 87 -5.10 29.90 23.39
N ASN C 88 -3.90 29.91 22.83
CA ASN C 88 -2.72 30.46 23.52
C ASN C 88 -2.92 31.92 23.95
N VAL C 89 -3.71 32.63 23.16
CA VAL C 89 -3.92 34.07 23.24
C VAL C 89 -5.15 34.42 24.12
N GLY C 90 -5.76 33.40 24.72
CA GLY C 90 -6.99 33.58 25.49
C GLY C 90 -8.23 33.71 24.62
N HIS C 91 -9.39 33.42 25.21
CA HIS C 91 -10.65 33.46 24.48
C HIS C 91 -11.07 34.88 24.17
N THR C 92 -11.63 35.04 22.97
CA THR C 92 -12.16 36.30 22.46
C THR C 92 -11.27 37.52 22.73
N HIS C 93 -9.98 37.39 22.39
CA HIS C 93 -9.08 38.51 22.54
C HIS C 93 -9.53 39.64 21.63
N GLU C 94 -9.75 40.79 22.27
CA GLU C 94 -10.29 41.99 21.64
C GLU C 94 -9.72 42.29 20.23
N LYS C 95 -8.41 42.09 20.05
CA LYS C 95 -7.76 42.39 18.76
C LYS C 95 -8.10 41.38 17.66
N VAL C 96 -8.31 40.13 18.07
CA VAL C 96 -8.67 39.03 17.16
C VAL C 96 -10.14 39.18 16.73
N VAL C 97 -11.04 39.44 17.69
CA VAL C 97 -12.47 39.69 17.42
C VAL C 97 -12.62 40.80 16.38
N LYS C 98 -11.97 41.95 16.63
CA LYS C 98 -12.01 43.11 15.74
C LYS C 98 -11.46 42.77 14.33
N ALA C 99 -10.35 42.03 14.28
CA ALA C 99 -9.77 41.59 13.02
C ALA C 99 -10.73 40.67 12.24
N ILE C 100 -11.38 39.74 12.94
CA ILE C 100 -12.39 38.87 12.34
C ILE C 100 -13.56 39.72 11.78
N ALA C 101 -14.11 40.58 12.65
CA ALA C 101 -15.24 41.44 12.29
C ALA C 101 -14.95 42.35 11.09
N ASP C 102 -13.85 43.12 11.17
CA ASP C 102 -13.44 44.02 10.07
C ASP C 102 -13.20 43.31 8.73
N GLN C 103 -12.57 42.15 8.76
CA GLN C 103 -12.28 41.44 7.51
C GLN C 103 -13.55 40.88 6.88
N ALA C 104 -14.44 40.29 7.70
CA ALA C 104 -15.70 39.71 7.23
C ALA C 104 -16.56 40.72 6.45
N GLN C 105 -16.46 41.98 6.85
CA GLN C 105 -17.15 43.10 6.19
C GLN C 105 -16.66 43.37 4.76
N LYS C 106 -15.40 43.02 4.50
CA LYS C 106 -14.76 43.24 3.20
C LYS C 106 -14.79 42.03 2.27
N LEU C 107 -14.33 40.88 2.76
CA LEU C 107 -14.29 39.65 1.98
C LEU C 107 -14.27 38.47 2.93
N ILE C 108 -15.33 37.67 2.90
CA ILE C 108 -15.39 36.44 3.71
C ILE C 108 -14.42 35.40 3.14
N HIS C 109 -14.43 35.23 1.82
CA HIS C 109 -13.55 34.27 1.17
C HIS C 109 -13.34 34.48 -0.32
N TYR C 110 -12.11 34.27 -0.74
CA TYR C 110 -11.80 33.86 -2.10
C TYR C 110 -10.58 32.99 -2.01
N THR C 111 -10.63 31.83 -2.66
CA THR C 111 -9.49 30.92 -2.73
C THR C 111 -8.25 31.65 -3.23
N PRO C 112 -7.22 31.78 -2.35
CA PRO C 112 -6.03 32.59 -2.68
C PRO C 112 -5.24 32.08 -3.90
N ALA C 113 -5.52 30.85 -4.36
CA ALA C 113 -4.95 30.32 -5.61
C ALA C 113 -5.45 31.04 -6.89
N TYR C 114 -6.64 31.64 -6.83
CA TYR C 114 -7.19 32.39 -7.98
C TYR C 114 -6.92 33.91 -7.92
N PHE C 115 -7.06 34.48 -6.72
CA PHE C 115 -6.74 35.89 -6.46
C PHE C 115 -6.04 35.99 -5.12
N HIS C 116 -4.98 36.80 -5.05
CA HIS C 116 -4.38 37.14 -3.77
C HIS C 116 -5.33 38.03 -2.97
N HIS C 117 -5.33 37.86 -1.65
CA HIS C 117 -5.86 38.88 -0.76
C HIS C 117 -4.75 39.39 0.19
N VAL C 118 -4.90 40.61 0.70
CA VAL C 118 -3.88 41.26 1.55
C VAL C 118 -3.53 40.48 2.84
N PRO C 119 -4.55 40.02 3.61
CA PRO C 119 -4.23 39.27 4.83
C PRO C 119 -3.36 38.03 4.59
N GLY C 120 -3.64 37.29 3.50
CA GLY C 120 -2.88 36.09 3.15
C GLY C 120 -1.44 36.37 2.73
N MET C 121 -1.26 37.42 1.92
CA MET C 121 0.06 37.92 1.53
C MET C 121 0.89 38.35 2.73
N GLU C 122 0.30 39.16 3.61
CA GLU C 122 0.96 39.63 4.85
C GLU C 122 1.30 38.48 5.80
N LEU C 123 0.38 37.52 5.97
CA LEU C 123 0.62 36.39 6.85
C LEU C 123 1.71 35.45 6.33
N SER C 124 1.74 35.23 5.01
CA SER C 124 2.73 34.41 4.35
C SER C 124 4.16 34.95 4.53
N GLU C 125 4.32 36.26 4.37
CA GLU C 125 5.59 36.93 4.63
C GLU C 125 6.07 36.81 6.08
N LYS C 126 5.14 37.05 7.02
CA LYS C 126 5.41 37.04 8.46
C LYS C 126 5.77 35.65 9.01
N LEU C 127 5.04 34.64 8.54
CA LEU C 127 5.28 33.27 8.99
C LEU C 127 6.64 32.77 8.51
N ALA C 128 6.99 33.14 7.28
CA ALA C 128 8.33 32.92 6.71
C ALA C 128 9.45 33.53 7.58
N LYS C 129 9.21 34.74 8.10
CA LYS C 129 10.14 35.45 9.02
C LYS C 129 10.33 34.82 10.41
N ILE C 130 9.22 34.47 11.09
CA ILE C 130 9.28 34.04 12.50
C ILE C 130 9.61 32.54 12.68
N ALA C 131 9.61 31.80 11.58
CA ALA C 131 9.97 30.37 11.59
C ALA C 131 11.43 30.19 12.06
N PRO C 132 11.75 29.04 12.69
CA PRO C 132 13.12 28.90 13.18
C PRO C 132 14.16 28.82 12.06
N GLY C 133 15.35 29.37 12.32
CA GLY C 133 16.50 29.33 11.40
C GLY C 133 16.53 30.46 10.40
N ASN C 134 17.63 30.53 9.64
CA ASN C 134 17.90 31.65 8.71
C ASN C 134 17.78 31.35 7.21
N SER C 135 17.58 30.07 6.84
CA SER C 135 17.34 29.72 5.43
C SER C 135 16.06 30.36 4.91
N PRO C 136 16.07 30.83 3.65
CA PRO C 136 14.83 31.36 3.05
C PRO C 136 13.69 30.32 3.09
N LYS C 137 12.50 30.77 3.46
CA LYS C 137 11.33 29.89 3.65
C LYS C 137 10.19 30.24 2.70
N MET C 138 9.34 29.25 2.42
CA MET C 138 8.03 29.50 1.82
C MET C 138 6.93 28.88 2.69
N VAL C 139 5.70 29.37 2.54
CA VAL C 139 4.58 28.83 3.30
C VAL C 139 3.43 28.35 2.44
N SER C 140 2.85 27.23 2.86
CA SER C 140 1.67 26.67 2.21
C SER C 140 0.56 26.55 3.27
N PHE C 141 -0.59 27.16 2.99
CA PHE C 141 -1.70 27.14 3.92
C PHE C 141 -2.59 25.90 3.78
N GLY C 142 -3.11 25.45 4.91
CA GLY C 142 -4.18 24.45 4.97
C GLY C 142 -5.27 24.91 5.94
N ASN C 143 -6.19 24.01 6.26
CA ASN C 143 -7.21 24.28 7.28
C ASN C 143 -6.89 23.76 8.68
N SER C 144 -6.16 22.65 8.74
CA SER C 144 -5.94 21.91 9.97
C SER C 144 -4.50 21.42 10.06
N GLY C 145 -4.06 21.13 11.29
CA GLY C 145 -2.78 20.46 11.52
C GLY C 145 -2.68 19.14 10.74
N SER C 146 -3.79 18.40 10.69
CA SER C 146 -3.91 17.15 9.94
C SER C 146 -3.48 17.34 8.49
N ASP C 147 -4.09 18.30 7.80
CA ASP C 147 -3.76 18.51 6.39
C ASP C 147 -2.36 19.06 6.18
N ALA C 148 -1.82 19.77 7.17
CA ALA C 148 -0.43 20.24 7.10
C ALA C 148 0.55 19.05 7.17
N ASN C 149 0.28 18.07 8.03
CA ASN C 149 1.12 16.88 8.08
C ASN C 149 0.96 15.97 6.88
N ASP C 150 -0.22 15.97 6.26
CA ASP C 150 -0.40 15.29 4.96
C ASP C 150 0.49 15.97 3.91
N ALA C 151 0.52 17.30 3.95
CA ALA C 151 1.30 18.10 3.02
C ALA C 151 2.81 17.88 3.19
N ILE C 152 3.24 17.78 4.45
CA ILE C 152 4.64 17.45 4.80
C ILE C 152 5.11 16.16 4.10
N ILE C 153 4.26 15.12 4.13
CA ILE C 153 4.52 13.86 3.41
C ILE C 153 4.69 14.16 1.92
N LYS C 154 3.78 14.96 1.36
CA LYS C 154 3.80 15.27 -0.05
C LYS C 154 5.07 16.03 -0.44
N PHE C 155 5.37 17.09 0.30
CA PHE C 155 6.52 17.95 0.03
C PHE C 155 7.80 17.13 0.10
N ALA C 156 7.92 16.28 1.13
CA ALA C 156 9.11 15.46 1.34
C ALA C 156 9.30 14.42 0.25
N ARG C 157 8.23 13.71 -0.12
CA ARG C 157 8.30 12.75 -1.22
C ARG C 157 8.66 13.42 -2.54
N ALA C 158 8.00 14.55 -2.84
CA ALA C 158 8.19 15.24 -4.12
C ALA C 158 9.60 15.80 -4.25
N TYR C 159 10.10 16.46 -3.20
CA TYR C 159 11.47 17.01 -3.21
C TYR C 159 12.58 15.95 -3.26
N THR C 160 12.47 14.93 -2.41
CA THR C 160 13.54 13.93 -2.32
C THR C 160 13.48 12.86 -3.45
N GLY C 161 12.30 12.65 -4.02
CA GLY C 161 12.04 11.51 -4.90
C GLY C 161 12.04 10.17 -4.17
N ARG C 162 11.91 10.21 -2.84
CA ARG C 162 11.91 9.00 -1.98
C ARG C 162 10.51 8.78 -1.42
N GLN C 163 10.22 7.58 -0.91
CA GLN C 163 8.86 7.25 -0.50
C GLN C 163 8.58 7.03 1.00
N TYR C 164 9.55 6.53 1.74
CA TYR C 164 9.36 6.19 3.14
C TYR C 164 9.31 7.39 4.07
N ILE C 165 8.40 7.33 5.04
CA ILE C 165 8.28 8.33 6.10
C ILE C 165 8.50 7.64 7.43
N VAL C 166 9.34 8.26 8.27
CA VAL C 166 9.53 7.80 9.63
C VAL C 166 8.81 8.73 10.61
N SER C 167 7.99 8.15 11.49
CA SER C 167 7.35 8.89 12.56
C SER C 167 7.44 8.06 13.83
N TYR C 168 6.83 8.57 14.91
CA TYR C 168 7.07 8.05 16.24
C TYR C 168 5.87 7.35 16.86
N MET C 169 6.16 6.27 17.57
CA MET C 169 5.19 5.72 18.51
C MET C 169 4.87 6.83 19.54
N GLY C 170 3.63 6.90 20.00
CA GLY C 170 3.19 7.96 20.90
C GLY C 170 2.85 9.30 20.25
N SER C 171 3.16 9.43 18.96
CA SER C 171 2.94 10.69 18.23
C SER C 171 1.46 10.94 17.94
N TYR C 172 1.10 12.20 17.75
CA TYR C 172 -0.19 12.52 17.17
C TYR C 172 -0.05 13.58 16.09
N HIS C 173 -0.50 13.26 14.88
CA HIS C 173 -0.30 14.14 13.72
C HIS C 173 -1.56 14.55 13.01
N GLY C 174 -2.67 13.90 13.36
CA GLY C 174 -3.95 14.30 12.80
C GLY C 174 -4.78 13.18 12.29
N SER C 175 -5.88 13.54 11.62
CA SER C 175 -6.95 12.62 11.31
C SER C 175 -7.25 12.39 9.82
N THR C 176 -6.51 13.07 8.96
CA THR C 176 -6.53 12.78 7.52
C THR C 176 -5.71 11.51 7.31
N TYR C 177 -5.93 10.79 6.20
CA TYR C 177 -5.32 9.45 6.01
C TYR C 177 -3.79 9.37 6.09
N GLY C 178 -3.09 10.39 5.62
CA GLY C 178 -1.63 10.46 5.71
C GLY C 178 -1.21 10.71 7.16
N SER C 179 -1.68 11.80 7.76
CA SER C 179 -1.31 12.14 9.13
C SER C 179 -1.78 11.12 10.19
N GLN C 180 -2.91 10.45 9.90
CA GLN C 180 -3.42 9.39 10.78
C GLN C 180 -2.55 8.13 10.75
N THR C 181 -1.97 7.82 9.59
CA THR C 181 -0.96 6.76 9.48
C THR C 181 0.31 7.09 10.30
N LEU C 182 0.75 8.35 10.25
CA LEU C 182 1.98 8.77 10.97
C LEU C 182 1.83 8.68 12.47
N SER C 183 0.62 8.96 12.96
CA SER C 183 0.27 8.95 14.38
C SER C 183 0.50 7.59 15.04
N GLY C 184 0.78 7.62 16.34
CA GLY C 184 0.99 6.39 17.13
C GLY C 184 0.45 6.55 18.54
N SER C 185 -0.62 7.33 18.64
CA SER C 185 -1.15 7.81 19.90
C SER C 185 -2.33 6.99 20.41
N SER C 186 -3.08 6.37 19.50
CA SER C 186 -4.36 5.72 19.81
C SER C 186 -4.62 4.56 18.84
N LEU C 187 -4.90 3.38 19.38
CA LEU C 187 -5.22 2.21 18.56
C LEU C 187 -6.50 2.37 17.74
N ASN C 188 -7.44 3.15 18.27
CA ASN C 188 -8.69 3.45 17.57
C ASN C 188 -8.53 4.34 16.35
N MET C 189 -7.32 4.86 16.14
CA MET C 189 -7.01 5.60 14.93
C MET C 189 -6.60 4.68 13.76
N THR C 190 -6.32 3.42 14.07
CA THR C 190 -6.01 2.41 13.04
C THR C 190 -7.15 1.37 12.87
N ARG C 191 -7.89 1.11 13.95
CA ARG C 191 -8.91 0.04 13.95
C ARG C 191 -9.97 0.28 12.87
N LYS C 192 -10.25 -0.78 12.11
CA LYS C 192 -11.39 -0.84 11.17
C LYS C 192 -11.23 -0.04 9.85
N ILE C 193 -10.25 0.85 9.77
CA ILE C 193 -10.16 1.80 8.64
C ILE C 193 -9.01 1.54 7.65
N GLY C 194 -8.25 0.48 7.91
CA GLY C 194 -7.13 0.07 7.08
C GLY C 194 -7.56 -0.47 5.71
N PRO C 195 -6.61 -0.64 4.79
CA PRO C 195 -5.18 -0.36 4.99
C PRO C 195 -4.86 1.15 4.99
N MET C 196 -3.78 1.50 5.67
CA MET C 196 -3.35 2.88 5.84
C MET C 196 -2.40 3.28 4.69
N LEU C 197 -1.79 4.47 4.79
CA LEU C 197 -0.78 4.90 3.81
C LEU C 197 0.46 3.98 3.84
N PRO C 198 0.90 3.49 2.66
CA PRO C 198 2.08 2.63 2.62
C PRO C 198 3.39 3.37 2.86
N SER C 199 4.39 2.61 3.29
CA SER C 199 5.78 3.07 3.44
C SER C 199 5.93 4.06 4.59
N VAL C 200 5.28 3.74 5.72
CA VAL C 200 5.43 4.52 6.96
C VAL C 200 5.99 3.59 8.02
N VAL C 201 7.04 4.05 8.69
CA VAL C 201 7.72 3.28 9.73
C VAL C 201 7.68 4.06 11.04
N HIS C 202 7.28 3.39 12.12
CA HIS C 202 7.24 4.01 13.43
C HIS C 202 8.44 3.59 14.24
N VAL C 203 9.02 4.57 14.94
CA VAL C 203 10.13 4.32 15.88
C VAL C 203 9.76 4.83 17.28
N PRO C 204 10.33 4.22 18.33
CA PRO C 204 9.97 4.63 19.69
C PRO C 204 10.54 6.00 20.08
N TYR C 205 9.72 6.79 20.78
CA TYR C 205 10.13 8.10 21.26
C TYR C 205 10.78 7.91 22.62
N PRO C 206 11.89 8.64 22.91
CA PRO C 206 12.60 8.48 24.19
C PRO C 206 11.75 8.81 25.43
N ASP C 207 11.69 7.85 26.34
CA ASP C 207 10.93 7.95 27.57
C ASP C 207 11.97 8.16 28.69
N SER C 208 11.95 9.32 29.34
CA SER C 208 12.91 9.65 30.41
C SER C 208 12.42 9.30 31.83
N TYR C 209 11.23 8.71 31.93
CA TYR C 209 10.63 8.38 33.22
C TYR C 209 10.78 6.89 33.56
N ARG C 210 10.20 6.03 32.73
CA ARG C 210 10.36 4.58 32.87
C ARG C 210 11.62 4.14 32.12
N THR C 211 12.74 4.28 32.81
CA THR C 211 14.05 3.91 32.28
C THR C 211 14.56 2.65 32.99
N TYR C 212 15.67 2.10 32.50
CA TYR C 212 16.35 0.99 33.17
C TYR C 212 17.17 1.50 34.37
N PRO C 213 17.38 0.64 35.42
CA PRO C 213 18.18 1.02 36.60
C PRO C 213 19.54 1.66 36.24
N GLY C 214 19.86 2.78 36.89
CA GLY C 214 21.15 3.46 36.68
C GLY C 214 21.33 4.28 35.40
N GLU C 215 20.35 4.25 34.49
CA GLU C 215 20.40 5.01 33.23
C GLU C 215 20.42 6.53 33.42
N THR C 216 21.43 7.17 32.84
CA THR C 216 21.51 8.64 32.79
C THR C 216 20.74 9.15 31.56
N GLU C 217 20.60 10.47 31.44
CA GLU C 217 20.09 11.12 30.22
C GLU C 217 20.87 10.69 28.97
N HIS C 218 22.20 10.72 29.08
CA HIS C 218 23.11 10.19 28.06
C HIS C 218 22.83 8.73 27.66
N ASP C 219 22.59 7.86 28.64
CA ASP C 219 22.29 6.45 28.36
C ASP C 219 20.96 6.33 27.58
N VAL C 220 19.95 7.08 28.01
CA VAL C 220 18.61 7.05 27.38
C VAL C 220 18.70 7.51 25.93
N SER C 221 19.39 8.64 25.71
CA SER C 221 19.62 9.17 24.37
C SER C 221 20.26 8.13 23.45
N LEU C 222 21.32 7.46 23.94
CA LEU C 222 22.01 6.44 23.17
C LEU C 222 21.14 5.22 22.90
N ARG C 223 20.38 4.78 23.90
CA ARG C 223 19.55 3.59 23.74
C ARG C 223 18.45 3.85 22.69
N TYR C 224 17.76 4.97 22.83
CA TYR C 224 16.72 5.32 21.87
C TYR C 224 17.24 5.64 20.46
N PHE C 225 18.43 6.24 20.38
CA PHE C 225 19.06 6.40 19.08
C PHE C 225 19.45 5.07 18.41
N ASN C 226 19.91 4.12 19.22
CA ASN C 226 20.17 2.77 18.72
C ASN C 226 18.89 2.11 18.20
N GLU C 227 17.76 2.36 18.87
CA GLU C 227 16.43 1.89 18.42
C GLU C 227 16.04 2.58 17.11
N PHE C 228 16.34 3.88 17.00
CA PHE C 228 16.07 4.67 15.79
C PHE C 228 16.81 4.05 14.59
N LYS C 229 18.06 3.64 14.80
CA LYS C 229 18.89 3.08 13.74
C LYS C 229 18.48 1.68 13.31
N LYS C 230 17.82 0.94 14.19
CA LYS C 230 17.53 -0.48 13.91
C LYS C 230 16.80 -0.76 12.59
N PRO C 231 15.70 -0.02 12.29
CA PRO C 231 15.09 -0.21 10.95
C PRO C 231 16.02 0.13 9.76
N PHE C 232 16.82 1.17 9.91
CA PHE C 232 17.80 1.56 8.87
C PHE C 232 18.93 0.56 8.63
N GLU C 233 19.17 -0.30 9.62
CA GLU C 233 20.21 -1.33 9.52
C GLU C 233 19.64 -2.70 9.14
N SER C 234 18.34 -2.73 8.79
CA SER C 234 17.66 -4.00 8.54
C SER C 234 16.83 -4.02 7.26
N PHE C 235 15.73 -3.26 7.22
CA PHE C 235 14.78 -3.36 6.12
C PHE C 235 14.52 -2.01 5.47
N LEU C 236 14.92 -0.94 6.15
CA LEU C 236 14.55 0.41 5.71
C LEU C 236 15.77 1.15 5.14
N PRO C 237 15.83 1.35 3.81
CA PRO C 237 16.98 2.09 3.28
C PRO C 237 16.88 3.58 3.60
N ALA C 238 17.91 4.10 4.25
CA ALA C 238 18.02 5.55 4.53
C ALA C 238 17.94 6.42 3.26
N ASP C 239 18.58 5.95 2.19
CA ASP C 239 18.53 6.63 0.89
C ASP C 239 17.13 6.57 0.24
N GLU C 240 16.20 5.83 0.85
CA GLU C 240 14.80 5.78 0.39
C GLU C 240 13.79 6.36 1.37
N THR C 241 14.30 6.97 2.43
CA THR C 241 13.50 7.65 3.44
C THR C 241 13.43 9.15 3.09
N ALA C 242 12.24 9.62 2.75
CA ALA C 242 11.97 11.02 2.40
C ALA C 242 12.10 11.98 3.58
N CYS C 243 11.55 11.59 4.74
CA CYS C 243 11.71 12.36 5.97
C CYS C 243 11.42 11.62 7.28
N VAL C 244 11.91 12.24 8.37
CA VAL C 244 11.56 11.88 9.73
C VAL C 244 10.68 13.03 10.21
N LEU C 245 9.46 12.71 10.69
CA LEU C 245 8.60 13.73 11.31
C LEU C 245 8.62 13.55 12.82
N ILE C 246 9.00 14.61 13.55
CA ILE C 246 9.09 14.53 15.01
C ILE C 246 8.37 15.70 15.73
N GLU C 247 7.68 15.39 16.82
CA GLU C 247 7.25 16.44 17.77
C GLU C 247 8.43 16.71 18.72
N PRO C 248 8.98 17.94 18.72
CA PRO C 248 10.07 18.25 19.67
C PRO C 248 9.72 17.92 21.12
N ILE C 249 8.46 18.15 21.50
CA ILE C 249 7.85 17.61 22.72
C ILE C 249 6.55 16.96 22.26
N GLN C 250 6.31 15.70 22.62
CA GLN C 250 5.07 15.02 22.25
C GLN C 250 3.95 15.53 23.12
N GLY C 251 2.87 15.98 22.48
CA GLY C 251 1.69 16.52 23.12
C GLY C 251 0.80 15.41 23.67
N ASP C 252 0.00 14.80 22.80
CA ASP C 252 -0.91 13.71 23.18
C ASP C 252 -0.24 12.50 23.83
N GLY C 253 1.05 12.32 23.53
CA GLY C 253 1.85 11.24 24.11
C GLY C 253 2.18 11.42 25.59
N GLY C 254 2.00 12.64 26.12
CA GLY C 254 2.05 12.89 27.56
C GLY C 254 2.96 14.01 28.03
N ILE C 255 3.22 14.98 27.15
CA ILE C 255 4.21 16.06 27.38
C ILE C 255 5.58 15.43 27.65
N ILE C 256 6.10 14.76 26.62
CA ILE C 256 7.37 14.02 26.69
C ILE C 256 8.36 14.73 25.76
N LYS C 257 9.45 15.24 26.33
CA LYS C 257 10.49 15.95 25.56
C LYS C 257 11.64 14.99 25.24
N ALA C 258 12.02 14.90 23.95
CA ALA C 258 13.27 14.23 23.58
C ALA C 258 14.47 14.93 24.26
N PRO C 259 15.40 14.14 24.84
CA PRO C 259 16.65 14.72 25.37
C PRO C 259 17.47 15.39 24.28
N GLU C 260 18.14 16.48 24.65
CA GLU C 260 18.99 17.25 23.73
C GLU C 260 19.91 16.38 22.85
N GLU C 261 20.61 15.44 23.49
CA GLU C 261 21.55 14.60 22.78
C GLU C 261 20.89 13.68 21.75
N TYR C 262 19.72 13.12 22.12
CA TYR C 262 18.95 12.29 21.19
C TYR C 262 18.57 13.08 19.95
N MET C 263 18.01 14.27 20.14
CA MET C 263 17.57 15.10 19.02
C MET C 263 18.72 15.47 18.08
N GLN C 264 19.88 15.81 18.65
CA GLN C 264 21.08 16.14 17.84
C GLN C 264 21.53 14.94 16.98
N LEU C 265 21.47 13.75 17.55
CA LEU C 265 21.76 12.50 16.86
C LEU C 265 20.86 12.21 15.65
N VAL C 266 19.54 12.38 15.84
CA VAL C 266 18.56 12.21 14.75
C VAL C 266 18.76 13.27 13.67
N TYR C 267 18.90 14.53 14.10
CA TYR C 267 19.11 15.65 13.19
C TYR C 267 20.32 15.42 12.29
N LYS C 268 21.44 15.01 12.90
CA LYS C 268 22.67 14.72 12.19
C LYS C 268 22.47 13.53 11.26
N PHE C 269 21.82 12.48 11.73
CA PHE C 269 21.50 11.31 10.90
C PHE C 269 20.75 11.69 9.63
N CYS C 270 19.76 12.56 9.77
CA CYS C 270 18.93 13.00 8.63
C CYS C 270 19.80 13.74 7.60
N HIS C 271 20.53 14.77 8.05
CA HIS C 271 21.45 15.55 7.20
C HIS C 271 22.47 14.69 6.46
N GLU C 272 23.02 13.69 7.15
CA GLU C 272 24.05 12.83 6.55
C GLU C 272 23.52 11.86 5.50
N HIS C 273 22.22 11.51 5.58
CA HIS C 273 21.60 10.57 4.61
C HIS C 273 20.67 11.25 3.59
N GLY C 274 20.59 12.58 3.64
CA GLY C 274 19.70 13.34 2.74
C GLY C 274 18.21 13.17 3.03
N ILE C 275 17.87 12.68 4.24
CA ILE C 275 16.51 12.59 4.74
C ILE C 275 16.09 13.98 5.25
N LEU C 276 14.89 14.44 4.91
CA LEU C 276 14.43 15.73 5.47
C LEU C 276 14.10 15.63 6.97
N PHE C 277 14.52 16.63 7.74
CA PHE C 277 14.17 16.70 9.15
C PHE C 277 12.89 17.57 9.26
N ALA C 278 11.77 16.93 9.57
CA ALA C 278 10.51 17.64 9.76
C ALA C 278 10.03 17.64 11.23
N ILE C 279 9.43 18.75 11.62
CA ILE C 279 8.86 18.89 12.96
C ILE C 279 7.37 19.25 12.92
N ASP C 280 6.66 18.76 13.91
CA ASP C 280 5.26 19.08 14.11
C ASP C 280 5.22 20.01 15.30
N GLU C 281 4.92 21.28 15.03
CA GLU C 281 4.76 22.31 16.07
C GLU C 281 3.29 22.69 16.31
N VAL C 282 2.34 21.87 15.82
CA VAL C 282 0.90 22.20 15.90
C VAL C 282 0.42 22.40 17.34
N ASN C 283 0.85 21.53 18.25
CA ASN C 283 0.50 21.68 19.67
C ASN C 283 1.51 22.50 20.48
N GLN C 284 2.79 22.34 20.16
CA GLN C 284 3.86 22.85 21.02
C GLN C 284 4.45 24.20 20.59
N GLY C 285 3.89 24.77 19.52
CA GLY C 285 4.40 26.01 18.94
C GLY C 285 3.78 27.26 19.52
N LEU C 286 4.07 28.39 18.86
CA LEU C 286 3.49 29.70 19.17
C LEU C 286 3.51 30.02 20.66
N GLY C 287 4.68 29.82 21.26
CA GLY C 287 4.94 30.30 22.60
C GLY C 287 4.64 29.32 23.71
N ARG C 288 3.99 28.20 23.39
CA ARG C 288 3.56 27.22 24.40
C ARG C 288 4.67 26.74 25.35
N THR C 289 5.86 26.48 24.82
CA THR C 289 6.98 25.97 25.64
C THR C 289 7.82 27.05 26.32
N GLY C 290 7.53 28.33 26.05
CA GLY C 290 8.34 29.43 26.62
C GLY C 290 9.42 29.94 25.67
N LYS C 291 9.46 29.34 24.48
CA LYS C 291 10.19 29.83 23.31
C LYS C 291 9.10 29.90 22.23
N MET C 292 9.32 30.65 21.15
CA MET C 292 8.35 30.69 20.06
C MET C 292 8.00 29.28 19.53
N TRP C 293 9.05 28.47 19.35
CA TRP C 293 8.91 27.14 18.77
C TRP C 293 9.52 26.15 19.71
N ALA C 294 8.87 25.00 19.86
CA ALA C 294 9.40 23.93 20.73
C ALA C 294 10.79 23.48 20.31
N ILE C 295 11.07 23.52 19.00
CA ILE C 295 12.39 23.11 18.50
C ILE C 295 13.51 24.05 18.97
N GLN C 296 13.16 25.29 19.32
CA GLN C 296 14.11 26.24 19.93
C GLN C 296 14.54 25.88 21.37
N GLN C 297 13.88 24.88 21.98
CA GLN C 297 14.39 24.28 23.22
C GLN C 297 15.69 23.50 23.01
N PHE C 298 16.04 23.26 21.74
CA PHE C 298 17.24 22.52 21.32
C PHE C 298 18.22 23.49 20.65
N LYS C 299 19.50 23.14 20.69
CA LYS C 299 20.58 23.99 20.12
C LYS C 299 20.69 23.90 18.59
N ASP C 300 20.52 25.05 17.92
CA ASP C 300 20.76 25.25 16.47
C ASP C 300 20.18 24.15 15.56
N ILE C 301 18.88 23.88 15.69
CA ILE C 301 18.21 22.96 14.82
C ILE C 301 17.21 23.75 13.96
N GLU C 302 17.41 23.72 12.65
CA GLU C 302 16.47 24.31 11.71
C GLU C 302 15.82 23.19 10.89
N PRO C 303 14.50 22.98 11.05
CA PRO C 303 13.85 21.89 10.29
C PRO C 303 13.74 22.22 8.81
N ASP C 304 13.70 21.19 7.97
CA ASP C 304 13.41 21.36 6.55
C ASP C 304 11.94 21.70 6.32
N LEU C 305 11.06 21.10 7.13
CA LEU C 305 9.60 21.32 7.08
C LEU C 305 9.05 21.38 8.50
N MET C 306 8.08 22.26 8.69
CA MET C 306 7.45 22.47 9.98
C MET C 306 5.93 22.66 9.81
N SER C 307 5.14 21.88 10.55
CA SER C 307 3.68 22.10 10.55
C SER C 307 3.24 22.96 11.73
N VAL C 308 2.37 23.91 11.42
CA VAL C 308 1.83 24.92 12.34
C VAL C 308 0.30 24.86 12.24
N GLY C 309 -0.38 25.00 13.38
CA GLY C 309 -1.85 24.98 13.44
C GLY C 309 -2.38 25.46 14.77
N LYS C 310 -3.52 24.89 15.18
CA LYS C 310 -4.21 25.15 16.47
C LYS C 310 -4.26 26.62 16.92
N SER C 311 -3.25 27.11 17.62
CA SER C 311 -3.26 28.51 18.09
C SER C 311 -3.08 29.56 17.00
N LEU C 312 -2.64 29.12 15.82
CA LEU C 312 -2.27 30.00 14.71
C LEU C 312 -3.25 31.13 14.47
N ALA C 313 -4.53 30.79 14.45
CA ALA C 313 -5.59 31.74 14.13
C ALA C 313 -6.64 31.74 15.26
N SER C 314 -6.14 31.61 16.50
CA SER C 314 -6.97 31.55 17.73
C SER C 314 -8.10 30.52 17.69
N GLY C 315 -7.92 29.47 16.90
CA GLY C 315 -8.92 28.42 16.80
C GLY C 315 -9.78 28.47 15.56
N MET C 316 -9.69 29.56 14.79
CA MET C 316 -10.21 29.58 13.41
C MET C 316 -9.42 28.55 12.59
N PRO C 317 -10.08 27.86 11.65
CA PRO C 317 -9.37 26.82 10.91
C PRO C 317 -8.32 27.37 9.93
N LEU C 318 -7.08 27.37 10.39
CA LEU C 318 -5.93 27.74 9.57
C LEU C 318 -4.72 26.94 10.02
N SER C 319 -3.98 26.42 9.04
CA SER C 319 -2.74 25.75 9.32
C SER C 319 -1.70 26.16 8.28
N ALA C 320 -0.43 25.85 8.55
CA ALA C 320 0.64 26.12 7.58
C ALA C 320 1.73 25.06 7.64
N VAL C 321 2.30 24.79 6.46
CA VAL C 321 3.60 24.14 6.36
C VAL C 321 4.57 25.26 6.08
N ILE C 322 5.58 25.40 6.92
CA ILE C 322 6.64 26.36 6.64
C ILE C 322 7.88 25.55 6.39
N GLY C 323 8.50 25.75 5.23
CA GLY C 323 9.63 24.95 4.82
C GLY C 323 10.66 25.74 4.06
N LYS C 324 11.86 25.17 3.96
CA LYS C 324 12.91 25.71 3.10
C LYS C 324 12.40 25.87 1.67
N LYS C 325 12.74 27.02 1.10
CA LYS C 325 12.31 27.49 -0.23
C LYS C 325 12.27 26.36 -1.27
N GLU C 326 13.42 25.74 -1.47
CA GLU C 326 13.64 24.68 -2.47
C GLU C 326 12.71 23.47 -2.28
N VAL C 327 12.47 23.08 -1.04
CA VAL C 327 11.57 21.97 -0.70
C VAL C 327 10.14 22.35 -1.07
N MET C 328 9.75 23.58 -0.69
CA MET C 328 8.38 24.07 -0.93
C MET C 328 8.01 24.27 -2.41
N GLN C 329 9.03 24.46 -3.24
CA GLN C 329 8.83 24.66 -4.67
C GLN C 329 8.64 23.37 -5.49
N SER C 330 8.69 22.22 -4.82
CA SER C 330 8.49 20.93 -5.49
C SER C 330 7.00 20.59 -5.73
N LEU C 331 6.11 21.42 -5.18
CA LEU C 331 4.65 21.28 -5.28
C LEU C 331 3.91 22.62 -5.10
N ASP C 332 2.84 22.80 -5.86
CA ASP C 332 1.99 23.99 -5.78
C ASP C 332 0.56 23.66 -6.23
N ALA C 333 -0.36 24.59 -6.01
CA ALA C 333 -1.66 24.63 -6.69
C ALA C 333 -1.45 24.62 -8.23
N PRO C 334 -2.41 24.09 -9.01
CA PRO C 334 -3.66 23.52 -8.50
C PRO C 334 -3.59 22.03 -8.15
N ALA C 335 -2.41 21.42 -8.29
CA ALA C 335 -2.21 20.00 -7.92
C ALA C 335 -2.39 19.73 -6.42
N HIS C 336 -1.89 20.63 -5.58
CA HIS C 336 -2.14 20.58 -4.12
C HIS C 336 -2.80 21.88 -3.67
N LEU C 337 -4.03 21.77 -3.17
CA LEU C 337 -4.88 22.91 -2.88
C LEU C 337 -6.04 22.54 -1.96
N PHE C 338 -6.32 23.41 -0.99
CA PHE C 338 -7.58 23.36 -0.27
C PHE C 338 -8.33 24.66 -0.52
N THR C 339 -9.56 24.54 -1.02
CA THR C 339 -10.44 25.68 -1.39
C THR C 339 -10.54 26.77 -0.30
N THR C 340 -10.71 26.35 0.95
CA THR C 340 -10.93 27.31 2.05
C THR C 340 -9.67 27.59 2.89
N ALA C 341 -8.53 27.07 2.43
CA ALA C 341 -7.27 27.26 3.12
C ALA C 341 -6.71 28.64 2.82
N GLY C 342 -6.15 29.26 3.85
CA GLY C 342 -5.69 30.64 3.77
C GLY C 342 -6.84 31.59 3.57
N ASN C 343 -7.99 31.25 4.15
CA ASN C 343 -9.19 32.09 4.16
C ASN C 343 -8.84 33.50 4.70
N PRO C 344 -9.35 34.58 4.06
CA PRO C 344 -8.94 35.93 4.51
C PRO C 344 -9.36 36.31 5.92
N VAL C 345 -10.51 35.82 6.39
CA VAL C 345 -10.98 36.06 7.74
C VAL C 345 -10.07 35.34 8.75
N CYS C 346 -9.77 34.06 8.49
CA CYS C 346 -8.84 33.29 9.30
C CYS C 346 -7.44 33.90 9.29
N SER C 347 -7.02 34.40 8.11
CA SER C 347 -5.70 35.01 7.95
C SER C 347 -5.56 36.31 8.75
N ALA C 348 -6.61 37.13 8.73
CA ALA C 348 -6.68 38.34 9.59
C ALA C 348 -6.69 37.97 11.07
N ALA C 349 -7.44 36.92 11.43
CA ALA C 349 -7.43 36.41 12.80
C ALA C 349 -6.03 36.03 13.23
N SER C 350 -5.29 35.36 12.34
CA SER C 350 -3.91 34.92 12.62
C SER C 350 -2.92 36.08 12.77
N LEU C 351 -3.00 37.05 11.85
CA LEU C 351 -2.23 38.29 11.94
C LEU C 351 -2.37 38.95 13.30
N ALA C 352 -3.59 39.10 13.79
CA ALA C 352 -3.86 39.68 15.11
C ALA C 352 -3.29 38.81 16.25
N THR C 353 -3.51 37.49 16.20
CA THR C 353 -3.04 36.61 17.29
C THR C 353 -1.50 36.56 17.40
N LEU C 354 -0.81 36.57 16.26
CA LEU C 354 0.66 36.64 16.21
C LEU C 354 1.19 37.93 16.85
N ASP C 355 0.54 39.05 16.52
CA ASP C 355 0.86 40.35 17.13
C ASP C 355 0.61 40.37 18.64
N VAL C 356 -0.48 39.75 19.08
CA VAL C 356 -0.77 39.61 20.52
C VAL C 356 0.33 38.85 21.26
N ILE C 357 0.75 37.70 20.71
CA ILE C 357 1.84 36.90 21.28
C ILE C 357 3.08 37.79 21.48
N GLU C 358 3.44 38.57 20.46
CA GLU C 358 4.62 39.41 20.52
C GLU C 358 4.44 40.58 21.49
N TYR C 359 3.43 41.41 21.24
CA TYR C 359 3.20 42.67 21.98
C TYR C 359 2.81 42.48 23.46
N GLU C 360 2.14 41.37 23.78
CA GLU C 360 1.85 41.05 25.19
C GLU C 360 2.93 40.21 25.88
N GLY C 361 4.01 39.88 25.15
CA GLY C 361 5.15 39.13 25.71
C GLY C 361 4.80 37.72 26.19
N LEU C 362 3.93 37.04 25.44
CA LEU C 362 3.37 35.75 25.85
C LEU C 362 4.39 34.63 25.90
N VAL C 363 5.36 34.64 24.97
CA VAL C 363 6.51 33.70 25.00
C VAL C 363 7.22 33.79 26.37
N GLU C 364 7.66 35.00 26.74
CA GLU C 364 8.34 35.25 28.02
C GLU C 364 7.46 34.85 29.22
N LYS C 365 6.17 35.21 29.17
CA LYS C 365 5.21 34.86 30.21
C LYS C 365 5.03 33.35 30.38
N SER C 366 4.93 32.61 29.27
CA SER C 366 4.87 31.15 29.31
C SER C 366 6.10 30.54 30.00
N ALA C 367 7.28 31.06 29.69
CA ALA C 367 8.53 30.62 30.35
C ALA C 367 8.53 30.89 31.86
N THR C 368 8.19 32.11 32.27
CA THR C 368 8.26 32.45 33.70
C THR C 368 7.10 31.82 34.52
N ASP C 369 5.88 31.86 33.97
CA ASP C 369 4.76 31.14 34.60
C ASP C 369 4.94 29.62 34.61
N GLY C 370 5.60 29.09 33.57
CA GLY C 370 5.92 27.66 33.48
C GLY C 370 6.90 27.21 34.55
N ALA C 371 7.95 28.01 34.75
CA ALA C 371 8.94 27.80 35.83
C ALA C 371 8.25 27.79 37.20
N TYR C 372 7.36 28.75 37.42
CA TYR C 372 6.56 28.83 38.64
C TYR C 372 5.63 27.63 38.85
N ALA C 373 4.82 27.30 37.84
CA ALA C 373 3.94 26.12 37.91
C ALA C 373 4.73 24.83 38.12
N LYS C 374 5.92 24.72 37.52
CA LYS C 374 6.80 23.57 37.75
C LYS C 374 7.18 23.44 39.23
N GLN C 375 7.57 24.55 39.86
CA GLN C 375 7.93 24.53 41.28
C GLN C 375 6.74 24.21 42.19
N ARG C 376 5.57 24.77 41.86
CA ARG C 376 4.34 24.47 42.60
C ARG C 376 3.97 23.00 42.56
N PHE C 377 4.03 22.39 41.36
CA PHE C 377 3.73 20.98 41.19
C PHE C 377 4.76 20.06 41.85
N LEU C 378 6.03 20.45 41.81
CA LEU C 378 7.13 19.74 42.51
C LEU C 378 6.95 19.76 44.02
N GLU C 379 6.55 20.90 44.56
CA GLU C 379 6.21 21.03 45.97
C GLU C 379 5.00 20.13 46.32
N MET C 380 3.98 20.13 45.46
CA MET C 380 2.83 19.22 45.60
C MET C 380 3.24 17.75 45.59
N GLN C 381 4.23 17.41 44.76
CA GLN C 381 4.77 16.04 44.68
C GLN C 381 5.38 15.57 46.01
N GLN C 382 5.99 16.49 46.75
CA GLN C 382 6.55 16.19 48.08
C GLN C 382 5.48 15.76 49.10
N ARG C 383 4.29 16.38 49.03
CA ARG C 383 3.17 16.05 49.92
C ARG C 383 2.20 14.99 49.36
N HIS C 384 2.24 14.79 48.03
CA HIS C 384 1.38 13.83 47.34
C HIS C 384 2.19 12.80 46.51
N PRO C 385 2.56 11.65 47.13
CA PRO C 385 3.36 10.61 46.43
C PRO C 385 2.67 9.92 45.23
N MET C 386 1.37 10.18 45.01
CA MET C 386 0.66 9.74 43.80
C MET C 386 1.19 10.43 42.53
N ILE C 387 1.84 11.59 42.70
CA ILE C 387 2.47 12.31 41.60
C ILE C 387 3.83 11.67 41.31
N GLY C 388 3.87 10.89 40.22
CA GLY C 388 5.07 10.16 39.82
C GLY C 388 6.12 10.98 39.10
N ASP C 389 5.67 11.91 38.25
CA ASP C 389 6.57 12.71 37.42
C ASP C 389 5.95 14.05 37.05
N VAL C 390 6.72 15.13 37.20
CA VAL C 390 6.30 16.46 36.81
C VAL C 390 7.14 16.90 35.61
N ARG C 391 6.47 17.05 34.46
CA ARG C 391 7.12 17.47 33.24
C ARG C 391 6.52 18.79 32.84
N MET C 392 7.36 19.80 32.69
CA MET C 392 6.89 21.16 32.44
C MET C 392 7.95 21.88 31.62
N TRP C 393 7.54 22.42 30.46
CA TRP C 393 8.38 23.28 29.64
C TRP C 393 7.48 24.41 29.15
N GLY C 394 7.54 25.56 29.86
CA GLY C 394 6.55 26.63 29.72
C GLY C 394 5.25 26.26 30.45
N LEU C 395 4.19 27.04 30.23
CA LEU C 395 2.84 26.72 30.72
C LEU C 395 2.27 25.52 29.97
N ASN C 396 2.88 24.37 30.20
CA ASN C 396 2.83 23.26 29.28
C ASN C 396 3.32 22.03 30.06
N GLY C 397 2.38 21.35 30.71
CA GLY C 397 2.74 20.32 31.66
C GLY C 397 2.06 18.97 31.56
N GLY C 398 2.81 17.93 31.93
CA GLY C 398 2.28 16.60 32.10
C GLY C 398 2.52 16.20 33.54
N ILE C 399 1.43 16.00 34.28
CA ILE C 399 1.54 15.62 35.70
C ILE C 399 1.12 14.15 35.79
N GLU C 400 2.12 13.27 35.85
CA GLU C 400 1.84 11.84 35.72
C GLU C 400 1.54 11.18 37.07
N LEU C 401 0.35 10.62 37.17
CA LEU C 401 -0.10 9.95 38.39
C LEU C 401 0.19 8.44 38.38
N VAL C 402 0.83 7.95 39.44
CA VAL C 402 1.20 6.54 39.54
C VAL C 402 0.69 5.90 40.84
N LYS C 403 0.48 4.57 40.80
CA LYS C 403 0.03 3.80 41.97
C LYS C 403 1.12 3.71 43.05
N ASP C 404 2.37 3.57 42.60
CA ASP C 404 3.56 3.47 43.46
C ASP C 404 4.78 4.12 42.79
N PRO C 405 5.60 4.91 43.54
CA PRO C 405 6.76 5.58 42.92
C PRO C 405 7.89 4.66 42.41
N LYS C 406 8.03 3.46 42.99
CA LYS C 406 9.06 2.50 42.56
C LYS C 406 8.62 1.69 41.33
N THR C 407 7.38 1.21 41.33
CA THR C 407 6.86 0.44 40.20
C THR C 407 6.43 1.33 39.03
N LYS C 408 6.07 2.59 39.34
CA LYS C 408 5.65 3.61 38.34
C LYS C 408 4.40 3.20 37.53
N GLU C 409 3.65 2.24 38.07
CA GLU C 409 2.45 1.70 37.46
C GLU C 409 1.38 2.81 37.33
N PRO C 410 0.82 2.99 36.11
CA PRO C 410 -0.12 4.11 35.86
C PRO C 410 -1.36 4.07 36.75
N ASP C 411 -1.82 5.24 37.21
CA ASP C 411 -3.06 5.35 38.00
C ASP C 411 -4.11 6.20 37.28
N SER C 412 -4.75 5.59 36.29
CA SER C 412 -5.82 6.20 35.49
C SER C 412 -7.05 6.57 36.31
N ASP C 413 -7.37 5.73 37.30
CA ASP C 413 -8.51 5.94 38.22
C ASP C 413 -8.37 7.26 39.00
N ALA C 414 -7.22 7.44 39.66
CA ALA C 414 -6.89 8.66 40.39
C ALA C 414 -6.88 9.91 39.50
N ALA C 415 -6.28 9.79 38.31
CA ALA C 415 -6.30 10.85 37.31
C ALA C 415 -7.70 11.33 36.93
N THR C 416 -8.62 10.39 36.70
CA THR C 416 -10.00 10.74 36.34
C THR C 416 -10.74 11.41 37.51
N LYS C 417 -10.42 10.96 38.72
CA LYS C 417 -10.99 11.52 39.95
C LYS C 417 -10.56 12.97 40.16
N VAL C 418 -9.28 13.25 39.90
CA VAL C 418 -8.74 14.61 39.96
C VAL C 418 -9.49 15.53 39.01
N ILE C 419 -9.67 15.09 37.76
CA ILE C 419 -10.34 15.93 36.77
C ILE C 419 -11.83 16.13 37.10
N TYR C 420 -12.45 15.12 37.71
CA TYR C 420 -13.84 15.22 38.22
C TYR C 420 -13.97 16.19 39.40
N TYR C 421 -13.04 16.10 40.34
CA TYR C 421 -12.99 17.05 41.46
C TYR C 421 -12.80 18.47 40.91
N ALA C 422 -11.84 18.64 40.01
CA ALA C 422 -11.50 19.95 39.46
C ALA C 422 -12.71 20.59 38.79
N PHE C 423 -13.44 19.79 38.01
CA PHE C 423 -14.63 20.26 37.32
C PHE C 423 -15.72 20.75 38.28
N ALA C 424 -15.96 19.98 39.35
CA ALA C 424 -16.92 20.38 40.40
C ALA C 424 -16.50 21.65 41.13
N HIS C 425 -15.20 21.99 41.07
CA HIS C 425 -14.69 23.17 41.74
C HIS C 425 -14.22 24.26 40.76
N GLY C 426 -14.80 24.23 39.56
CA GLY C 426 -14.67 25.32 38.58
C GLY C 426 -13.38 25.39 37.76
N VAL C 427 -12.69 24.26 37.62
CA VAL C 427 -11.54 24.18 36.71
C VAL C 427 -11.66 23.06 35.68
N VAL C 428 -11.37 23.42 34.44
CA VAL C 428 -11.37 22.50 33.30
C VAL C 428 -9.95 22.03 33.08
N ILE C 429 -9.76 20.72 33.23
CA ILE C 429 -8.50 20.01 33.02
C ILE C 429 -8.92 18.61 32.51
N ILE C 430 -8.12 18.03 31.62
CA ILE C 430 -8.35 16.64 31.16
C ILE C 430 -7.08 15.82 31.27
N THR C 431 -7.21 14.53 30.97
CA THR C 431 -6.08 13.59 31.00
C THR C 431 -5.52 13.22 29.62
N LEU C 432 -4.29 12.69 29.64
CA LEU C 432 -3.61 12.12 28.48
C LEU C 432 -3.14 10.73 28.84
N ALA C 433 -3.20 9.81 27.87
CA ALA C 433 -2.79 8.41 28.02
C ALA C 433 -3.27 7.73 29.32
N GLY C 434 -4.37 8.22 29.85
CA GLY C 434 -5.00 7.67 31.06
C GLY C 434 -4.65 8.37 32.35
N ASN C 435 -3.36 8.43 32.67
CA ASN C 435 -2.89 8.77 34.01
C ASN C 435 -2.11 10.09 34.10
N ILE C 436 -2.12 10.87 33.01
CA ILE C 436 -1.34 12.11 32.95
C ILE C 436 -2.30 13.30 32.86
N LEU C 437 -2.19 14.23 33.80
CA LEU C 437 -2.96 15.48 33.70
C LEU C 437 -2.26 16.41 32.72
N ARG C 438 -2.99 16.90 31.70
CA ARG C 438 -2.41 17.94 30.84
C ARG C 438 -2.75 19.34 31.33
N PHE C 439 -1.70 20.13 31.45
CA PHE C 439 -1.77 21.47 31.99
C PHE C 439 -1.31 22.36 30.84
N GLN C 440 -2.28 22.92 30.11
CA GLN C 440 -2.00 23.83 29.00
C GLN C 440 -2.99 25.02 28.98
N PRO C 441 -2.93 25.89 30.01
CA PRO C 441 -3.85 27.03 30.03
C PRO C 441 -3.50 28.06 28.95
N PRO C 442 -4.44 28.96 28.59
CA PRO C 442 -4.06 30.07 27.72
C PRO C 442 -2.86 30.78 28.33
N LEU C 443 -1.97 31.31 27.50
CA LEU C 443 -0.76 31.91 28.02
C LEU C 443 -1.03 33.25 28.73
N VAL C 444 -2.18 33.86 28.42
CA VAL C 444 -2.62 35.12 29.06
C VAL C 444 -3.14 34.96 30.48
N ILE C 445 -3.33 33.72 30.95
CA ILE C 445 -3.90 33.43 32.27
C ILE C 445 -3.30 34.33 33.39
N PRO C 446 -4.12 35.27 33.94
CA PRO C 446 -3.59 36.11 35.05
C PRO C 446 -3.15 35.26 36.24
N ARG C 447 -2.16 35.73 36.99
CA ARG C 447 -1.57 34.97 38.09
C ARG C 447 -2.59 34.54 39.17
N GLU C 448 -3.55 35.41 39.48
CA GLU C 448 -4.58 35.11 40.47
C GLU C 448 -5.41 33.87 40.10
N GLN C 449 -5.83 33.81 38.84
CA GLN C 449 -6.54 32.64 38.28
C GLN C 449 -5.70 31.38 38.24
N LEU C 450 -4.43 31.52 37.89
CA LEU C 450 -3.48 30.39 37.88
C LEU C 450 -3.31 29.78 39.28
N ASP C 451 -3.17 30.65 40.28
CA ASP C 451 -3.05 30.22 41.67
C ASP C 451 -4.34 29.57 42.16
N GLN C 452 -5.48 30.18 41.83
CA GLN C 452 -6.78 29.61 42.11
C GLN C 452 -6.88 28.16 41.58
N ALA C 453 -6.53 27.96 40.31
CA ALA C 453 -6.55 26.62 39.67
C ALA C 453 -5.59 25.64 40.32
N LEU C 454 -4.39 26.10 40.65
CA LEU C 454 -3.37 25.27 41.32
C LEU C 454 -3.80 24.80 42.70
N GLN C 455 -4.49 25.69 43.43
CA GLN C 455 -5.04 25.35 44.75
C GLN C 455 -6.15 24.30 44.65
N VAL C 456 -7.02 24.43 43.65
CA VAL C 456 -8.04 23.41 43.38
C VAL C 456 -7.39 22.04 43.11
N LEU C 457 -6.34 22.03 42.29
CA LEU C 457 -5.58 20.81 41.98
C LEU C 457 -4.94 20.18 43.22
N ASP C 458 -4.34 21.01 44.07
CA ASP C 458 -3.78 20.57 45.36
C ASP C 458 -4.86 19.93 46.24
N ASP C 459 -6.02 20.60 46.35
CA ASP C 459 -7.19 20.07 47.03
C ASP C 459 -7.70 18.77 46.40
N ALA C 460 -7.66 18.69 45.07
CA ALA C 460 -8.04 17.47 44.35
C ALA C 460 -7.20 16.28 44.79
N PHE C 461 -5.87 16.47 44.86
CA PHE C 461 -4.96 15.41 45.28
C PHE C 461 -5.26 14.90 46.69
N THR C 462 -5.46 15.84 47.62
CA THR C 462 -5.84 15.54 49.01
C THR C 462 -7.14 14.71 49.06
N ALA C 463 -8.17 15.20 48.34
CA ALA C 463 -9.49 14.57 48.31
C ALA C 463 -9.46 13.15 47.74
N VAL C 464 -8.63 12.92 46.71
CA VAL C 464 -8.46 11.58 46.12
C VAL C 464 -7.72 10.66 47.10
N GLU C 465 -6.78 11.21 47.87
CA GLU C 465 -6.09 10.45 48.91
C GLU C 465 -7.08 9.95 49.98
N ASN C 466 -7.96 10.85 50.42
CA ASN C 466 -8.95 10.56 51.47
C ASN C 466 -10.13 9.68 51.01
N GLY C 467 -10.26 9.45 49.72
CA GLY C 467 -11.37 8.67 49.14
C GLY C 467 -12.68 9.44 49.02
N GLU C 468 -12.57 10.76 48.87
CA GLU C 468 -13.70 11.70 48.86
C GLU C 468 -14.27 12.00 47.46
N VAL C 469 -13.73 11.34 46.43
CA VAL C 469 -14.17 11.54 45.05
C VAL C 469 -14.68 10.21 44.50
N THR C 470 -15.84 10.24 43.85
CA THR C 470 -16.39 9.04 43.21
C THR C 470 -16.78 9.29 41.74
N ILE C 471 -16.65 8.25 40.93
CA ILE C 471 -16.98 8.33 39.49
C ILE C 471 -18.28 7.57 39.21
N ASN D 55 -0.66 31.68 -8.67
CA ASN D 55 -1.89 32.54 -8.76
C ASN D 55 -2.49 32.64 -10.17
N TYR D 56 -3.79 32.37 -10.29
CA TYR D 56 -4.51 32.30 -11.60
C TYR D 56 -4.58 33.62 -12.36
N TYR D 57 -5.07 34.68 -11.70
CA TYR D 57 -5.30 35.97 -12.34
C TYR D 57 -4.21 37.01 -12.11
N ASN D 58 -3.32 36.71 -11.16
CA ASN D 58 -2.22 37.60 -10.72
C ASN D 58 -2.73 38.99 -10.35
N LEU D 59 -3.69 38.99 -9.44
CA LEU D 59 -4.54 40.13 -9.15
C LEU D 59 -4.89 40.09 -7.66
N VAL D 60 -4.86 41.26 -7.04
CA VAL D 60 -5.18 41.35 -5.62
C VAL D 60 -6.60 41.86 -5.45
N ILE D 61 -7.45 40.98 -4.94
CA ILE D 61 -8.83 41.30 -4.58
C ILE D 61 -8.84 42.09 -3.26
N ASP D 62 -9.57 43.21 -3.27
CA ASP D 62 -9.72 44.05 -2.08
C ASP D 62 -10.97 43.79 -1.25
N HIS D 63 -12.14 43.88 -1.89
CA HIS D 63 -13.42 43.56 -1.24
C HIS D 63 -14.40 43.00 -2.27
N ALA D 64 -15.50 42.39 -1.83
CA ALA D 64 -16.50 41.89 -2.76
C ALA D 64 -17.86 41.84 -2.13
N HIS D 65 -18.89 41.96 -2.96
CA HIS D 65 -20.27 41.82 -2.52
C HIS D 65 -21.15 41.21 -3.60
N GLY D 66 -22.02 40.29 -3.21
CA GLY D 66 -22.88 39.60 -4.18
C GLY D 66 -22.04 38.88 -5.22
N ALA D 67 -22.20 39.26 -6.47
CA ALA D 67 -21.40 38.68 -7.56
C ALA D 67 -20.43 39.68 -8.17
N THR D 68 -20.11 40.74 -7.44
CA THR D 68 -19.14 41.76 -7.90
C THR D 68 -17.82 41.75 -7.08
N LEU D 69 -16.69 41.54 -7.78
CA LEU D 69 -15.35 41.57 -7.18
C LEU D 69 -14.68 42.92 -7.46
N VAL D 70 -13.98 43.46 -6.47
CA VAL D 70 -13.28 44.76 -6.61
C VAL D 70 -11.80 44.61 -6.27
N ASP D 71 -10.91 44.79 -7.26
CA ASP D 71 -9.46 44.74 -7.01
C ASP D 71 -8.93 45.97 -6.23
N VAL D 72 -7.64 45.95 -5.87
CA VAL D 72 -7.01 47.05 -5.08
C VAL D 72 -6.92 48.40 -5.81
N ASP D 73 -7.19 48.41 -7.11
CA ASP D 73 -7.25 49.66 -7.89
C ASP D 73 -8.67 50.10 -8.25
N GLY D 74 -9.67 49.45 -7.64
CA GLY D 74 -11.09 49.76 -7.86
C GLY D 74 -11.77 49.24 -9.12
N ASN D 75 -11.08 48.42 -9.92
CA ASN D 75 -11.68 47.75 -11.08
C ASN D 75 -12.73 46.73 -10.63
N LYS D 76 -13.89 46.73 -11.28
CA LYS D 76 -14.99 45.84 -10.95
C LYS D 76 -15.07 44.64 -11.88
N TYR D 77 -15.52 43.50 -11.34
CA TYR D 77 -15.57 42.21 -12.04
C TYR D 77 -16.83 41.46 -11.68
N ILE D 78 -17.45 40.82 -12.68
CA ILE D 78 -18.56 39.91 -12.43
C ILE D 78 -18.01 38.50 -12.21
N ASP D 79 -18.35 37.93 -11.05
CA ASP D 79 -17.87 36.64 -10.61
C ASP D 79 -18.69 35.48 -11.21
N LEU D 80 -18.12 34.77 -12.18
CA LEU D 80 -18.78 33.56 -12.72
C LEU D 80 -18.06 32.29 -12.22
N LEU D 81 -17.27 32.45 -11.16
CA LEU D 81 -16.51 31.33 -10.58
C LEU D 81 -17.00 31.02 -9.18
N ALA D 82 -17.40 32.09 -8.46
CA ALA D 82 -17.83 32.00 -7.05
C ALA D 82 -16.86 31.15 -6.21
N SER D 83 -15.57 31.36 -6.45
CA SER D 83 -14.47 30.68 -5.76
C SER D 83 -14.65 29.14 -5.73
N ALA D 84 -14.79 28.55 -6.92
CA ALA D 84 -15.04 27.13 -7.12
C ALA D 84 -16.39 26.67 -6.52
N SER D 85 -17.39 27.55 -6.61
CA SER D 85 -18.74 27.33 -6.09
C SER D 85 -18.80 27.26 -4.55
N ALA D 86 -17.90 28.00 -3.90
CA ALA D 86 -17.91 28.19 -2.45
C ALA D 86 -18.76 29.40 -2.08
N ILE D 87 -19.17 30.20 -3.06
CA ILE D 87 -19.88 31.46 -2.78
C ILE D 87 -21.32 31.45 -3.31
N ASN D 88 -22.10 30.42 -2.97
CA ASN D 88 -23.47 30.29 -3.51
C ASN D 88 -24.38 31.46 -3.13
N VAL D 89 -24.17 31.97 -1.92
CA VAL D 89 -25.01 33.00 -1.30
C VAL D 89 -24.47 34.41 -1.64
N GLY D 90 -23.42 34.47 -2.44
CA GLY D 90 -22.82 35.73 -2.86
C GLY D 90 -21.84 36.25 -1.82
N HIS D 91 -20.96 37.14 -2.24
CA HIS D 91 -19.90 37.65 -1.36
C HIS D 91 -20.43 38.56 -0.28
N THR D 92 -19.80 38.46 0.90
CA THR D 92 -20.13 39.23 2.10
C THR D 92 -21.62 39.50 2.28
N HIS D 93 -22.44 38.44 2.28
CA HIS D 93 -23.87 38.59 2.52
C HIS D 93 -24.10 39.17 3.91
N GLU D 94 -24.99 40.17 3.99
CA GLU D 94 -25.28 40.92 5.21
C GLU D 94 -25.61 40.03 6.41
N LYS D 95 -26.44 39.01 6.19
CA LYS D 95 -26.78 38.06 7.26
C LYS D 95 -25.58 37.23 7.73
N VAL D 96 -24.65 36.93 6.82
CA VAL D 96 -23.50 36.06 7.12
C VAL D 96 -22.42 36.86 7.89
N VAL D 97 -22.16 38.09 7.42
CA VAL D 97 -21.22 39.03 8.06
C VAL D 97 -21.62 39.27 9.51
N LYS D 98 -22.90 39.52 9.75
CA LYS D 98 -23.44 39.75 11.10
C LYS D 98 -23.28 38.52 11.99
N ALA D 99 -23.66 37.34 11.48
CA ALA D 99 -23.48 36.07 12.17
C ALA D 99 -22.02 35.84 12.60
N ILE D 100 -21.08 36.11 11.69
CA ILE D 100 -19.64 35.97 11.95
C ILE D 100 -19.19 36.95 13.05
N ALA D 101 -19.53 38.23 12.88
CA ALA D 101 -19.12 39.29 13.82
C ALA D 101 -19.75 39.11 15.19
N ASP D 102 -21.00 38.66 15.24
CA ASP D 102 -21.70 38.49 16.52
C ASP D 102 -21.19 37.31 17.31
N GLN D 103 -20.92 36.20 16.61
CA GLN D 103 -20.40 34.99 17.25
C GLN D 103 -18.99 35.18 17.80
N ALA D 104 -18.12 35.81 16.99
CA ALA D 104 -16.72 36.11 17.36
C ALA D 104 -16.62 36.84 18.68
N GLN D 105 -17.55 37.78 18.91
CA GLN D 105 -17.69 38.51 20.17
C GLN D 105 -17.97 37.63 21.40
N LYS D 106 -18.62 36.47 21.18
CA LYS D 106 -18.99 35.58 22.28
C LYS D 106 -17.97 34.45 22.48
N LEU D 107 -17.65 33.72 21.42
CA LEU D 107 -16.70 32.61 21.45
C LEU D 107 -16.12 32.41 20.06
N ILE D 108 -14.81 32.58 19.94
CA ILE D 108 -14.11 32.36 18.66
C ILE D 108 -14.01 30.87 18.40
N HIS D 109 -13.57 30.11 19.42
CA HIS D 109 -13.46 28.68 19.30
C HIS D 109 -13.44 27.93 20.63
N TYR D 110 -14.11 26.78 20.61
CA TYR D 110 -13.76 25.65 21.46
C TYR D 110 -14.02 24.38 20.68
N THR D 111 -13.12 23.41 20.81
CA THR D 111 -13.23 22.09 20.17
C THR D 111 -14.50 21.36 20.62
N PRO D 112 -15.45 21.13 19.67
CA PRO D 112 -16.74 20.47 19.98
C PRO D 112 -16.60 19.06 20.58
N ALA D 113 -15.46 18.40 20.33
CA ALA D 113 -15.14 17.10 20.94
C ALA D 113 -14.95 17.13 22.47
N TYR D 114 -14.70 18.31 23.03
CA TYR D 114 -14.65 18.47 24.48
C TYR D 114 -15.92 19.10 25.04
N PHE D 115 -16.28 20.27 24.51
CA PHE D 115 -17.50 20.98 24.93
C PHE D 115 -18.31 21.49 23.75
N HIS D 116 -19.63 21.32 23.86
CA HIS D 116 -20.57 21.78 22.85
C HIS D 116 -20.78 23.29 22.89
N HIS D 117 -21.11 23.86 21.74
CA HIS D 117 -21.63 25.21 21.67
C HIS D 117 -22.92 25.19 20.84
N VAL D 118 -23.77 26.17 21.09
CA VAL D 118 -25.10 26.27 20.49
C VAL D 118 -25.09 26.27 18.95
N PRO D 119 -24.24 27.11 18.29
CA PRO D 119 -24.25 27.09 16.81
C PRO D 119 -23.96 25.72 16.21
N GLY D 120 -22.97 25.00 16.74
CA GLY D 120 -22.61 23.66 16.31
C GLY D 120 -23.71 22.62 16.46
N MET D 121 -24.38 22.64 17.60
CA MET D 121 -25.51 21.73 17.86
C MET D 121 -26.70 22.03 16.94
N GLU D 122 -27.04 23.30 16.78
CA GLU D 122 -28.12 23.73 15.88
C GLU D 122 -27.83 23.37 14.40
N LEU D 123 -26.58 23.55 13.98
CA LEU D 123 -26.17 23.19 12.61
C LEU D 123 -26.21 21.69 12.35
N SER D 124 -25.73 20.92 13.32
CA SER D 124 -25.81 19.46 13.29
C SER D 124 -27.25 18.97 13.04
N GLU D 125 -28.19 19.48 13.83
CA GLU D 125 -29.65 19.24 13.65
C GLU D 125 -30.18 19.66 12.27
N LYS D 126 -29.84 20.86 11.84
CA LYS D 126 -30.33 21.41 10.57
C LYS D 126 -29.79 20.67 9.33
N LEU D 127 -28.51 20.31 9.36
CA LEU D 127 -27.90 19.54 8.28
C LEU D 127 -28.47 18.12 8.19
N ALA D 128 -28.71 17.49 9.35
CA ALA D 128 -29.37 16.19 9.39
C ALA D 128 -30.78 16.26 8.76
N LYS D 129 -31.49 17.36 8.99
CA LYS D 129 -32.83 17.59 8.47
C LYS D 129 -32.89 17.83 6.95
N ILE D 130 -32.00 18.67 6.42
CA ILE D 130 -32.06 19.08 4.99
C ILE D 130 -31.37 18.13 4.00
N ALA D 131 -30.63 17.15 4.51
CA ALA D 131 -29.96 16.12 3.72
C ALA D 131 -30.98 15.28 2.90
N PRO D 132 -30.57 14.74 1.72
CA PRO D 132 -31.54 14.01 0.91
C PRO D 132 -32.02 12.72 1.57
N GLY D 133 -33.27 12.36 1.29
CA GLY D 133 -33.89 11.16 1.82
C GLY D 133 -34.57 11.39 3.15
N ASN D 134 -35.34 10.41 3.59
CA ASN D 134 -36.10 10.52 4.83
C ASN D 134 -35.55 9.72 6.03
N SER D 135 -34.49 8.93 5.80
CA SER D 135 -33.82 8.17 6.87
C SER D 135 -33.10 9.11 7.85
N PRO D 136 -33.13 8.79 9.16
CA PRO D 136 -32.45 9.63 10.16
C PRO D 136 -30.92 9.63 9.96
N LYS D 137 -30.35 10.82 9.94
CA LYS D 137 -28.94 11.02 9.63
C LYS D 137 -28.12 11.41 10.87
N MET D 138 -26.82 11.08 10.85
CA MET D 138 -25.85 11.71 11.76
C MET D 138 -24.84 12.55 10.98
N VAL D 139 -24.32 13.59 11.64
CA VAL D 139 -23.34 14.46 11.01
C VAL D 139 -22.01 14.53 11.76
N SER D 140 -20.94 14.52 10.98
CA SER D 140 -19.56 14.61 11.45
C SER D 140 -18.95 15.79 10.72
N PHE D 141 -18.47 16.78 11.46
CA PHE D 141 -17.86 17.99 10.90
C PHE D 141 -16.38 17.82 10.59
N GLY D 142 -15.94 18.47 9.52
CA GLY D 142 -14.52 18.67 9.24
C GLY D 142 -14.26 20.11 8.86
N ASN D 143 -13.07 20.37 8.29
CA ASN D 143 -12.73 21.70 7.79
C ASN D 143 -12.83 21.83 6.28
N SER D 144 -12.62 20.73 5.58
CA SER D 144 -12.55 20.74 4.12
C SER D 144 -13.33 19.59 3.51
N GLY D 145 -13.72 19.77 2.24
CA GLY D 145 -14.26 18.68 1.42
C GLY D 145 -13.32 17.49 1.43
N SER D 146 -12.01 17.77 1.31
CA SER D 146 -10.96 16.74 1.33
C SER D 146 -11.11 15.82 2.52
N ASP D 147 -11.23 16.42 3.72
CA ASP D 147 -11.32 15.61 4.94
C ASP D 147 -12.64 14.88 5.12
N ALA D 148 -13.72 15.50 4.64
CA ALA D 148 -15.05 14.85 4.56
C ALA D 148 -14.99 13.61 3.65
N ASN D 149 -14.28 13.70 2.54
CA ASN D 149 -14.10 12.50 1.70
C ASN D 149 -13.20 11.43 2.33
N ASP D 150 -12.18 11.85 3.08
CA ASP D 150 -11.40 10.91 3.91
C ASP D 150 -12.28 10.16 4.91
N ALA D 151 -13.19 10.89 5.56
CA ALA D 151 -14.13 10.32 6.51
C ALA D 151 -15.06 9.28 5.88
N ILE D 152 -15.52 9.55 4.66
CA ILE D 152 -16.35 8.60 3.90
C ILE D 152 -15.65 7.24 3.75
N ILE D 153 -14.36 7.25 3.44
CA ILE D 153 -13.57 6.00 3.33
C ILE D 153 -13.58 5.26 4.67
N LYS D 154 -13.34 6.01 5.75
CA LYS D 154 -13.29 5.48 7.11
C LYS D 154 -14.61 4.86 7.55
N PHE D 155 -15.71 5.63 7.44
CA PHE D 155 -17.06 5.14 7.78
C PHE D 155 -17.47 3.92 6.98
N ALA D 156 -17.21 3.96 5.67
CA ALA D 156 -17.56 2.85 4.78
C ALA D 156 -16.79 1.60 5.14
N ARG D 157 -15.48 1.72 5.30
CA ARG D 157 -14.66 0.58 5.72
C ARG D 157 -15.06 0.04 7.10
N ALA D 158 -15.27 0.94 8.06
CA ALA D 158 -15.66 0.53 9.43
C ALA D 158 -17.03 -0.15 9.45
N TYR D 159 -17.99 0.39 8.72
CA TYR D 159 -19.36 -0.17 8.73
C TYR D 159 -19.42 -1.52 8.01
N THR D 160 -18.76 -1.62 6.86
CA THR D 160 -18.84 -2.84 6.07
C THR D 160 -17.85 -3.91 6.50
N GLY D 161 -16.74 -3.50 7.11
CA GLY D 161 -15.61 -4.43 7.36
C GLY D 161 -14.90 -4.86 6.08
N ARG D 162 -15.02 -4.04 5.02
CA ARG D 162 -14.39 -4.30 3.72
C ARG D 162 -13.36 -3.20 3.44
N GLN D 163 -12.47 -3.43 2.49
CA GLN D 163 -11.32 -2.53 2.23
C GLN D 163 -11.44 -1.63 1.00
N TYR D 164 -11.99 -2.18 -0.07
CA TYR D 164 -11.93 -1.52 -1.39
C TYR D 164 -12.89 -0.36 -1.50
N ILE D 165 -12.39 0.70 -2.13
CA ILE D 165 -13.21 1.85 -2.45
C ILE D 165 -13.16 2.00 -3.97
N VAL D 166 -14.32 2.23 -4.57
CA VAL D 166 -14.43 2.51 -6.00
C VAL D 166 -14.80 3.98 -6.17
N SER D 167 -14.06 4.66 -7.03
CA SER D 167 -14.35 6.03 -7.42
C SER D 167 -14.16 6.18 -8.93
N TYR D 168 -14.32 7.40 -9.44
CA TYR D 168 -14.37 7.60 -10.87
C TYR D 168 -13.18 8.36 -11.43
N MET D 169 -12.80 7.98 -12.65
CA MET D 169 -11.93 8.81 -13.48
C MET D 169 -12.65 10.11 -13.77
N GLY D 170 -11.91 11.20 -13.85
CA GLY D 170 -12.52 12.52 -14.02
C GLY D 170 -12.98 13.16 -12.70
N SER D 171 -13.01 12.38 -11.61
CA SER D 171 -13.54 12.85 -10.33
C SER D 171 -12.57 13.78 -9.62
N TYR D 172 -13.10 14.69 -8.80
CA TYR D 172 -12.24 15.41 -7.85
C TYR D 172 -12.80 15.33 -6.43
N HIS D 173 -12.01 14.83 -5.50
CA HIS D 173 -12.44 14.62 -4.11
C HIS D 173 -11.60 15.30 -3.02
N GLY D 174 -10.46 15.88 -3.40
CA GLY D 174 -9.62 16.64 -2.47
C GLY D 174 -8.13 16.35 -2.52
N SER D 175 -7.39 16.92 -1.58
CA SER D 175 -5.92 16.94 -1.60
C SER D 175 -5.26 16.28 -0.41
N THR D 176 -6.00 15.52 0.37
CA THR D 176 -5.40 14.71 1.43
C THR D 176 -5.15 13.32 0.84
N TYR D 177 -4.35 12.50 1.53
CA TYR D 177 -3.95 11.22 0.98
C TYR D 177 -5.07 10.23 0.67
N GLY D 178 -6.19 10.30 1.40
CA GLY D 178 -7.34 9.45 1.05
C GLY D 178 -8.12 10.00 -0.14
N SER D 179 -8.62 11.23 0.00
CA SER D 179 -9.40 11.93 -1.02
C SER D 179 -8.69 12.11 -2.35
N GLN D 180 -7.37 12.34 -2.31
CA GLN D 180 -6.61 12.49 -3.53
C GLN D 180 -6.32 11.18 -4.24
N THR D 181 -6.32 10.06 -3.51
CA THR D 181 -6.29 8.74 -4.14
C THR D 181 -7.59 8.50 -4.91
N LEU D 182 -8.71 8.84 -4.30
CA LEU D 182 -10.03 8.65 -4.92
C LEU D 182 -10.22 9.47 -6.20
N SER D 183 -9.56 10.64 -6.23
CA SER D 183 -9.68 11.59 -7.34
C SER D 183 -9.13 11.04 -8.66
N GLY D 184 -9.60 11.63 -9.76
CA GLY D 184 -9.23 11.21 -11.10
C GLY D 184 -9.23 12.32 -12.15
N SER D 185 -9.07 13.58 -11.74
CA SER D 185 -8.83 14.64 -12.73
C SER D 185 -7.34 14.81 -12.98
N SER D 186 -7.00 14.88 -14.26
CA SER D 186 -5.62 15.11 -14.73
C SER D 186 -4.97 16.30 -14.00
N LEU D 187 -5.78 17.33 -13.76
CA LEU D 187 -5.41 18.58 -13.08
C LEU D 187 -4.80 18.41 -11.69
N ASN D 188 -5.36 17.47 -10.90
CA ASN D 188 -4.98 17.26 -9.49
C ASN D 188 -4.29 15.92 -9.26
N MET D 189 -3.68 15.41 -10.33
CA MET D 189 -3.05 14.10 -10.26
C MET D 189 -1.79 14.07 -9.37
N THR D 190 -1.46 12.84 -8.98
CA THR D 190 -0.58 12.53 -7.87
C THR D 190 0.84 12.23 -8.30
N ARG D 191 1.35 13.06 -9.22
CA ARG D 191 2.77 13.02 -9.58
C ARG D 191 3.61 13.25 -8.34
N LYS D 192 4.69 12.47 -8.20
CA LYS D 192 5.76 12.67 -7.21
C LYS D 192 5.44 12.32 -5.74
N ILE D 193 4.18 12.03 -5.42
CA ILE D 193 3.72 11.92 -4.01
C ILE D 193 3.30 10.51 -3.55
N GLY D 194 3.37 9.53 -4.47
CA GLY D 194 3.01 8.14 -4.18
C GLY D 194 4.04 7.42 -3.31
N PRO D 195 3.75 6.20 -2.81
CA PRO D 195 2.49 5.48 -3.02
C PRO D 195 1.26 6.13 -2.36
N MET D 196 0.09 5.98 -3.00
CA MET D 196 -1.19 6.51 -2.49
C MET D 196 -1.90 5.48 -1.58
N LEU D 197 -3.14 5.75 -1.16
CA LEU D 197 -3.89 4.82 -0.29
C LEU D 197 -4.19 3.53 -1.05
N PRO D 198 -3.91 2.35 -0.44
CA PRO D 198 -4.17 1.08 -1.13
C PRO D 198 -5.65 0.76 -1.26
N SER D 199 -5.96 -0.18 -2.17
CA SER D 199 -7.28 -0.78 -2.35
C SER D 199 -8.33 0.21 -2.88
N VAL D 200 -7.92 1.00 -3.88
CA VAL D 200 -8.79 1.98 -4.57
C VAL D 200 -8.80 1.65 -6.07
N VAL D 201 -9.98 1.50 -6.64
CA VAL D 201 -10.13 1.18 -8.06
C VAL D 201 -10.89 2.33 -8.71
N HIS D 202 -10.44 2.76 -9.89
CA HIS D 202 -11.12 3.82 -10.64
C HIS D 202 -11.90 3.23 -11.83
N VAL D 203 -13.13 3.70 -12.01
CA VAL D 203 -13.96 3.28 -13.16
C VAL D 203 -14.33 4.52 -13.99
N PRO D 204 -14.65 4.34 -15.29
CA PRO D 204 -14.91 5.56 -16.07
C PRO D 204 -16.30 6.16 -15.82
N TYR D 205 -16.37 7.49 -15.83
CA TYR D 205 -17.62 8.22 -15.68
C TYR D 205 -18.27 8.42 -17.05
N PRO D 206 -19.59 8.17 -17.16
CA PRO D 206 -20.31 8.28 -18.42
C PRO D 206 -20.20 9.65 -19.09
N ASP D 207 -19.69 9.63 -20.31
CA ASP D 207 -19.49 10.80 -21.15
C ASP D 207 -20.61 10.72 -22.20
N SER D 208 -21.50 11.69 -22.18
CA SER D 208 -22.64 11.72 -23.10
C SER D 208 -22.38 12.59 -24.33
N TYR D 209 -21.17 13.14 -24.43
CA TYR D 209 -20.85 13.99 -25.57
C TYR D 209 -20.07 13.22 -26.67
N ARG D 210 -18.90 12.70 -26.32
CA ARG D 210 -18.08 11.94 -27.27
C ARG D 210 -18.48 10.48 -27.22
N THR D 211 -19.57 10.17 -27.92
CA THR D 211 -20.19 8.86 -27.95
C THR D 211 -19.92 8.20 -29.29
N TYR D 212 -20.15 6.88 -29.38
CA TYR D 212 -20.09 6.17 -30.65
C TYR D 212 -21.30 6.49 -31.54
N PRO D 213 -21.12 6.52 -32.88
CA PRO D 213 -22.22 6.90 -33.80
C PRO D 213 -23.50 6.09 -33.53
N GLY D 214 -24.63 6.80 -33.51
CA GLY D 214 -25.92 6.19 -33.23
C GLY D 214 -26.23 5.78 -31.80
N GLU D 215 -25.31 6.05 -30.85
CA GLU D 215 -25.56 5.69 -29.45
C GLU D 215 -26.62 6.60 -28.83
N THR D 216 -27.59 6.01 -28.16
CA THR D 216 -28.56 6.79 -27.39
C THR D 216 -28.08 6.91 -25.94
N GLU D 217 -28.80 7.69 -25.14
CA GLU D 217 -28.54 7.76 -23.71
C GLU D 217 -28.66 6.37 -23.08
N HIS D 218 -29.60 5.57 -23.60
CA HIS D 218 -29.75 4.19 -23.17
C HIS D 218 -28.47 3.39 -23.45
N ASP D 219 -27.95 3.48 -24.68
CA ASP D 219 -26.71 2.80 -25.06
C ASP D 219 -25.51 3.24 -24.22
N VAL D 220 -25.38 4.56 -24.03
CA VAL D 220 -24.34 5.14 -23.16
C VAL D 220 -24.43 4.55 -21.75
N SER D 221 -25.62 4.62 -21.13
CA SER D 221 -25.81 4.09 -19.78
C SER D 221 -25.36 2.64 -19.69
N LEU D 222 -25.73 1.83 -20.69
CA LEU D 222 -25.43 0.40 -20.68
C LEU D 222 -23.94 0.15 -20.87
N ARG D 223 -23.31 0.87 -21.81
CA ARG D 223 -21.88 0.70 -22.07
C ARG D 223 -21.04 1.02 -20.82
N TYR D 224 -21.30 2.16 -20.19
CA TYR D 224 -20.58 2.54 -18.98
C TYR D 224 -20.85 1.64 -17.78
N PHE D 225 -22.08 1.13 -17.67
CA PHE D 225 -22.37 0.17 -16.60
C PHE D 225 -21.67 -1.17 -16.82
N ASN D 226 -21.51 -1.58 -18.07
CA ASN D 226 -20.66 -2.71 -18.45
C ASN D 226 -19.17 -2.49 -18.08
N GLU D 227 -18.68 -1.26 -18.23
CA GLU D 227 -17.31 -0.94 -17.79
C GLU D 227 -17.16 -0.98 -16.27
N PHE D 228 -18.19 -0.49 -15.58
CA PHE D 228 -18.27 -0.50 -14.11
C PHE D 228 -18.18 -1.93 -13.56
N LYS D 229 -18.83 -2.87 -14.24
CA LYS D 229 -18.88 -4.25 -13.79
C LYS D 229 -17.57 -5.00 -14.05
N LYS D 230 -16.79 -4.56 -15.02
CA LYS D 230 -15.56 -5.28 -15.44
C LYS D 230 -14.54 -5.59 -14.33
N PRO D 231 -14.18 -4.60 -13.45
CA PRO D 231 -13.34 -4.99 -12.29
C PRO D 231 -14.02 -6.03 -11.38
N PHE D 232 -15.31 -5.88 -11.13
CA PHE D 232 -16.05 -6.85 -10.29
C PHE D 232 -16.15 -8.25 -10.91
N GLU D 233 -15.94 -8.35 -12.22
CA GLU D 233 -15.94 -9.64 -12.89
C GLU D 233 -14.53 -10.17 -13.17
N SER D 234 -13.51 -9.49 -12.62
CA SER D 234 -12.13 -9.90 -12.84
C SER D 234 -11.27 -10.04 -11.56
N PHE D 235 -10.93 -8.93 -10.92
CA PHE D 235 -9.98 -8.96 -9.81
C PHE D 235 -10.57 -8.32 -8.53
N LEU D 236 -11.68 -7.60 -8.67
CA LEU D 236 -12.26 -6.84 -7.57
C LEU D 236 -13.50 -7.56 -7.01
N PRO D 237 -13.39 -8.15 -5.81
CA PRO D 237 -14.57 -8.86 -5.29
C PRO D 237 -15.61 -7.87 -4.74
N ALA D 238 -16.82 -7.93 -5.29
CA ALA D 238 -17.95 -7.11 -4.82
C ALA D 238 -18.12 -7.16 -3.28
N ASP D 239 -17.99 -8.36 -2.72
CA ASP D 239 -18.11 -8.61 -1.27
C ASP D 239 -16.96 -8.03 -0.44
N GLU D 240 -15.93 -7.51 -1.11
CA GLU D 240 -14.86 -6.80 -0.42
C GLU D 240 -14.77 -5.32 -0.76
N THR D 241 -15.78 -4.79 -1.44
CA THR D 241 -15.82 -3.35 -1.71
C THR D 241 -16.73 -2.62 -0.73
N ALA D 242 -16.14 -1.67 -0.01
CA ALA D 242 -16.81 -1.00 1.07
C ALA D 242 -17.78 0.02 0.53
N CYS D 243 -17.40 0.64 -0.58
CA CYS D 243 -18.04 1.87 -1.02
C CYS D 243 -17.82 2.17 -2.50
N VAL D 244 -18.86 2.70 -3.15
CA VAL D 244 -18.71 3.43 -4.41
C VAL D 244 -18.96 4.91 -4.11
N LEU D 245 -18.00 5.78 -4.46
CA LEU D 245 -18.18 7.22 -4.30
C LEU D 245 -18.28 7.90 -5.67
N ILE D 246 -19.33 8.70 -5.85
CA ILE D 246 -19.62 9.33 -7.15
C ILE D 246 -20.04 10.77 -6.94
N GLU D 247 -19.66 11.64 -7.87
CA GLU D 247 -20.23 12.98 -7.95
C GLU D 247 -21.47 12.83 -8.83
N PRO D 248 -22.66 13.26 -8.34
CA PRO D 248 -23.87 13.13 -9.18
C PRO D 248 -23.76 13.93 -10.49
N ILE D 249 -23.15 15.11 -10.41
CA ILE D 249 -22.58 15.79 -11.58
C ILE D 249 -21.09 16.07 -11.27
N GLN D 250 -20.18 15.68 -12.16
CA GLN D 250 -18.74 15.94 -11.97
C GLN D 250 -18.43 17.41 -12.21
N GLY D 251 -17.89 18.07 -11.19
CA GLY D 251 -17.55 19.49 -11.25
C GLY D 251 -16.32 19.69 -12.08
N ASP D 252 -15.15 19.43 -11.47
CA ASP D 252 -13.85 19.58 -12.16
C ASP D 252 -13.72 18.75 -13.44
N GLY D 253 -14.53 17.69 -13.57
CA GLY D 253 -14.58 16.85 -14.78
C GLY D 253 -15.12 17.55 -16.03
N GLY D 254 -15.82 18.66 -15.84
CA GLY D 254 -16.37 19.45 -16.95
C GLY D 254 -17.88 19.71 -16.91
N ILE D 255 -18.48 19.62 -15.73
CA ILE D 255 -19.95 19.64 -15.54
C ILE D 255 -20.56 18.49 -16.37
N ILE D 256 -20.27 17.26 -15.94
CA ILE D 256 -20.73 16.04 -16.61
C ILE D 256 -21.73 15.33 -15.69
N LYS D 257 -22.95 15.13 -16.17
CA LYS D 257 -23.98 14.45 -15.40
C LYS D 257 -24.12 13.00 -15.86
N ALA D 258 -24.03 12.08 -14.92
CA ALA D 258 -24.41 10.69 -15.15
C ALA D 258 -25.89 10.62 -15.61
N PRO D 259 -26.17 9.85 -16.69
CA PRO D 259 -27.57 9.63 -17.07
C PRO D 259 -28.33 8.93 -15.96
N GLU D 260 -29.63 9.23 -15.88
CA GLU D 260 -30.56 8.63 -14.93
C GLU D 260 -30.40 7.11 -14.85
N GLU D 261 -30.43 6.44 -16.01
CA GLU D 261 -30.39 4.98 -16.05
C GLU D 261 -29.07 4.40 -15.56
N TYR D 262 -27.95 5.03 -15.93
CA TYR D 262 -26.64 4.62 -15.38
C TYR D 262 -26.63 4.70 -13.84
N MET D 263 -27.11 5.82 -13.30
CA MET D 263 -27.08 6.05 -11.87
C MET D 263 -27.93 5.02 -11.10
N GLN D 264 -29.14 4.74 -11.61
CA GLN D 264 -30.02 3.71 -11.03
C GLN D 264 -29.36 2.33 -11.01
N LEU D 265 -28.67 2.00 -12.09
CA LEU D 265 -27.99 0.70 -12.22
C LEU D 265 -26.86 0.53 -11.18
N VAL D 266 -26.09 1.61 -10.96
CA VAL D 266 -25.05 1.61 -9.91
C VAL D 266 -25.63 1.51 -8.48
N TYR D 267 -26.62 2.35 -8.20
CA TYR D 267 -27.33 2.37 -6.92
C TYR D 267 -27.88 0.99 -6.56
N LYS D 268 -28.51 0.34 -7.54
CA LYS D 268 -29.05 -1.00 -7.36
C LYS D 268 -27.94 -2.04 -7.14
N PHE D 269 -26.84 -1.93 -7.89
CA PHE D 269 -25.69 -2.83 -7.77
C PHE D 269 -25.11 -2.76 -6.36
N CYS D 270 -24.94 -1.54 -5.86
CA CYS D 270 -24.44 -1.33 -4.50
C CYS D 270 -25.34 -2.03 -3.45
N HIS D 271 -26.66 -1.78 -3.53
CA HIS D 271 -27.63 -2.40 -2.62
C HIS D 271 -27.62 -3.92 -2.68
N GLU D 272 -27.60 -4.49 -3.88
CA GLU D 272 -27.56 -5.95 -4.04
C GLU D 272 -26.30 -6.62 -3.49
N HIS D 273 -25.19 -5.87 -3.45
CA HIS D 273 -23.93 -6.45 -2.94
C HIS D 273 -23.50 -5.97 -1.55
N GLY D 274 -24.32 -5.10 -0.93
CA GLY D 274 -24.02 -4.55 0.41
C GLY D 274 -22.88 -3.52 0.38
N ILE D 275 -22.63 -2.94 -0.79
CA ILE D 275 -21.64 -1.87 -0.99
C ILE D 275 -22.36 -0.57 -0.70
N LEU D 276 -21.76 0.30 0.11
CA LEU D 276 -22.38 1.60 0.40
C LEU D 276 -22.28 2.49 -0.82
N PHE D 277 -23.32 3.29 -1.04
CA PHE D 277 -23.42 4.22 -2.13
C PHE D 277 -23.20 5.60 -1.51
N ALA D 278 -22.08 6.23 -1.85
CA ALA D 278 -21.73 7.54 -1.31
C ALA D 278 -21.67 8.59 -2.41
N ILE D 279 -21.97 9.83 -2.06
CA ILE D 279 -22.00 10.93 -3.02
C ILE D 279 -21.16 12.11 -2.52
N ASP D 280 -20.59 12.85 -3.46
CA ASP D 280 -19.79 14.01 -3.15
C ASP D 280 -20.61 15.21 -3.62
N GLU D 281 -21.14 15.97 -2.65
CA GLU D 281 -21.96 17.15 -2.96
C GLU D 281 -21.22 18.44 -2.60
N VAL D 282 -19.89 18.33 -2.49
CA VAL D 282 -19.03 19.48 -2.14
C VAL D 282 -19.12 20.62 -3.18
N ASN D 283 -19.10 20.29 -4.47
CA ASN D 283 -19.22 21.32 -5.53
C ASN D 283 -20.67 21.55 -5.97
N GLN D 284 -21.44 20.46 -6.01
CA GLN D 284 -22.74 20.48 -6.66
C GLN D 284 -23.94 20.65 -5.73
N GLY D 285 -23.67 20.67 -4.42
CA GLY D 285 -24.72 20.81 -3.41
C GLY D 285 -25.20 22.22 -3.15
N LEU D 286 -26.05 22.35 -2.13
CA LEU D 286 -26.53 23.63 -1.59
C LEU D 286 -27.17 24.55 -2.65
N GLY D 287 -28.00 23.95 -3.49
CA GLY D 287 -28.73 24.71 -4.48
C GLY D 287 -28.08 24.94 -5.82
N ARG D 288 -26.82 24.54 -5.97
CA ARG D 288 -26.09 24.75 -7.23
C ARG D 288 -26.84 24.22 -8.47
N THR D 289 -27.46 23.04 -8.36
CA THR D 289 -28.13 22.42 -9.52
C THR D 289 -29.59 22.85 -9.72
N GLY D 290 -30.13 23.66 -8.83
CA GLY D 290 -31.55 24.02 -8.92
C GLY D 290 -32.44 23.03 -8.18
N LYS D 291 -31.82 22.03 -7.53
CA LYS D 291 -32.40 21.29 -6.40
C LYS D 291 -31.45 21.53 -5.23
N MET D 292 -31.83 21.18 -4.01
CA MET D 292 -30.92 21.39 -2.86
C MET D 292 -29.61 20.62 -3.06
N TRP D 293 -29.74 19.39 -3.54
CA TRP D 293 -28.63 18.47 -3.75
C TRP D 293 -28.67 17.95 -5.17
N ALA D 294 -27.50 17.77 -5.77
CA ALA D 294 -27.39 17.21 -7.13
C ALA D 294 -28.04 15.84 -7.27
N ILE D 295 -27.96 15.02 -6.22
CA ILE D 295 -28.53 13.68 -6.25
C ILE D 295 -30.07 13.71 -6.36
N GLN D 296 -30.66 14.86 -6.05
CA GLN D 296 -32.10 15.05 -6.22
C GLN D 296 -32.55 15.22 -7.68
N GLN D 297 -31.60 15.48 -8.58
CA GLN D 297 -31.83 15.40 -10.04
C GLN D 297 -32.18 13.96 -10.54
N PHE D 298 -32.06 12.99 -9.65
CA PHE D 298 -32.29 11.57 -9.95
C PHE D 298 -33.49 11.09 -9.14
N LYS D 299 -34.12 10.00 -9.57
CA LYS D 299 -35.32 9.48 -8.92
C LYS D 299 -35.03 8.60 -7.70
N ASP D 300 -35.49 9.05 -6.52
CA ASP D 300 -35.51 8.24 -5.29
C ASP D 300 -34.19 7.58 -4.91
N ILE D 301 -33.15 8.39 -4.87
CA ILE D 301 -31.83 7.91 -4.45
C ILE D 301 -31.43 8.59 -3.15
N GLU D 302 -31.37 7.78 -2.09
CA GLU D 302 -30.83 8.20 -0.80
C GLU D 302 -29.43 7.62 -0.57
N PRO D 303 -28.40 8.49 -0.50
CA PRO D 303 -27.04 7.99 -0.25
C PRO D 303 -26.86 7.52 1.19
N ASP D 304 -26.02 6.51 1.37
CA ASP D 304 -25.59 6.07 2.70
C ASP D 304 -24.68 7.10 3.36
N LEU D 305 -23.91 7.81 2.51
CA LEU D 305 -22.91 8.77 2.95
C LEU D 305 -22.86 9.93 1.96
N MET D 306 -22.66 11.14 2.46
CA MET D 306 -22.60 12.33 1.60
C MET D 306 -21.60 13.34 2.16
N SER D 307 -20.74 13.88 1.30
CA SER D 307 -19.81 14.93 1.71
C SER D 307 -20.33 16.28 1.25
N VAL D 308 -20.14 17.27 2.12
CA VAL D 308 -20.70 18.62 1.97
C VAL D 308 -19.57 19.58 2.33
N GLY D 309 -19.44 20.67 1.58
CA GLY D 309 -18.43 21.67 1.89
C GLY D 309 -18.61 22.93 1.08
N LYS D 310 -17.46 23.53 0.74
CA LYS D 310 -17.34 24.75 -0.07
C LYS D 310 -18.32 25.86 0.33
N SER D 311 -19.55 25.81 -0.19
CA SER D 311 -20.56 26.84 0.11
C SER D 311 -21.19 26.77 1.50
N LEU D 312 -21.00 25.64 2.18
CA LEU D 312 -21.64 25.36 3.47
C LEU D 312 -21.61 26.51 4.46
N ALA D 313 -20.47 27.19 4.54
CA ALA D 313 -20.25 28.30 5.49
C ALA D 313 -19.75 29.56 4.79
N SER D 314 -20.17 29.75 3.53
CA SER D 314 -19.80 30.92 2.72
C SER D 314 -18.31 31.05 2.40
N GLY D 315 -17.57 29.93 2.46
CA GLY D 315 -16.13 29.95 2.22
C GLY D 315 -15.27 29.88 3.46
N MET D 316 -15.88 30.12 4.64
CA MET D 316 -15.28 29.79 5.93
C MET D 316 -15.05 28.28 5.93
N PRO D 317 -13.90 27.82 6.49
CA PRO D 317 -13.57 26.39 6.46
C PRO D 317 -14.48 25.59 7.36
N LEU D 318 -15.41 24.87 6.73
CA LEU D 318 -16.28 23.92 7.40
C LEU D 318 -16.75 22.91 6.38
N SER D 319 -16.79 21.65 6.78
CA SER D 319 -17.34 20.61 5.96
C SER D 319 -18.13 19.63 6.81
N ALA D 320 -18.85 18.71 6.16
CA ALA D 320 -19.59 17.69 6.86
C ALA D 320 -19.68 16.39 6.05
N VAL D 321 -19.67 15.29 6.79
CA VAL D 321 -20.14 14.00 6.31
C VAL D 321 -21.51 13.82 6.94
N ILE D 322 -22.52 13.66 6.09
CA ILE D 322 -23.87 13.36 6.56
C ILE D 322 -24.19 11.95 6.07
N GLY D 323 -24.57 11.09 7.02
CA GLY D 323 -24.84 9.70 6.71
C GLY D 323 -25.95 9.08 7.51
N LYS D 324 -26.45 7.94 7.02
CA LYS D 324 -27.39 7.12 7.74
C LYS D 324 -26.81 6.81 9.12
N LYS D 325 -27.68 6.95 10.13
CA LYS D 325 -27.37 6.72 11.56
C LYS D 325 -26.48 5.49 11.83
N GLU D 326 -26.89 4.33 11.31
CA GLU D 326 -26.16 3.06 11.49
C GLU D 326 -24.71 3.10 10.97
N VAL D 327 -24.52 3.71 9.79
CA VAL D 327 -23.22 3.80 9.16
C VAL D 327 -22.29 4.69 10.00
N MET D 328 -22.83 5.83 10.41
CA MET D 328 -22.10 6.81 11.24
C MET D 328 -21.74 6.31 12.64
N GLN D 329 -22.46 5.31 13.12
CA GLN D 329 -22.24 4.77 14.48
C GLN D 329 -21.10 3.74 14.53
N SER D 330 -20.59 3.34 13.37
CA SER D 330 -19.56 2.30 13.28
C SER D 330 -18.16 2.77 13.70
N LEU D 331 -17.98 4.09 13.77
CA LEU D 331 -16.74 4.72 14.18
C LEU D 331 -16.91 5.57 15.44
N ASP D 332 -15.80 5.77 16.15
CA ASP D 332 -15.80 6.50 17.42
C ASP D 332 -15.66 8.02 17.31
N ALA D 333 -14.55 8.49 16.70
CA ALA D 333 -13.92 9.82 17.01
C ALA D 333 -13.55 9.79 18.51
N PRO D 334 -12.28 9.53 18.89
CA PRO D 334 -11.00 9.86 18.20
C PRO D 334 -10.68 9.41 16.75
N ALA D 335 -11.40 8.42 16.22
CA ALA D 335 -11.19 7.92 14.84
C ALA D 335 -11.25 9.00 13.73
N HIS D 336 -12.04 10.05 13.96
CA HIS D 336 -12.17 11.16 13.01
C HIS D 336 -12.56 12.48 13.70
N LEU D 337 -11.52 13.27 14.01
CA LEU D 337 -11.67 14.54 14.72
C LEU D 337 -10.64 15.56 14.25
N PHE D 338 -11.09 16.80 14.02
CA PHE D 338 -10.19 17.92 13.79
C PHE D 338 -10.45 18.99 14.83
N THR D 339 -9.37 19.50 15.42
CA THR D 339 -9.43 20.50 16.49
C THR D 339 -10.35 21.68 16.14
N THR D 340 -10.21 22.25 14.95
CA THR D 340 -10.97 23.43 14.54
C THR D 340 -12.24 23.14 13.70
N ALA D 341 -12.59 21.86 13.52
CA ALA D 341 -13.81 21.47 12.79
C ALA D 341 -15.04 21.77 13.64
N GLY D 342 -16.08 22.28 12.99
CA GLY D 342 -17.30 22.68 13.69
C GLY D 342 -17.05 23.90 14.57
N ASN D 343 -16.13 24.74 14.14
CA ASN D 343 -15.80 25.99 14.82
C ASN D 343 -17.07 26.86 14.91
N PRO D 344 -17.35 27.49 16.09
CA PRO D 344 -18.61 28.22 16.27
C PRO D 344 -18.80 29.44 15.37
N VAL D 345 -17.73 30.16 15.04
CA VAL D 345 -17.81 31.28 14.08
C VAL D 345 -18.19 30.77 12.68
N CYS D 346 -17.54 29.67 12.28
CA CYS D 346 -17.83 28.99 11.02
C CYS D 346 -19.25 28.40 11.04
N SER D 347 -19.63 27.79 12.16
CA SER D 347 -20.98 27.22 12.32
C SER D 347 -22.10 28.28 12.23
N ALA D 348 -21.89 29.44 12.87
CA ALA D 348 -22.86 30.53 12.83
C ALA D 348 -23.00 31.07 11.41
N ALA D 349 -21.86 31.20 10.72
CA ALA D 349 -21.82 31.58 9.31
C ALA D 349 -22.62 30.63 8.44
N SER D 350 -22.53 29.33 8.75
CA SER D 350 -23.21 28.29 7.99
C SER D 350 -24.73 28.38 8.19
N LEU D 351 -25.15 28.50 9.45
CA LEU D 351 -26.55 28.70 9.82
C LEU D 351 -27.16 29.86 9.04
N ALA D 352 -26.43 30.97 8.97
CA ALA D 352 -26.87 32.13 8.19
C ALA D 352 -26.89 31.90 6.67
N THR D 353 -25.93 31.16 6.12
CA THR D 353 -25.96 30.94 4.66
C THR D 353 -27.14 30.00 4.27
N LEU D 354 -27.45 29.05 5.14
CA LEU D 354 -28.59 28.15 4.97
C LEU D 354 -29.91 28.92 5.03
N ASP D 355 -30.00 29.84 5.98
CA ASP D 355 -31.14 30.77 6.06
C ASP D 355 -31.34 31.58 4.80
N VAL D 356 -30.24 32.12 4.26
CA VAL D 356 -30.27 32.86 3.00
C VAL D 356 -30.75 31.99 1.83
N ILE D 357 -30.28 30.74 1.75
CA ILE D 357 -30.72 29.86 0.67
C ILE D 357 -32.26 29.70 0.72
N GLU D 358 -32.79 29.43 1.92
CA GLU D 358 -34.23 29.35 2.17
C GLU D 358 -34.98 30.68 1.90
N TYR D 359 -34.64 31.74 2.63
CA TYR D 359 -35.36 33.01 2.61
C TYR D 359 -35.37 33.69 1.23
N GLU D 360 -34.26 33.61 0.50
CA GLU D 360 -34.20 34.21 -0.83
C GLU D 360 -34.60 33.22 -1.94
N GLY D 361 -35.01 32.01 -1.57
CA GLY D 361 -35.39 30.97 -2.54
C GLY D 361 -34.32 30.71 -3.59
N LEU D 362 -33.10 30.44 -3.12
CA LEU D 362 -31.95 30.34 -4.00
C LEU D 362 -31.95 29.07 -4.86
N VAL D 363 -32.53 28.00 -4.32
CA VAL D 363 -32.71 26.75 -5.05
C VAL D 363 -33.53 27.01 -6.32
N GLU D 364 -34.72 27.59 -6.14
CA GLU D 364 -35.65 27.93 -7.23
C GLU D 364 -35.02 28.94 -8.20
N LYS D 365 -34.33 29.94 -7.64
CA LYS D 365 -33.62 30.93 -8.46
C LYS D 365 -32.54 30.27 -9.34
N SER D 366 -31.79 29.33 -8.76
CA SER D 366 -30.82 28.54 -9.53
C SER D 366 -31.47 27.76 -10.69
N ALA D 367 -32.58 27.06 -10.40
CA ALA D 367 -33.37 26.35 -11.43
C ALA D 367 -33.87 27.29 -12.55
N THR D 368 -34.40 28.45 -12.15
CA THR D 368 -34.93 29.44 -13.08
C THR D 368 -33.83 30.11 -13.95
N ASP D 369 -32.79 30.65 -13.31
CA ASP D 369 -31.65 31.25 -14.04
C ASP D 369 -30.84 30.22 -14.84
N GLY D 370 -30.74 29.01 -14.31
CA GLY D 370 -30.09 27.92 -15.01
C GLY D 370 -30.72 27.61 -16.34
N ALA D 371 -32.04 27.46 -16.35
CA ALA D 371 -32.80 27.21 -17.58
C ALA D 371 -32.68 28.40 -18.55
N TYR D 372 -32.71 29.61 -18.01
CA TYR D 372 -32.53 30.84 -18.82
C TYR D 372 -31.14 30.82 -19.49
N ALA D 373 -30.09 30.56 -18.68
CA ALA D 373 -28.72 30.55 -19.17
C ALA D 373 -28.52 29.44 -20.19
N LYS D 374 -29.13 28.27 -19.98
CA LYS D 374 -29.10 27.19 -20.97
C LYS D 374 -29.63 27.68 -22.32
N GLN D 375 -30.85 28.24 -22.30
CA GLN D 375 -31.48 28.80 -23.49
C GLN D 375 -30.55 29.81 -24.18
N ARG D 376 -30.00 30.74 -23.41
CA ARG D 376 -29.11 31.75 -23.95
C ARG D 376 -27.89 31.17 -24.65
N PHE D 377 -27.23 30.20 -24.03
CA PHE D 377 -26.04 29.55 -24.62
C PHE D 377 -26.39 28.67 -25.82
N LEU D 378 -27.57 28.03 -25.77
CA LEU D 378 -28.07 27.27 -26.91
C LEU D 378 -28.28 28.18 -28.12
N GLU D 379 -28.78 29.40 -27.89
CA GLU D 379 -28.96 30.38 -28.97
C GLU D 379 -27.58 30.82 -29.51
N MET D 380 -26.64 31.06 -28.60
CA MET D 380 -25.26 31.41 -28.97
C MET D 380 -24.64 30.29 -29.79
N GLN D 381 -24.92 29.04 -29.40
CA GLN D 381 -24.40 27.88 -30.12
C GLN D 381 -24.84 27.89 -31.59
N GLN D 382 -26.07 28.35 -31.83
CA GLN D 382 -26.61 28.46 -33.20
C GLN D 382 -25.80 29.41 -34.07
N ARG D 383 -25.20 30.43 -33.47
CA ARG D 383 -24.38 31.42 -34.21
C ARG D 383 -22.89 31.14 -34.16
N HIS D 384 -22.44 30.49 -33.09
CA HIS D 384 -21.02 30.14 -32.91
C HIS D 384 -20.80 28.63 -32.88
N PRO D 385 -20.51 28.00 -34.04
CA PRO D 385 -20.26 26.55 -34.08
C PRO D 385 -19.03 26.06 -33.31
N MET D 386 -18.24 26.97 -32.76
CA MET D 386 -17.14 26.62 -31.83
C MET D 386 -17.67 26.03 -30.52
N ILE D 387 -18.90 26.36 -30.14
CA ILE D 387 -19.57 25.73 -28.98
C ILE D 387 -20.06 24.34 -29.42
N GLY D 388 -19.36 23.31 -28.97
CA GLY D 388 -19.72 21.95 -29.30
C GLY D 388 -20.85 21.39 -28.44
N ASP D 389 -20.87 21.76 -27.17
CA ASP D 389 -21.85 21.20 -26.22
C ASP D 389 -22.16 22.23 -25.15
N VAL D 390 -23.45 22.39 -24.85
CA VAL D 390 -23.91 23.22 -23.75
C VAL D 390 -24.49 22.28 -22.71
N ARG D 391 -23.88 22.24 -21.53
CA ARG D 391 -24.37 21.40 -20.43
C ARG D 391 -24.74 22.32 -19.26
N MET D 392 -25.96 22.20 -18.77
CA MET D 392 -26.43 23.12 -17.73
C MET D 392 -27.51 22.46 -16.88
N TRP D 393 -27.26 22.32 -15.57
CA TRP D 393 -28.28 21.89 -14.60
C TRP D 393 -28.25 22.88 -13.42
N GLY D 394 -29.20 23.82 -13.40
CA GLY D 394 -29.13 25.01 -12.54
C GLY D 394 -28.14 26.03 -13.09
N LEU D 395 -27.78 27.04 -12.29
CA LEU D 395 -26.74 28.03 -12.66
C LEU D 395 -25.34 27.39 -12.59
N ASN D 396 -25.05 26.50 -13.54
CA ASN D 396 -24.08 25.44 -13.29
C ASN D 396 -23.86 24.77 -14.64
N GLY D 397 -22.90 25.32 -15.37
CA GLY D 397 -22.76 25.06 -16.80
C GLY D 397 -21.37 24.76 -17.26
N GLY D 398 -21.28 23.86 -18.22
CA GLY D 398 -20.03 23.56 -18.89
C GLY D 398 -20.23 23.85 -20.35
N ILE D 399 -19.53 24.87 -20.86
CA ILE D 399 -19.59 25.25 -22.27
C ILE D 399 -18.33 24.75 -22.97
N GLU D 400 -18.48 23.66 -23.71
CA GLU D 400 -17.35 22.95 -24.26
C GLU D 400 -17.04 23.41 -25.68
N LEU D 401 -15.80 23.87 -25.87
CA LEU D 401 -15.37 24.43 -27.13
C LEU D 401 -14.60 23.44 -27.96
N VAL D 402 -14.95 23.35 -29.24
CA VAL D 402 -14.35 22.36 -30.14
C VAL D 402 -13.90 22.99 -31.46
N LYS D 403 -12.97 22.32 -32.14
CA LYS D 403 -12.43 22.79 -33.44
C LYS D 403 -13.37 22.56 -34.62
N ASP D 404 -14.13 21.48 -34.56
CA ASP D 404 -15.09 21.11 -35.60
C ASP D 404 -16.29 20.41 -34.93
N PRO D 405 -17.54 20.73 -35.35
CA PRO D 405 -18.71 20.12 -34.73
C PRO D 405 -18.79 18.59 -34.84
N LYS D 406 -18.19 18.03 -35.89
CA LYS D 406 -18.24 16.56 -36.08
C LYS D 406 -17.11 15.77 -35.42
N THR D 407 -15.88 16.27 -35.54
CA THR D 407 -14.71 15.62 -34.90
C THR D 407 -14.69 15.82 -33.39
N LYS D 408 -15.33 16.89 -32.92
CA LYS D 408 -15.39 17.26 -31.47
C LYS D 408 -14.00 17.37 -30.83
N GLU D 409 -12.99 17.65 -31.66
CA GLU D 409 -11.62 17.85 -31.21
C GLU D 409 -11.60 19.07 -30.29
N PRO D 410 -11.07 18.91 -29.06
CA PRO D 410 -11.01 20.03 -28.11
C PRO D 410 -10.20 21.23 -28.63
N ASP D 411 -10.75 22.43 -28.45
CA ASP D 411 -10.08 23.68 -28.80
C ASP D 411 -9.71 24.44 -27.53
N SER D 412 -8.61 24.01 -26.90
CA SER D 412 -8.10 24.64 -25.68
C SER D 412 -7.65 26.08 -25.89
N ASP D 413 -7.12 26.36 -27.09
CA ASP D 413 -6.64 27.68 -27.45
C ASP D 413 -7.79 28.70 -27.50
N ALA D 414 -8.90 28.32 -28.14
CA ALA D 414 -10.09 29.16 -28.22
C ALA D 414 -10.70 29.43 -26.85
N ALA D 415 -10.64 28.42 -25.97
CA ALA D 415 -11.16 28.57 -24.61
C ALA D 415 -10.29 29.51 -23.79
N THR D 416 -8.96 29.37 -23.92
CA THR D 416 -8.00 30.31 -23.31
C THR D 416 -8.28 31.75 -23.74
N LYS D 417 -8.52 31.96 -25.05
CA LYS D 417 -8.78 33.29 -25.59
C LYS D 417 -10.10 33.92 -25.09
N VAL D 418 -11.13 33.09 -24.91
CA VAL D 418 -12.42 33.53 -24.33
C VAL D 418 -12.23 34.07 -22.91
N ILE D 419 -11.53 33.29 -22.07
CA ILE D 419 -11.10 33.64 -20.70
C ILE D 419 -10.43 35.03 -20.63
N TYR D 420 -9.43 35.25 -21.50
CA TYR D 420 -8.70 36.52 -21.61
C TYR D 420 -9.59 37.69 -21.97
N TYR D 421 -10.39 37.51 -23.01
CA TYR D 421 -11.37 38.52 -23.44
C TYR D 421 -12.32 38.90 -22.31
N ALA D 422 -12.90 37.89 -21.65
CA ALA D 422 -13.83 38.08 -20.54
C ALA D 422 -13.22 38.89 -19.41
N PHE D 423 -11.98 38.52 -19.05
CA PHE D 423 -11.22 39.17 -17.98
C PHE D 423 -10.94 40.63 -18.33
N ALA D 424 -10.43 40.86 -19.55
CA ALA D 424 -10.25 42.22 -20.10
C ALA D 424 -11.55 43.04 -20.16
N HIS D 425 -12.69 42.36 -20.14
CA HIS D 425 -14.00 43.05 -20.20
C HIS D 425 -14.84 42.92 -18.91
N GLY D 426 -14.17 42.71 -17.77
CA GLY D 426 -14.84 42.75 -16.45
C GLY D 426 -15.64 41.52 -16.02
N VAL D 427 -15.28 40.34 -16.54
CA VAL D 427 -15.89 39.10 -16.06
C VAL D 427 -14.87 37.99 -15.80
N VAL D 428 -15.03 37.37 -14.63
CA VAL D 428 -14.12 36.33 -14.15
C VAL D 428 -14.74 34.98 -14.45
N ILE D 429 -14.08 34.25 -15.35
CA ILE D 429 -14.47 32.88 -15.72
C ILE D 429 -13.19 32.06 -15.98
N ILE D 430 -13.23 30.77 -15.63
CA ILE D 430 -12.11 29.86 -15.85
C ILE D 430 -12.51 28.71 -16.77
N THR D 431 -11.51 27.93 -17.21
CA THR D 431 -11.75 26.72 -17.97
C THR D 431 -11.50 25.47 -17.11
N LEU D 432 -12.08 24.37 -17.57
CA LEU D 432 -11.77 23.02 -17.07
C LEU D 432 -11.38 22.16 -18.27
N ALA D 433 -10.47 21.20 -18.00
CA ALA D 433 -9.88 20.30 -19.00
C ALA D 433 -9.37 21.01 -20.27
N GLY D 434 -8.91 22.26 -20.12
CA GLY D 434 -8.42 23.07 -21.24
C GLY D 434 -9.48 23.76 -22.08
N ASN D 435 -10.52 23.03 -22.47
CA ASN D 435 -11.47 23.55 -23.46
C ASN D 435 -12.93 23.75 -23.01
N ILE D 436 -13.20 23.56 -21.72
CA ILE D 436 -14.57 23.71 -21.19
C ILE D 436 -14.66 24.96 -20.32
N LEU D 437 -15.50 25.91 -20.71
CA LEU D 437 -15.80 27.07 -19.87
C LEU D 437 -16.72 26.63 -18.74
N ARG D 438 -16.33 26.87 -17.49
CA ARG D 438 -17.23 26.58 -16.38
C ARG D 438 -17.98 27.81 -15.91
N PHE D 439 -19.27 27.61 -15.67
CA PHE D 439 -20.18 28.70 -15.43
C PHE D 439 -20.84 28.41 -14.10
N GLN D 440 -20.32 29.03 -13.06
CA GLN D 440 -20.84 28.85 -11.70
C GLN D 440 -20.87 30.17 -10.89
N PRO D 441 -21.70 31.14 -11.32
CA PRO D 441 -21.83 32.39 -10.55
C PRO D 441 -22.51 32.15 -9.20
N PRO D 442 -22.35 33.10 -8.24
CA PRO D 442 -23.21 33.09 -7.05
C PRO D 442 -24.67 33.01 -7.43
N LEU D 443 -25.45 32.28 -6.64
CA LEU D 443 -26.86 32.05 -6.95
C LEU D 443 -27.70 33.34 -6.87
N VAL D 444 -27.15 34.33 -6.17
CA VAL D 444 -27.79 35.63 -5.95
C VAL D 444 -27.54 36.61 -7.10
N ILE D 445 -26.78 36.22 -8.11
CA ILE D 445 -26.44 37.12 -9.23
C ILE D 445 -27.70 37.81 -9.81
N PRO D 446 -27.79 39.16 -9.73
CA PRO D 446 -28.97 39.85 -10.30
C PRO D 446 -29.05 39.60 -11.80
N ARG D 447 -30.28 39.51 -12.32
CA ARG D 447 -30.50 39.27 -13.75
C ARG D 447 -29.75 40.25 -14.66
N GLU D 448 -29.76 41.53 -14.29
CA GLU D 448 -29.03 42.58 -15.01
C GLU D 448 -27.53 42.24 -15.20
N GLN D 449 -26.89 41.77 -14.13
CA GLN D 449 -25.48 41.36 -14.15
C GLN D 449 -25.24 40.05 -14.92
N LEU D 450 -26.16 39.10 -14.76
CA LEU D 450 -26.11 37.85 -15.52
C LEU D 450 -26.15 38.12 -17.03
N ASP D 451 -27.06 39.02 -17.44
CA ASP D 451 -27.16 39.41 -18.84
C ASP D 451 -25.93 40.13 -19.36
N GLN D 452 -25.35 41.01 -18.52
CA GLN D 452 -24.07 41.66 -18.84
C GLN D 452 -22.98 40.63 -19.12
N ALA D 453 -22.83 39.67 -18.22
CA ALA D 453 -21.82 38.62 -18.35
C ALA D 453 -22.07 37.78 -19.61
N LEU D 454 -23.33 37.39 -19.81
CA LEU D 454 -23.72 36.60 -20.98
C LEU D 454 -23.40 37.31 -22.29
N GLN D 455 -23.63 38.63 -22.33
CA GLN D 455 -23.31 39.43 -23.51
C GLN D 455 -21.79 39.52 -23.74
N VAL D 456 -21.03 39.71 -22.67
CA VAL D 456 -19.56 39.68 -22.77
C VAL D 456 -19.07 38.32 -23.34
N LEU D 457 -19.68 37.23 -22.89
CA LEU D 457 -19.36 35.91 -23.41
C LEU D 457 -19.66 35.77 -24.92
N ASP D 458 -20.82 36.29 -25.33
CA ASP D 458 -21.25 36.30 -26.74
C ASP D 458 -20.22 37.05 -27.60
N ASP D 459 -19.80 38.23 -27.12
CA ASP D 459 -18.79 39.07 -27.79
C ASP D 459 -17.42 38.40 -27.84
N ALA D 460 -17.11 37.63 -26.79
CA ALA D 460 -15.85 36.86 -26.75
C ALA D 460 -15.79 35.83 -27.88
N PHE D 461 -16.89 35.10 -28.07
CA PHE D 461 -17.02 34.11 -29.14
C PHE D 461 -16.84 34.76 -30.51
N THR D 462 -17.45 35.93 -30.69
CA THR D 462 -17.32 36.73 -31.92
C THR D 462 -15.86 37.16 -32.19
N ALA D 463 -15.22 37.75 -31.18
CA ALA D 463 -13.82 38.17 -31.27
C ALA D 463 -12.85 37.01 -31.58
N VAL D 464 -13.08 35.86 -30.96
CA VAL D 464 -12.26 34.65 -31.19
C VAL D 464 -12.37 34.11 -32.62
N GLU D 465 -13.61 34.05 -33.15
CA GLU D 465 -13.86 33.67 -34.56
C GLU D 465 -13.10 34.56 -35.57
N ASN D 466 -12.99 35.84 -35.24
CA ASN D 466 -12.40 36.86 -36.11
C ASN D 466 -10.90 37.10 -35.87
N GLY D 467 -10.28 36.21 -35.10
CA GLY D 467 -8.84 36.27 -34.77
C GLY D 467 -8.39 37.52 -34.04
N GLU D 468 -9.31 38.14 -33.30
CA GLU D 468 -9.11 39.46 -32.66
C GLU D 468 -8.51 39.39 -31.24
N VAL D 469 -8.25 38.19 -30.73
CA VAL D 469 -7.67 38.00 -29.40
C VAL D 469 -6.31 37.32 -29.56
N THR D 470 -5.30 37.89 -28.91
CA THR D 470 -3.95 37.30 -28.88
C THR D 470 -3.42 37.09 -27.45
N ILE D 471 -2.84 35.93 -27.22
CA ILE D 471 -2.23 35.57 -25.93
C ILE D 471 -0.82 36.17 -25.88
N1 PLP E . 1.70 -16.72 -16.24
C2 PLP E . 0.93 -17.43 -17.11
C2A PLP E . 0.53 -16.88 -18.46
C3 PLP E . 0.49 -18.80 -16.73
O3 PLP E . -0.28 -19.56 -17.54
C4 PLP E . 0.91 -19.34 -15.41
C4A PLP E . 0.48 -20.70 -15.02
C5 PLP E . 1.74 -18.45 -14.56
C6 PLP E . 2.09 -17.18 -15.05
C5A PLP E . 2.23 -18.83 -13.19
O4P PLP E . 3.09 -19.97 -13.25
P PLP E . 3.45 -20.88 -11.97
O1P PLP E . 3.71 -19.89 -10.86
O2P PLP E . 2.21 -21.72 -11.79
O3P PLP E . 4.69 -21.61 -12.44
N1 PLP F . 13.57 -18.43 4.83
C2 PLP F . 14.80 -18.68 5.34
C2A PLP F . 14.98 -18.68 6.84
C3 PLP F . 15.92 -18.93 4.40
O3 PLP F . 17.18 -19.17 4.85
C4 PLP F . 15.64 -18.91 2.94
C4A PLP F . 16.73 -19.16 1.96
C5 PLP F . 14.24 -18.63 2.53
C6 PLP F . 13.28 -18.39 3.53
C5A PLP F . 13.78 -18.53 1.09
O4P PLP F . 13.99 -19.71 0.35
P PLP F . 14.19 -19.63 -1.25
O1P PLP F . 15.56 -19.04 -1.45
O2P PLP F . 14.09 -21.08 -1.63
O3P PLP F . 13.05 -18.77 -1.78
N1 PLP G . -0.25 17.58 15.45
C2 PLP G . -0.22 17.79 16.78
C2A PLP G . 1.08 17.68 17.54
C3 PLP G . -1.48 18.10 17.49
O3 PLP G . -1.50 18.31 18.83
C4 PLP G . -2.72 18.19 16.68
C4A PLP G . -4.01 18.50 17.37
C5 PLP G . -2.61 17.93 15.20
C6 PLP G . -1.35 17.63 14.68
C5A PLP G . -3.79 17.95 14.23
O4P PLP G . -4.49 19.19 14.21
P PLP G . -6.04 19.33 13.76
O1P PLP G . -6.21 20.80 13.54
O2P PLP G . -6.78 18.78 14.94
O3P PLP G . -6.17 18.49 12.52
N1 PLP H . -15.09 17.35 -3.83
C2 PLP H . -15.50 18.12 -4.88
C2A PLP H . -16.55 17.62 -5.86
C3 PLP H . -14.90 19.45 -5.04
O3 PLP H . -15.28 20.24 -6.07
C4 PLP H . -13.90 19.92 -4.06
C4A PLP H . -13.29 21.28 -4.21
C5 PLP H . -13.55 19.00 -2.95
C6 PLP H . -14.17 17.74 -2.92
C5A PLP H . -12.50 19.30 -1.90
O4P PLP H . -12.80 20.42 -1.08
P PLP H . -11.62 21.23 -0.33
O1P PLP H . -12.41 22.06 0.64
O2P PLP H . -10.95 21.99 -1.45
O3P PLP H . -10.77 20.17 0.36
#